data_6BYV
#
_entry.id   6BYV
#
loop_
_entity.id
_entity.type
_entity.pdbx_description
1 polymer 'Very low-density lipoprotein receptor'
2 non-polymer 'CALCIUM ION'
#
_entity_poly.entity_id   1
_entity_poly.type   'polypeptide(L)'
_entity_poly.pdbx_seq_one_letter_code
;KTCAESDFVCNNGQCVPSRWKCDGDPDCEDGSDESPEQCHMRTCRIHEISCGAHSTQCIPVSWRCDGENDCDSGEDEENC
GNITCSPDEFTCSSGRCISRNFVCNGQDDCSDGSDELDCAP
;
_entity_poly.pdbx_strand_id   A
#
# COMPACT_ATOMS: atom_id res chain seq x y z
N LYS A 1 27.46 7.15 23.53
CA LYS A 1 27.72 6.42 22.26
C LYS A 1 26.43 6.34 21.46
N THR A 2 25.62 7.38 21.55
CA THR A 2 24.35 7.43 20.82
C THR A 2 24.19 8.77 20.11
N CYS A 3 23.30 8.80 19.14
CA CYS A 3 23.05 10.02 18.37
C CYS A 3 22.80 11.22 19.30
N ALA A 4 22.83 12.42 18.73
CA ALA A 4 22.60 13.63 19.51
C ALA A 4 21.15 13.73 19.96
N GLU A 5 20.93 14.42 21.07
CA GLU A 5 19.59 14.56 21.64
C GLU A 5 18.49 14.81 20.57
N SER A 6 18.71 15.73 19.61
CA SER A 6 17.70 16.02 18.58
C SER A 6 17.60 14.93 17.50
N ASP A 7 18.28 13.82 17.70
CA ASP A 7 18.26 12.72 16.75
C ASP A 7 16.85 12.14 16.60
N PHE A 8 16.62 11.43 15.50
CA PHE A 8 15.29 10.79 15.27
C PHE A 8 15.45 9.29 15.47
N VAL A 9 14.60 8.69 16.29
CA VAL A 9 14.70 7.24 16.52
C VAL A 9 14.03 6.50 15.37
N CYS A 10 14.60 5.35 14.97
CA CYS A 10 13.99 4.57 13.88
C CYS A 10 13.16 3.43 14.47
N ASN A 11 12.30 2.85 13.65
CA ASN A 11 11.40 1.77 14.11
C ASN A 11 12.12 0.45 14.34
N ASN A 12 13.25 0.25 13.68
CA ASN A 12 13.98 -1.00 13.85
C ASN A 12 14.95 -0.89 15.04
N GLY A 13 14.70 0.06 15.94
CA GLY A 13 15.59 0.25 17.09
C GLY A 13 16.86 1.00 16.66
N GLN A 14 17.07 1.11 15.34
CA GLN A 14 18.23 1.80 14.83
C GLN A 14 18.14 3.29 15.11
N CYS A 15 19.28 3.98 15.06
CA CYS A 15 19.29 5.43 15.34
C CYS A 15 19.81 6.22 14.14
N VAL A 16 19.05 7.23 13.72
CA VAL A 16 19.47 8.08 12.60
C VAL A 16 19.23 9.57 12.90
N PRO A 17 20.29 10.35 13.02
CA PRO A 17 20.16 11.81 13.24
C PRO A 17 19.11 12.42 12.28
N SER A 18 18.54 13.56 12.69
CA SER A 18 17.48 14.25 11.94
C SER A 18 17.75 14.42 10.43
N ARG A 19 18.95 14.14 9.98
CA ARG A 19 19.28 14.36 8.57
C ARG A 19 19.01 13.16 7.65
N TRP A 20 18.44 12.07 8.17
CA TRP A 20 18.16 10.90 7.30
C TRP A 20 16.66 10.73 7.07
N LYS A 21 15.90 11.78 7.35
CA LYS A 21 14.43 11.83 7.18
C LYS A 21 14.01 11.22 5.82
N CYS A 22 12.65 11.06 5.59
CA CYS A 22 12.15 10.57 4.31
C CYS A 22 12.91 11.36 3.29
N ASP A 23 13.90 10.72 2.75
CA ASP A 23 14.78 11.35 1.78
C ASP A 23 15.31 10.28 0.86
N GLY A 24 14.65 9.13 0.85
CA GLY A 24 15.07 8.05 -0.02
C GLY A 24 16.25 7.28 0.53
N ASP A 25 16.64 7.52 1.78
CA ASP A 25 17.78 6.83 2.33
C ASP A 25 17.35 5.54 3.09
N PRO A 26 17.72 4.35 2.62
CA PRO A 26 17.39 3.01 3.24
C PRO A 26 18.02 2.77 4.63
N ASP A 27 18.48 3.83 5.28
CA ASP A 27 19.21 3.68 6.56
C ASP A 27 18.52 2.76 7.57
N CYS A 28 17.21 2.56 7.51
CA CYS A 28 16.57 1.65 8.46
C CYS A 28 16.39 0.29 7.79
N GLU A 29 16.91 -0.77 8.39
CA GLU A 29 16.81 -2.10 7.77
C GLU A 29 15.35 -2.47 7.48
N ASP A 30 14.41 -1.77 8.11
CA ASP A 30 13.00 -2.06 7.88
C ASP A 30 12.34 -1.01 6.97
N GLY A 31 13.14 -0.14 6.37
CA GLY A 31 12.62 0.89 5.46
C GLY A 31 11.61 1.84 6.11
N SER A 32 11.37 1.74 7.42
CA SER A 32 10.34 2.60 8.03
C SER A 32 10.88 3.91 8.65
N ASP A 33 12.09 4.35 8.28
CA ASP A 33 12.60 5.64 8.78
C ASP A 33 11.94 6.76 8.00
N GLU A 34 11.24 6.40 6.92
CA GLU A 34 10.58 7.38 6.08
C GLU A 34 9.04 7.19 6.10
N SER A 35 8.58 6.35 7.03
CA SER A 35 7.16 6.05 7.20
C SER A 35 6.52 7.01 8.20
N PRO A 36 5.21 6.99 8.29
CA PRO A 36 4.44 7.88 9.23
C PRO A 36 5.01 7.99 10.64
N GLU A 37 5.89 7.09 11.03
CA GLU A 37 6.47 7.13 12.37
C GLU A 37 7.52 8.25 12.49
N GLN A 38 8.43 8.31 11.53
CA GLN A 38 9.50 9.32 11.56
C GLN A 38 9.19 10.46 10.60
N CYS A 39 8.73 10.08 9.41
CA CYS A 39 8.36 11.06 8.39
C CYS A 39 6.90 11.42 8.60
N HIS A 40 6.47 11.47 9.88
CA HIS A 40 5.06 11.77 10.23
C HIS A 40 4.62 13.13 9.65
N MET A 41 4.52 13.20 8.33
CA MET A 41 4.12 14.41 7.63
C MET A 41 4.37 14.24 6.12
N ARG A 42 5.31 13.36 5.77
CA ARG A 42 5.63 13.13 4.37
C ARG A 42 5.85 11.63 4.05
N THR A 43 5.94 11.33 2.76
CA THR A 43 6.10 9.96 2.28
C THR A 43 7.57 9.59 2.00
N CYS A 44 7.85 8.30 2.11
CA CYS A 44 9.17 7.72 1.82
C CYS A 44 9.60 8.13 0.39
N ARG A 45 10.73 7.65 -0.14
CA ARG A 45 11.14 8.00 -1.51
C ARG A 45 11.94 6.83 -2.10
N ILE A 46 11.56 6.33 -3.28
CA ILE A 46 12.28 5.16 -3.85
C ILE A 46 11.98 3.95 -2.97
N HIS A 47 11.69 2.81 -3.59
CA HIS A 47 11.32 1.62 -2.83
C HIS A 47 9.97 1.81 -2.12
N GLU A 48 9.36 2.99 -2.36
CA GLU A 48 8.06 3.34 -1.81
C GLU A 48 7.65 4.65 -2.50
N ILE A 49 6.43 4.71 -3.02
CA ILE A 49 6.02 5.87 -3.79
C ILE A 49 5.18 6.81 -2.92
N SER A 50 4.81 7.93 -3.50
CA SER A 50 4.01 8.94 -2.85
C SER A 50 2.54 8.75 -3.20
N CYS A 51 1.69 8.73 -2.19
CA CYS A 51 0.25 8.62 -2.42
C CYS A 51 -0.42 9.91 -1.98
N GLY A 52 0.26 10.68 -1.11
CA GLY A 52 -0.31 11.92 -0.63
C GLY A 52 0.73 12.97 -0.23
N ALA A 53 0.91 14.01 -1.06
CA ALA A 53 1.81 15.08 -0.71
C ALA A 53 1.11 15.95 0.36
N HIS A 54 -0.18 15.64 0.61
CA HIS A 54 -0.95 16.36 1.62
C HIS A 54 -1.01 15.60 2.98
N SER A 55 -0.56 14.34 3.02
CA SER A 55 -0.60 13.53 4.23
C SER A 55 0.63 12.62 4.26
N THR A 56 0.72 11.76 5.26
CA THR A 56 1.83 10.83 5.35
C THR A 56 1.37 9.50 4.77
N GLN A 57 1.73 9.19 3.53
CA GLN A 57 1.38 7.88 3.01
C GLN A 57 2.33 7.42 1.91
N CYS A 58 3.19 6.48 2.24
CA CYS A 58 4.09 5.88 1.27
C CYS A 58 3.89 4.37 1.25
N ILE A 59 3.93 3.76 0.07
CA ILE A 59 3.77 2.31 -0.03
C ILE A 59 4.66 1.79 -1.15
N PRO A 60 4.98 0.53 -1.14
CA PRO A 60 5.87 -0.07 -2.18
C PRO A 60 5.19 -0.21 -3.55
N VAL A 61 5.79 0.43 -4.56
CA VAL A 61 5.27 0.44 -5.94
C VAL A 61 4.67 -0.91 -6.41
N SER A 62 5.00 -2.00 -5.75
CA SER A 62 4.45 -3.29 -6.15
C SER A 62 2.91 -3.30 -6.27
N TRP A 63 2.21 -2.25 -5.80
CA TRP A 63 0.74 -2.25 -5.88
C TRP A 63 0.24 -1.46 -7.11
N ARG A 64 1.11 -1.30 -8.06
CA ARG A 64 0.73 -0.63 -9.25
C ARG A 64 0.30 -1.75 -10.19
N CYS A 65 -0.97 -2.13 -10.07
CA CYS A 65 -1.50 -3.22 -10.90
C CYS A 65 -2.00 -2.67 -12.24
N ASP A 66 -2.10 -1.35 -12.34
CA ASP A 66 -2.53 -0.71 -13.57
C ASP A 66 -1.36 0.11 -14.15
N GLY A 67 -0.20 0.01 -13.50
CA GLY A 67 1.00 0.76 -13.94
C GLY A 67 1.07 2.11 -13.22
N GLU A 68 0.38 2.24 -12.09
CA GLU A 68 0.40 3.47 -11.31
C GLU A 68 0.05 3.16 -9.84
N ASN A 69 0.44 3.99 -8.83
CA ASN A 69 -0.06 3.73 -7.47
C ASN A 69 -1.10 4.80 -7.25
N ASP A 70 -2.29 4.43 -6.84
CA ASP A 70 -3.33 5.43 -6.65
C ASP A 70 -3.83 5.46 -5.22
N CYS A 71 -3.11 4.74 -4.35
CA CYS A 71 -3.48 4.56 -2.97
C CYS A 71 -3.60 5.85 -2.15
N ASP A 72 -4.08 6.99 -2.68
CA ASP A 72 -4.17 8.20 -1.84
C ASP A 72 -4.65 7.76 -0.45
N SER A 73 -5.78 7.06 -0.43
CA SER A 73 -6.33 6.54 0.81
C SER A 73 -6.34 5.00 0.78
N GLY A 74 -5.32 4.39 0.15
CA GLY A 74 -5.20 2.93 0.06
C GLY A 74 -6.42 2.26 -0.59
N GLU A 75 -7.18 3.03 -1.35
CA GLU A 75 -8.38 2.49 -1.99
C GLU A 75 -8.15 1.73 -3.32
N ASP A 76 -7.27 2.20 -4.20
CA ASP A 76 -7.13 1.52 -5.51
C ASP A 76 -6.44 0.17 -5.45
N GLU A 77 -5.50 -0.04 -4.54
CA GLU A 77 -4.76 -1.31 -4.57
C GLU A 77 -4.56 -1.99 -3.25
N GLU A 78 -5.29 -1.63 -2.22
CA GLU A 78 -5.06 -2.31 -0.96
C GLU A 78 -5.17 -3.79 -1.20
N ASN A 79 -4.15 -4.55 -0.79
CA ASN A 79 -4.09 -5.97 -1.04
C ASN A 79 -4.39 -6.28 -2.49
N CYS A 80 -3.69 -5.60 -3.39
CA CYS A 80 -3.89 -5.84 -4.83
C CYS A 80 -3.10 -7.06 -5.30
N GLY A 81 -2.10 -7.49 -4.52
CA GLY A 81 -1.29 -8.64 -4.90
C GLY A 81 -2.09 -9.93 -4.83
N ASN A 82 -2.28 -10.42 -3.61
CA ASN A 82 -3.02 -11.62 -3.41
C ASN A 82 -4.41 -11.52 -4.05
N ILE A 83 -5.37 -11.14 -3.25
CA ILE A 83 -6.75 -10.98 -3.68
C ILE A 83 -7.18 -9.54 -3.55
N THR A 84 -7.88 -9.02 -4.55
CA THR A 84 -8.35 -7.65 -4.47
C THR A 84 -9.65 -7.61 -3.68
N CYS A 85 -9.54 -7.14 -2.47
CA CYS A 85 -10.67 -6.99 -1.59
C CYS A 85 -11.19 -5.59 -1.70
N SER A 86 -12.27 -5.29 -1.01
CA SER A 86 -12.79 -3.96 -1.05
C SER A 86 -12.20 -3.21 0.12
N PRO A 87 -11.51 -2.11 -0.09
CA PRO A 87 -10.91 -1.31 1.01
C PRO A 87 -11.82 -1.15 2.26
N ASP A 88 -13.11 -1.45 2.13
CA ASP A 88 -14.02 -1.34 3.27
C ASP A 88 -14.06 -2.65 4.07
N GLU A 89 -13.18 -3.59 3.74
CA GLU A 89 -13.12 -4.87 4.41
C GLU A 89 -11.79 -4.99 5.17
N PHE A 90 -11.66 -6.03 5.99
CA PHE A 90 -10.43 -6.20 6.75
C PHE A 90 -9.39 -7.00 5.97
N THR A 91 -8.40 -6.30 5.45
CA THR A 91 -7.33 -6.92 4.70
C THR A 91 -6.70 -8.06 5.48
N CYS A 92 -6.64 -9.24 4.87
CA CYS A 92 -6.06 -10.39 5.53
C CYS A 92 -4.57 -10.52 5.16
N SER A 93 -3.74 -11.17 6.00
CA SER A 93 -2.33 -11.28 5.67
C SER A 93 -2.16 -12.00 4.32
N SER A 94 -3.20 -12.72 3.90
CA SER A 94 -3.17 -13.44 2.65
C SER A 94 -3.91 -12.65 1.57
N GLY A 95 -4.37 -11.44 1.91
CA GLY A 95 -5.09 -10.60 0.97
C GLY A 95 -6.62 -10.73 1.11
N ARG A 96 -7.07 -11.82 1.71
CA ARG A 96 -8.50 -12.08 1.88
C ARG A 96 -9.20 -11.00 2.69
N CYS A 97 -10.52 -10.94 2.51
CA CYS A 97 -11.34 -9.95 3.21
C CYS A 97 -12.44 -10.58 4.06
N ILE A 98 -12.58 -10.04 5.27
CA ILE A 98 -13.61 -10.45 6.21
C ILE A 98 -14.20 -9.19 6.80
N SER A 99 -15.15 -9.32 7.73
CA SER A 99 -15.75 -8.14 8.30
C SER A 99 -14.77 -7.46 9.23
N ARG A 100 -14.80 -6.12 9.28
CA ARG A 100 -13.90 -5.37 10.15
C ARG A 100 -14.07 -5.74 11.62
N ASN A 101 -15.07 -6.53 11.90
CA ASN A 101 -15.33 -6.98 13.27
C ASN A 101 -14.30 -8.03 13.65
N PHE A 102 -13.63 -8.59 12.67
CA PHE A 102 -12.63 -9.60 12.96
C PHE A 102 -11.25 -8.97 13.03
N VAL A 103 -11.20 -7.64 12.91
CA VAL A 103 -9.94 -6.92 13.02
C VAL A 103 -9.34 -7.37 14.33
N CYS A 104 -8.02 -7.62 14.35
CA CYS A 104 -7.36 -8.17 15.51
C CYS A 104 -8.04 -7.76 16.78
N ASN A 105 -8.84 -8.70 17.22
CA ASN A 105 -9.55 -8.60 18.48
C ASN A 105 -8.87 -9.57 19.41
N GLY A 106 -7.56 -9.70 19.18
CA GLY A 106 -6.74 -10.59 19.99
C GLY A 106 -7.07 -12.06 19.72
N GLN A 107 -7.95 -12.32 18.74
CA GLN A 107 -8.32 -13.69 18.44
C GLN A 107 -8.18 -13.99 16.92
N ASP A 108 -7.54 -15.12 16.57
CA ASP A 108 -7.37 -15.52 15.14
C ASP A 108 -8.73 -15.57 14.47
N ASP A 109 -8.80 -15.48 13.13
CA ASP A 109 -10.09 -15.56 12.48
C ASP A 109 -9.96 -15.67 10.96
N CYS A 110 -9.26 -14.74 10.31
CA CYS A 110 -9.24 -14.80 8.84
C CYS A 110 -8.70 -16.12 8.34
N SER A 111 -7.38 -16.33 8.42
CA SER A 111 -6.84 -17.61 7.99
C SER A 111 -6.40 -18.48 9.17
N ASP A 112 -5.40 -17.96 9.88
CA ASP A 112 -4.78 -18.68 11.01
C ASP A 112 -4.45 -17.84 12.26
N GLY A 113 -4.19 -16.55 12.10
CA GLY A 113 -3.80 -15.70 13.23
C GLY A 113 -3.07 -14.46 12.71
N SER A 114 -2.52 -14.56 11.49
CA SER A 114 -1.82 -13.43 10.86
C SER A 114 -2.70 -12.19 10.95
N ASP A 115 -4.01 -12.41 11.03
CA ASP A 115 -4.97 -11.30 11.17
C ASP A 115 -4.59 -10.37 12.34
N GLU A 116 -3.68 -10.82 13.20
CA GLU A 116 -3.25 -10.04 14.34
C GLU A 116 -1.75 -9.97 14.39
N LEU A 117 -1.08 -10.39 13.31
CA LEU A 117 0.34 -10.37 13.31
C LEU A 117 0.79 -9.00 13.74
N ASP A 118 1.33 -9.01 14.90
CA ASP A 118 1.82 -7.81 15.55
C ASP A 118 0.80 -6.68 15.47
N CYS A 119 -0.44 -6.96 15.83
CA CYS A 119 -1.48 -5.94 15.80
C CYS A 119 -1.53 -5.18 17.12
N ALA A 120 -0.36 -4.81 17.62
CA ALA A 120 -0.27 -4.08 18.89
C ALA A 120 -0.34 -2.58 18.63
N PRO A 121 -0.57 -1.80 19.66
CA PRO A 121 -0.67 -0.33 19.55
C PRO A 121 0.48 0.26 18.74
N LYS A 1 15.81 15.59 18.99
CA LYS A 1 15.16 16.92 18.82
C LYS A 1 13.65 16.75 18.87
N THR A 2 12.95 17.84 19.18
CA THR A 2 11.50 17.81 19.25
C THR A 2 10.89 18.92 18.40
N CYS A 3 9.67 18.68 17.92
CA CYS A 3 8.99 19.66 17.09
C CYS A 3 8.33 20.74 17.94
N ALA A 4 7.90 21.82 17.31
CA ALA A 4 7.26 22.93 18.03
C ALA A 4 5.78 22.63 18.19
N GLU A 5 5.19 23.16 19.25
CA GLU A 5 3.76 22.93 19.53
C GLU A 5 2.86 22.99 18.26
N SER A 6 3.07 23.98 17.37
CA SER A 6 2.23 24.10 16.17
C SER A 6 2.61 23.11 15.07
N ASP A 7 3.45 22.12 15.40
CA ASP A 7 3.88 21.13 14.43
C ASP A 7 2.85 20.00 14.37
N PHE A 8 2.65 19.39 13.19
CA PHE A 8 1.63 18.31 13.07
C PHE A 8 2.10 17.03 13.76
N VAL A 9 1.17 16.31 14.42
CA VAL A 9 1.52 15.06 15.07
C VAL A 9 1.37 13.91 14.07
N CYS A 10 2.24 12.90 14.15
CA CYS A 10 2.13 11.77 13.21
C CYS A 10 1.57 10.56 13.95
N ASN A 11 1.13 9.56 13.20
CA ASN A 11 0.50 8.36 13.78
C ASN A 11 1.49 7.44 14.50
N ASN A 12 2.74 7.50 14.09
CA ASN A 12 3.74 6.64 14.71
C ASN A 12 4.31 7.31 15.97
N GLY A 13 3.59 8.28 16.53
CA GLY A 13 4.08 8.99 17.71
C GLY A 13 5.13 10.04 17.28
N GLN A 14 5.59 9.95 16.02
CA GLN A 14 6.56 10.88 15.50
C GLN A 14 5.94 12.26 15.26
N CYS A 15 6.78 13.29 15.28
CA CYS A 15 6.30 14.65 15.05
C CYS A 15 7.00 15.31 13.86
N VAL A 16 6.22 15.86 12.93
CA VAL A 16 6.80 16.57 11.79
C VAL A 16 6.24 17.99 11.67
N PRO A 17 7.10 18.99 11.68
CA PRO A 17 6.66 20.40 11.51
C PRO A 17 5.65 20.52 10.37
N SER A 18 4.79 21.52 10.46
CA SER A 18 3.71 21.74 9.47
C SER A 18 4.17 21.70 8.01
N ARG A 19 5.46 21.68 7.76
CA ARG A 19 5.96 21.72 6.38
C ARG A 19 6.19 20.34 5.74
N TRP A 20 5.86 19.23 6.42
CA TRP A 20 6.10 17.91 5.81
C TRP A 20 4.80 17.24 5.31
N LYS A 21 3.77 18.04 5.12
CA LYS A 21 2.45 17.60 4.62
C LYS A 21 2.57 16.60 3.45
N CYS A 22 1.42 15.99 3.01
CA CYS A 22 1.38 15.07 1.90
C CYS A 22 2.22 15.75 0.83
N ASP A 23 3.42 15.28 0.72
CA ASP A 23 4.37 15.83 -0.22
C ASP A 23 5.37 14.76 -0.58
N GLY A 24 5.00 13.51 -0.34
CA GLY A 24 5.90 12.41 -0.68
C GLY A 24 7.08 12.29 0.27
N ASP A 25 7.03 12.99 1.39
CA ASP A 25 8.12 12.91 2.32
C ASP A 25 7.87 11.73 3.31
N PRO A 26 8.69 10.66 3.25
CA PRO A 26 8.58 9.41 4.11
C PRO A 26 8.86 9.64 5.60
N ASP A 27 8.79 10.89 6.03
CA ASP A 27 9.15 11.26 7.41
C ASP A 27 8.48 10.39 8.48
N CYS A 28 7.31 9.82 8.23
CA CYS A 28 6.69 8.99 9.24
C CYS A 28 7.05 7.53 8.94
N GLU A 29 7.66 6.84 9.90
CA GLU A 29 8.08 5.45 9.67
C GLU A 29 6.90 4.57 9.24
N ASP A 30 5.68 5.06 9.44
CA ASP A 30 4.51 4.28 9.07
C ASP A 30 3.84 4.84 7.80
N GLY A 31 4.49 5.80 7.14
CA GLY A 31 3.96 6.38 5.90
C GLY A 31 2.61 7.09 6.07
N SER A 32 2.09 7.21 7.30
CA SER A 32 0.75 7.81 7.44
C SER A 32 0.75 9.32 7.77
N ASP A 33 1.86 10.04 7.52
CA ASP A 33 1.87 11.49 7.72
C ASP A 33 1.14 12.14 6.54
N GLU A 34 0.88 11.35 5.49
CA GLU A 34 0.21 11.85 4.31
C GLU A 34 -1.14 11.13 4.14
N SER A 35 -1.57 10.42 5.19
CA SER A 35 -2.82 9.65 5.20
C SER A 35 -4.01 10.45 5.70
N PRO A 36 -5.21 9.92 5.52
CA PRO A 36 -6.49 10.57 5.96
C PRO A 36 -6.47 11.11 7.39
N GLU A 37 -5.51 10.71 8.19
CA GLU A 37 -5.44 11.17 9.58
C GLU A 37 -4.84 12.57 9.69
N GLN A 38 -3.73 12.81 9.01
CA GLN A 38 -3.05 14.11 9.09
C GLN A 38 -3.33 14.94 7.85
N CYS A 39 -3.29 14.27 6.72
CA CYS A 39 -3.54 14.93 5.44
C CYS A 39 -5.01 14.88 5.12
N HIS A 40 -5.86 14.88 6.17
CA HIS A 40 -7.31 14.81 6.02
C HIS A 40 -7.85 15.88 5.05
N MET A 41 -7.56 15.70 3.77
CA MET A 41 -7.99 16.63 2.71
C MET A 41 -7.20 16.35 1.43
N ARG A 42 -5.93 15.99 1.58
CA ARG A 42 -5.07 15.71 0.43
C ARG A 42 -4.46 14.30 0.46
N THR A 43 -4.11 13.82 -0.72
CA THR A 43 -3.53 12.49 -0.90
C THR A 43 -1.99 12.51 -0.77
N CYS A 44 -1.43 11.36 -0.39
CA CYS A 44 0.01 11.17 -0.27
C CYS A 44 0.65 11.49 -1.66
N ARG A 45 1.97 11.37 -1.86
CA ARG A 45 2.55 11.69 -3.20
C ARG A 45 3.83 10.88 -3.50
N ILE A 46 3.91 10.20 -4.67
CA ILE A 46 5.13 9.41 -5.04
C ILE A 46 5.17 8.08 -4.29
N HIS A 47 5.37 8.13 -2.98
CA HIS A 47 5.40 6.89 -2.17
C HIS A 47 3.97 6.34 -1.97
N GLU A 48 3.04 6.81 -2.80
CA GLU A 48 1.64 6.41 -2.80
C GLU A 48 0.98 7.27 -3.89
N ILE A 49 -0.07 6.79 -4.54
CA ILE A 49 -0.63 7.55 -5.68
C ILE A 49 -1.81 8.41 -5.25
N SER A 50 -2.29 9.19 -6.21
CA SER A 50 -3.40 10.09 -5.99
C SER A 50 -4.69 9.49 -6.54
N CYS A 51 -5.74 9.51 -5.74
CA CYS A 51 -7.04 9.02 -6.20
C CYS A 51 -7.88 10.24 -6.60
N GLY A 52 -7.53 11.42 -6.05
CA GLY A 52 -8.26 12.64 -6.36
C GLY A 52 -7.88 13.80 -5.44
N ALA A 53 -7.78 15.00 -6.00
CA ALA A 53 -7.48 16.19 -5.22
C ALA A 53 -8.75 16.71 -4.55
N HIS A 54 -9.86 16.00 -4.76
CA HIS A 54 -11.12 16.46 -4.14
C HIS A 54 -11.34 15.90 -2.72
N SER A 55 -10.65 14.82 -2.32
CA SER A 55 -10.81 14.22 -1.02
C SER A 55 -9.47 13.66 -0.54
N THR A 56 -9.45 13.01 0.61
CA THR A 56 -8.23 12.40 1.10
C THR A 56 -8.24 10.96 0.65
N GLN A 57 -7.55 10.63 -0.42
CA GLN A 57 -7.51 9.24 -0.82
C GLN A 57 -6.24 8.90 -1.61
N CYS A 58 -5.31 8.24 -0.95
CA CYS A 58 -4.07 7.80 -1.59
C CYS A 58 -3.90 6.28 -1.39
N ILE A 59 -3.32 5.61 -2.39
CA ILE A 59 -3.11 4.15 -2.31
C ILE A 59 -1.76 3.75 -2.92
N PRO A 60 -1.17 2.65 -2.49
CA PRO A 60 0.15 2.19 -3.03
C PRO A 60 0.14 1.88 -4.53
N VAL A 61 0.97 2.60 -5.29
CA VAL A 61 1.05 2.44 -6.74
C VAL A 61 1.05 0.97 -7.17
N SER A 62 1.45 0.07 -6.28
CA SER A 62 1.52 -1.35 -6.61
C SER A 62 0.14 -1.96 -6.92
N TRP A 63 -0.94 -1.19 -6.80
CA TRP A 63 -2.27 -1.74 -7.09
C TRP A 63 -2.74 -1.40 -8.51
N ARG A 64 -1.81 -1.03 -9.34
CA ARG A 64 -2.18 -0.78 -10.68
C ARG A 64 -2.17 -2.17 -11.30
N CYS A 65 -3.29 -2.87 -11.15
CA CYS A 65 -3.38 -4.25 -11.66
C CYS A 65 -3.56 -4.24 -13.17
N ASP A 66 -3.93 -3.10 -13.72
CA ASP A 66 -4.13 -2.98 -15.15
C ASP A 66 -3.04 -2.09 -15.75
N GLY A 67 -1.96 -1.87 -15.00
CA GLY A 67 -0.87 -0.99 -15.48
C GLY A 67 -1.35 0.46 -15.45
N GLU A 68 -2.30 0.72 -14.55
CA GLU A 68 -2.82 2.07 -14.38
C GLU A 68 -3.42 2.20 -12.97
N ASN A 69 -3.65 3.43 -12.45
CA ASN A 69 -4.35 3.50 -11.15
C ASN A 69 -5.77 3.95 -11.49
N ASP A 70 -6.76 3.28 -10.95
CA ASP A 70 -8.14 3.67 -11.23
C ASP A 70 -8.90 4.04 -9.95
N CYS A 71 -8.20 4.00 -8.81
CA CYS A 71 -8.76 4.26 -7.51
C CYS A 71 -9.45 5.62 -7.36
N ASP A 72 -10.12 6.21 -8.37
CA ASP A 72 -10.79 7.49 -8.11
C ASP A 72 -11.56 7.34 -6.79
N SER A 73 -12.44 6.33 -6.73
CA SER A 73 -13.19 6.05 -5.52
C SER A 73 -12.65 4.77 -4.89
N GLY A 74 -11.38 4.49 -5.19
CA GLY A 74 -10.65 3.35 -4.65
C GLY A 74 -11.32 2.01 -4.90
N GLU A 75 -12.15 1.93 -5.92
CA GLU A 75 -12.84 0.68 -6.20
C GLU A 75 -11.99 -0.38 -6.92
N ASP A 76 -11.06 0.00 -7.82
CA ASP A 76 -10.31 -1.05 -8.55
C ASP A 76 -8.94 -1.35 -7.94
N GLU A 77 -8.63 -0.79 -6.78
CA GLU A 77 -7.28 -1.04 -6.24
C GLU A 77 -7.22 -1.48 -4.78
N GLU A 78 -8.27 -1.33 -4.01
CA GLU A 78 -8.13 -1.76 -2.63
C GLU A 78 -7.73 -3.22 -2.58
N ASN A 79 -6.66 -3.50 -1.84
CA ASN A 79 -6.10 -4.86 -1.72
C ASN A 79 -6.16 -5.62 -3.03
N CYS A 80 -5.70 -5.01 -4.11
CA CYS A 80 -5.70 -5.67 -5.40
C CYS A 80 -4.57 -6.72 -5.48
N GLY A 81 -3.61 -6.64 -4.56
CA GLY A 81 -2.48 -7.57 -4.55
C GLY A 81 -2.93 -9.01 -4.73
N ASN A 82 -3.12 -9.70 -3.61
CA ASN A 82 -3.53 -11.09 -3.65
C ASN A 82 -4.93 -11.25 -4.20
N ILE A 83 -5.90 -11.15 -3.33
CA ILE A 83 -7.31 -11.27 -3.67
C ILE A 83 -8.01 -9.93 -3.55
N THR A 84 -8.91 -9.64 -4.48
CA THR A 84 -9.65 -8.40 -4.44
C THR A 84 -10.84 -8.51 -3.50
N CYS A 85 -10.68 -7.86 -2.37
CA CYS A 85 -11.71 -7.81 -1.35
C CYS A 85 -12.58 -6.61 -1.60
N SER A 86 -13.60 -6.42 -0.80
CA SER A 86 -14.45 -5.29 -0.97
C SER A 86 -13.86 -4.17 -0.13
N PRO A 87 -13.72 -2.97 -0.65
CA PRO A 87 -13.16 -1.83 0.13
C PRO A 87 -13.85 -1.63 1.48
N ASP A 88 -14.96 -2.33 1.71
CA ASP A 88 -15.67 -2.23 2.99
C ASP A 88 -15.27 -3.38 3.92
N GLU A 89 -14.21 -4.10 3.57
CA GLU A 89 -13.75 -5.21 4.38
C GLU A 89 -12.26 -5.07 4.67
N PHE A 90 -11.74 -5.93 5.54
CA PHE A 90 -10.32 -5.87 5.90
C PHE A 90 -9.49 -6.71 4.92
N THR A 91 -8.19 -6.48 4.91
CA THR A 91 -7.29 -7.22 4.03
C THR A 91 -6.42 -8.19 4.81
N CYS A 92 -6.32 -9.42 4.33
CA CYS A 92 -5.50 -10.43 4.99
C CYS A 92 -4.15 -10.59 4.27
N SER A 93 -3.04 -10.90 5.00
CA SER A 93 -1.74 -11.02 4.36
C SER A 93 -1.81 -11.92 3.12
N SER A 94 -2.82 -12.80 3.07
CA SER A 94 -2.99 -13.71 1.94
C SER A 94 -3.92 -13.14 0.87
N GLY A 95 -4.64 -12.08 1.22
CA GLY A 95 -5.56 -11.41 0.30
C GLY A 95 -7.02 -11.56 0.73
N ARG A 96 -7.29 -12.47 1.65
CA ARG A 96 -8.65 -12.70 2.10
C ARG A 96 -9.16 -11.57 2.97
N CYS A 97 -10.47 -11.48 3.05
CA CYS A 97 -11.11 -10.42 3.82
C CYS A 97 -11.93 -10.98 4.97
N ILE A 98 -12.14 -10.11 5.96
CA ILE A 98 -12.93 -10.41 7.14
C ILE A 98 -13.55 -9.10 7.57
N SER A 99 -14.76 -9.11 8.11
CA SER A 99 -15.40 -7.85 8.44
C SER A 99 -14.57 -7.11 9.49
N ARG A 100 -14.82 -5.83 9.60
CA ARG A 100 -14.09 -4.99 10.54
C ARG A 100 -14.29 -5.43 11.98
N ASN A 101 -15.19 -6.36 12.18
CA ASN A 101 -15.45 -6.86 13.51
C ASN A 101 -14.44 -7.90 13.93
N PHE A 102 -13.88 -8.63 12.95
CA PHE A 102 -12.91 -9.66 13.30
C PHE A 102 -11.53 -9.05 13.49
N VAL A 103 -11.39 -7.78 13.12
CA VAL A 103 -10.11 -7.09 13.27
C VAL A 103 -9.59 -7.31 14.67
N CYS A 104 -8.26 -7.54 14.81
CA CYS A 104 -7.66 -7.94 16.05
C CYS A 104 -8.47 -7.49 17.23
N ASN A 105 -9.17 -8.49 17.71
CA ASN A 105 -10.01 -8.41 18.87
C ASN A 105 -9.45 -9.43 19.86
N GLY A 106 -8.28 -9.99 19.52
CA GLY A 106 -7.63 -10.98 20.38
C GLY A 106 -7.79 -12.41 19.85
N GLN A 107 -8.59 -12.59 18.81
CA GLN A 107 -8.83 -13.91 18.24
C GLN A 107 -8.33 -13.98 16.77
N ASP A 108 -8.07 -15.18 16.21
CA ASP A 108 -7.66 -15.29 14.80
C ASP A 108 -8.81 -14.84 13.88
N ASP A 109 -8.50 -14.48 12.63
CA ASP A 109 -9.54 -14.07 11.71
C ASP A 109 -9.35 -14.71 10.34
N CYS A 110 -8.18 -14.46 9.71
CA CYS A 110 -7.98 -14.98 8.36
C CYS A 110 -7.07 -16.21 8.26
N SER A 111 -5.77 -16.09 8.56
CA SER A 111 -4.93 -17.27 8.42
C SER A 111 -4.63 -18.00 9.73
N ASP A 112 -3.91 -17.32 10.62
CA ASP A 112 -3.55 -17.95 11.92
C ASP A 112 -3.52 -17.02 13.14
N GLY A 113 -3.06 -15.78 12.93
CA GLY A 113 -2.91 -14.84 14.04
C GLY A 113 -2.31 -13.53 13.54
N SER A 114 -1.69 -13.54 12.35
CA SER A 114 -1.14 -12.32 11.76
C SER A 114 -2.23 -11.26 11.77
N ASP A 115 -3.49 -11.71 11.76
CA ASP A 115 -4.63 -10.78 11.81
C ASP A 115 -4.53 -9.85 13.06
N GLU A 116 -3.66 -10.22 13.99
CA GLU A 116 -3.41 -9.46 15.19
C GLU A 116 -1.93 -9.22 15.31
N LEU A 117 -1.25 -9.22 14.17
CA LEU A 117 0.16 -9.00 14.19
C LEU A 117 0.39 -7.71 14.95
N ASP A 118 0.93 -7.92 16.10
CA ASP A 118 1.22 -6.85 17.04
C ASP A 118 0.09 -5.82 17.08
N CYS A 119 -1.14 -6.30 17.30
CA CYS A 119 -2.30 -5.39 17.36
C CYS A 119 -2.53 -4.91 18.79
N ALA A 120 -1.44 -4.70 19.53
CA ALA A 120 -1.53 -4.23 20.90
C ALA A 120 -2.11 -2.81 20.94
N PRO A 121 -2.55 -2.38 22.10
CA PRO A 121 -3.13 -1.02 22.28
C PRO A 121 -2.05 0.06 22.27
N LYS A 1 18.60 7.40 29.99
CA LYS A 1 18.72 8.60 29.10
C LYS A 1 17.86 8.41 27.87
N THR A 2 17.00 9.38 27.59
CA THR A 2 16.13 9.33 26.43
C THR A 2 16.45 10.45 25.46
N CYS A 3 16.01 10.31 24.22
CA CYS A 3 16.25 11.33 23.21
C CYS A 3 15.80 12.71 23.71
N ALA A 4 16.22 13.75 22.99
CA ALA A 4 15.88 15.13 23.36
C ALA A 4 14.43 15.28 23.81
N GLU A 5 14.20 16.18 24.76
CA GLU A 5 12.84 16.42 25.29
C GLU A 5 11.77 16.44 24.16
N SER A 6 11.99 17.19 23.07
CA SER A 6 11.00 17.29 21.99
C SER A 6 11.06 16.11 21.01
N ASP A 7 12.01 15.20 21.23
CA ASP A 7 12.21 14.03 20.36
C ASP A 7 10.90 13.46 19.83
N PHE A 8 10.99 12.74 18.71
CA PHE A 8 9.81 12.08 18.11
C PHE A 8 9.96 10.57 18.29
N VAL A 9 9.19 9.96 19.19
CA VAL A 9 9.30 8.52 19.39
C VAL A 9 8.81 7.76 18.16
N CYS A 10 9.48 6.65 17.87
CA CYS A 10 9.09 5.80 16.73
C CYS A 10 8.45 4.52 17.24
N ASN A 11 7.64 3.90 16.39
CA ASN A 11 6.90 2.66 16.74
C ASN A 11 7.82 1.51 17.13
N ASN A 12 9.08 1.56 16.73
CA ASN A 12 9.99 0.47 17.02
C ASN A 12 10.63 0.65 18.41
N GLY A 13 10.03 1.47 19.26
CA GLY A 13 10.62 1.71 20.58
C GLY A 13 11.87 2.60 20.45
N GLN A 14 12.18 3.00 19.20
CA GLN A 14 13.33 3.85 18.94
C GLN A 14 12.96 5.32 19.08
N CYS A 15 13.92 6.16 19.49
CA CYS A 15 13.65 7.58 19.63
C CYS A 15 14.57 8.38 18.70
N VAL A 16 14.00 9.33 17.99
CA VAL A 16 14.77 10.15 17.06
C VAL A 16 14.49 11.64 17.24
N PRO A 17 15.45 12.40 17.74
CA PRO A 17 15.28 13.87 17.87
C PRO A 17 14.65 14.43 16.58
N SER A 18 13.85 15.48 16.73
CA SER A 18 13.11 16.13 15.60
C SER A 18 13.91 16.27 14.29
N ARG A 19 15.19 16.05 14.31
CA ARG A 19 16.02 16.18 13.12
C ARG A 19 15.88 14.96 12.17
N TRP A 20 14.99 14.02 12.49
CA TRP A 20 14.81 12.83 11.62
C TRP A 20 13.40 12.74 11.00
N LYS A 21 12.66 13.84 11.05
CA LYS A 21 11.29 13.94 10.49
C LYS A 21 11.19 13.27 9.10
N CYS A 22 9.95 13.14 8.52
CA CYS A 22 9.80 12.60 7.17
C CYS A 22 10.80 13.40 6.37
N ASP A 23 11.91 12.78 6.11
CA ASP A 23 12.97 13.40 5.36
C ASP A 23 13.73 12.33 4.59
N GLY A 24 13.15 11.14 4.55
CA GLY A 24 13.79 10.03 3.84
C GLY A 24 14.86 9.35 4.66
N ASP A 25 14.96 9.70 5.94
CA ASP A 25 16.00 9.10 6.76
C ASP A 25 15.49 7.77 7.40
N PRO A 26 16.15 6.64 7.11
CA PRO A 26 15.79 5.25 7.61
C PRO A 26 15.98 5.01 9.11
N ASP A 27 16.06 6.07 9.90
CA ASP A 27 16.32 5.94 11.34
C ASP A 27 15.40 4.94 12.05
N CYS A 28 14.17 4.75 11.58
CA CYS A 28 13.28 3.79 12.21
C CYS A 28 13.25 2.53 11.35
N GLU A 29 13.94 1.48 11.77
CA GLU A 29 13.98 0.25 11.00
C GLU A 29 12.60 -0.22 10.56
N ASP A 30 11.54 0.25 11.23
CA ASP A 30 10.20 -0.19 10.88
C ASP A 30 9.42 0.87 10.06
N GLY A 31 10.13 1.85 9.48
CA GLY A 31 9.52 2.87 8.61
C GLY A 31 8.46 3.77 9.26
N SER A 32 8.31 3.78 10.59
CA SER A 32 7.22 4.61 11.17
C SER A 32 7.65 5.97 11.76
N ASP A 33 8.86 6.46 11.46
CA ASP A 33 9.26 7.79 11.96
C ASP A 33 8.81 8.86 10.95
N GLU A 34 8.39 8.42 9.77
CA GLU A 34 7.97 9.33 8.70
C GLU A 34 6.51 9.07 8.31
N SER A 35 5.79 8.35 9.19
CA SER A 35 4.38 8.01 9.00
C SER A 35 3.47 9.06 9.62
N PRO A 36 2.19 8.98 9.33
CA PRO A 36 1.16 9.94 9.87
C PRO A 36 1.27 10.20 11.37
N GLU A 37 1.98 9.35 12.09
CA GLU A 37 2.10 9.53 13.54
C GLU A 37 3.14 10.59 13.91
N GLN A 38 4.29 10.57 13.23
CA GLN A 38 5.35 11.54 13.53
C GLN A 38 5.36 12.64 12.49
N CYS A 39 5.26 12.25 11.22
CA CYS A 39 5.20 13.21 10.13
C CYS A 39 3.78 13.67 9.96
N HIS A 40 3.03 13.80 11.06
CA HIS A 40 1.62 14.18 11.00
C HIS A 40 1.44 15.51 10.23
N MET A 41 1.67 15.46 8.93
CA MET A 41 1.57 16.61 8.05
C MET A 41 2.14 16.28 6.65
N ARG A 42 3.08 15.32 6.58
CA ARG A 42 3.69 14.96 5.29
C ARG A 42 3.98 13.45 5.13
N THR A 43 4.44 13.08 3.95
CA THR A 43 4.73 11.68 3.60
C THR A 43 6.22 11.31 3.82
N CYS A 44 6.44 10.01 3.94
CA CYS A 44 7.77 9.43 4.11
C CYS A 44 8.45 9.24 2.73
N ARG A 45 9.78 9.22 2.71
CA ARG A 45 10.53 9.12 1.43
C ARG A 45 11.65 8.08 1.52
N ILE A 46 11.33 6.81 1.24
CA ILE A 46 12.37 5.74 1.21
C ILE A 46 11.72 4.35 1.23
N HIS A 47 11.34 3.86 2.41
CA HIS A 47 10.74 2.54 2.50
C HIS A 47 9.23 2.60 2.28
N GLU A 48 8.73 3.73 1.78
CA GLU A 48 7.31 3.87 1.53
C GLU A 48 7.11 5.11 0.62
N ILE A 49 6.06 5.12 -0.21
CA ILE A 49 5.93 6.20 -1.22
C ILE A 49 5.01 7.35 -0.75
N SER A 50 4.87 8.32 -1.64
CA SER A 50 4.06 9.50 -1.41
C SER A 50 2.70 9.36 -2.09
N CYS A 51 1.63 9.52 -1.32
CA CYS A 51 0.28 9.44 -1.89
C CYS A 51 -0.38 10.81 -1.86
N GLY A 52 0.26 11.78 -1.18
CA GLY A 52 -0.30 13.12 -1.10
C GLY A 52 0.61 14.09 -0.35
N ALA A 53 1.27 15.01 -1.07
CA ALA A 53 2.09 16.00 -0.40
C ALA A 53 1.16 17.03 0.26
N HIS A 54 -0.10 17.06 -0.18
CA HIS A 54 -1.05 18.01 0.43
C HIS A 54 -1.68 17.42 1.71
N SER A 55 -1.38 16.16 2.03
CA SER A 55 -1.93 15.47 3.19
C SER A 55 -0.83 14.63 3.81
N THR A 56 -1.14 13.91 4.87
CA THR A 56 -0.15 13.04 5.49
C THR A 56 -0.43 11.59 5.18
N GLN A 57 0.05 11.09 4.04
CA GLN A 57 -0.16 9.69 3.75
C GLN A 57 0.97 9.08 2.92
N CYS A 58 1.75 8.23 3.56
CA CYS A 58 2.81 7.53 2.88
C CYS A 58 2.58 6.02 3.04
N ILE A 59 2.59 5.28 1.93
CA ILE A 59 2.32 3.84 1.97
C ILE A 59 3.34 3.03 1.17
N PRO A 60 3.48 1.75 1.45
CA PRO A 60 4.42 0.87 0.70
C PRO A 60 4.20 0.96 -0.82
N VAL A 61 5.29 1.11 -1.56
CA VAL A 61 5.21 1.18 -3.04
C VAL A 61 4.51 -0.06 -3.64
N SER A 62 4.29 -1.09 -2.82
CA SER A 62 3.67 -2.32 -3.30
C SER A 62 2.27 -2.14 -3.89
N TRP A 63 1.62 -0.99 -3.68
CA TRP A 63 0.28 -0.79 -4.23
C TRP A 63 0.36 -0.16 -5.61
N ARG A 64 1.54 -0.16 -6.19
CA ARG A 64 1.68 0.39 -7.48
C ARG A 64 1.59 -0.79 -8.45
N CYS A 65 0.35 -1.15 -8.80
CA CYS A 65 0.15 -2.27 -9.72
C CYS A 65 0.16 -1.78 -11.17
N ASP A 66 0.29 -0.46 -11.36
CA ASP A 66 0.32 0.15 -12.66
C ASP A 66 1.58 1.04 -12.78
N GLY A 67 2.55 0.82 -11.87
CA GLY A 67 3.79 1.63 -11.89
C GLY A 67 3.56 3.01 -11.25
N GLU A 68 2.49 3.12 -10.46
CA GLU A 68 2.20 4.38 -9.78
C GLU A 68 1.40 4.13 -8.50
N ASN A 69 1.49 4.98 -7.45
CA ASN A 69 0.61 4.79 -6.30
C ASN A 69 -0.44 5.87 -6.39
N ASP A 70 -1.70 5.51 -6.40
CA ASP A 70 -2.73 6.52 -6.52
C ASP A 70 -3.63 6.54 -5.30
N CYS A 71 -3.18 5.86 -4.25
CA CYS A 71 -3.92 5.71 -3.02
C CYS A 71 -4.21 7.02 -2.29
N ASP A 72 -4.52 8.15 -2.95
CA ASP A 72 -4.80 9.37 -2.17
C ASP A 72 -5.64 8.97 -0.96
N SER A 73 -6.76 8.30 -1.24
CA SER A 73 -7.64 7.81 -0.19
C SER A 73 -7.56 6.26 -0.10
N GLY A 74 -6.37 5.69 -0.35
CA GLY A 74 -6.19 4.24 -0.28
C GLY A 74 -7.17 3.49 -1.20
N GLU A 75 -7.78 4.20 -2.12
CA GLU A 75 -8.78 3.59 -3.01
C GLU A 75 -8.26 2.89 -4.30
N ASP A 76 -7.16 3.36 -4.93
CA ASP A 76 -6.80 2.72 -6.22
C ASP A 76 -6.30 1.28 -6.13
N GLU A 77 -5.49 0.94 -5.16
CA GLU A 77 -4.96 -0.43 -5.09
C GLU A 77 -4.87 -1.00 -3.68
N GLU A 78 -5.73 -0.59 -2.78
CA GLU A 78 -5.61 -1.10 -1.43
C GLU A 78 -5.60 -2.61 -1.40
N ASN A 79 -4.58 -3.18 -0.77
CA ASN A 79 -4.40 -4.62 -0.76
C ASN A 79 -4.52 -5.15 -2.17
N CYS A 80 -3.71 -4.58 -3.06
CA CYS A 80 -3.71 -4.96 -4.46
C CYS A 80 -2.81 -6.20 -4.70
N GLY A 81 -1.91 -6.48 -3.75
CA GLY A 81 -1.01 -7.61 -3.88
C GLY A 81 -1.76 -8.88 -4.27
N ASN A 82 -2.23 -9.61 -3.27
CA ASN A 82 -2.95 -10.84 -3.52
C ASN A 82 -4.29 -10.57 -4.18
N ILE A 83 -5.29 -10.37 -3.37
CA ILE A 83 -6.65 -10.11 -3.83
C ILE A 83 -7.08 -8.67 -3.53
N THR A 84 -7.86 -8.09 -4.43
CA THR A 84 -8.33 -6.73 -4.24
C THR A 84 -9.71 -6.74 -3.59
N CYS A 85 -9.74 -6.33 -2.35
CA CYS A 85 -10.97 -6.24 -1.57
C CYS A 85 -11.34 -4.78 -1.41
N SER A 86 -12.43 -4.51 -0.72
CA SER A 86 -12.82 -3.14 -0.54
C SER A 86 -11.97 -2.54 0.57
N PRO A 87 -11.41 -1.37 0.39
CA PRO A 87 -10.58 -0.70 1.45
C PRO A 87 -11.30 -0.61 2.80
N ASP A 88 -12.58 -0.96 2.84
CA ASP A 88 -13.34 -0.89 4.10
C ASP A 88 -13.28 -2.24 4.83
N GLU A 89 -12.69 -3.24 4.18
CA GLU A 89 -12.57 -4.57 4.76
C GLU A 89 -11.12 -4.82 5.17
N PHE A 90 -10.87 -5.84 6.00
CA PHE A 90 -9.49 -6.12 6.44
C PHE A 90 -8.84 -7.23 5.63
N THR A 91 -7.98 -6.85 4.68
CA THR A 91 -7.31 -7.84 3.84
C THR A 91 -6.44 -8.76 4.69
N CYS A 92 -6.47 -10.04 4.35
CA CYS A 92 -5.70 -11.04 5.09
C CYS A 92 -4.32 -11.25 4.45
N SER A 93 -3.40 -12.01 5.09
CA SER A 93 -2.08 -12.22 4.52
C SER A 93 -2.19 -12.89 3.14
N SER A 94 -3.37 -13.46 2.86
CA SER A 94 -3.60 -14.11 1.58
C SER A 94 -4.36 -13.17 0.63
N GLY A 95 -4.70 -11.98 1.13
CA GLY A 95 -5.41 -11.00 0.34
C GLY A 95 -6.92 -11.06 0.58
N ARG A 96 -7.39 -12.07 1.29
CA ARG A 96 -8.82 -12.23 1.53
C ARG A 96 -9.30 -11.33 2.64
N CYS A 97 -10.27 -10.50 2.32
CA CYS A 97 -10.81 -9.58 3.31
C CYS A 97 -12.04 -10.13 4.02
N ILE A 98 -12.20 -9.66 5.24
CA ILE A 98 -13.31 -10.02 6.09
C ILE A 98 -13.88 -8.74 6.67
N SER A 99 -14.88 -8.85 7.53
CA SER A 99 -15.48 -7.66 8.08
C SER A 99 -14.65 -7.13 9.23
N ARG A 100 -14.74 -5.83 9.47
CA ARG A 100 -13.97 -5.20 10.55
C ARG A 100 -14.24 -5.84 11.90
N ASN A 101 -15.25 -6.67 11.96
CA ASN A 101 -15.60 -7.35 13.21
C ASN A 101 -14.62 -8.47 13.51
N PHE A 102 -13.65 -8.68 12.63
CA PHE A 102 -12.66 -9.72 12.86
C PHE A 102 -11.30 -9.09 13.09
N VAL A 103 -11.29 -7.78 13.31
CA VAL A 103 -10.06 -7.08 13.58
C VAL A 103 -9.62 -7.38 15.00
N CYS A 104 -8.29 -7.49 15.20
CA CYS A 104 -7.72 -7.91 16.45
C CYS A 104 -8.67 -7.62 17.57
N ASN A 105 -9.33 -8.69 17.92
CA ASN A 105 -10.30 -8.75 18.95
C ASN A 105 -9.81 -9.74 19.98
N GLY A 106 -8.50 -9.99 19.94
CA GLY A 106 -7.88 -10.93 20.88
C GLY A 106 -7.81 -12.33 20.30
N GLN A 107 -8.64 -12.60 19.30
CA GLN A 107 -8.66 -13.90 18.65
C GLN A 107 -8.11 -13.71 17.23
N ASP A 108 -7.05 -14.42 16.84
CA ASP A 108 -6.49 -14.21 15.49
C ASP A 108 -7.15 -15.09 14.44
N ASP A 109 -7.51 -14.43 13.34
CA ASP A 109 -8.12 -15.10 12.19
C ASP A 109 -7.01 -15.33 11.19
N CYS A 110 -6.44 -14.21 10.79
CA CYS A 110 -5.31 -14.12 9.89
C CYS A 110 -4.07 -14.63 10.62
N SER A 111 -4.13 -15.88 11.12
CA SER A 111 -3.08 -16.50 11.95
C SER A 111 -1.66 -16.03 11.66
N ASP A 112 -1.39 -15.43 10.51
CA ASP A 112 -0.06 -14.86 10.28
C ASP A 112 0.12 -13.60 11.17
N GLY A 113 -0.80 -13.44 12.16
CA GLY A 113 -0.78 -12.33 13.11
C GLY A 113 -0.79 -10.99 12.40
N SER A 114 -1.06 -10.99 11.11
CA SER A 114 -1.11 -9.74 10.36
C SER A 114 -2.32 -8.96 10.76
N ASP A 115 -3.38 -9.67 11.11
CA ASP A 115 -4.61 -8.97 11.56
C ASP A 115 -4.41 -8.37 12.95
N GLU A 116 -3.44 -8.91 13.70
CA GLU A 116 -3.18 -8.44 15.04
C GLU A 116 -1.71 -8.16 15.22
N LEU A 117 -1.03 -7.83 14.13
CA LEU A 117 0.37 -7.57 14.26
C LEU A 117 0.53 -6.21 14.86
N ASP A 118 0.96 -6.28 16.07
CA ASP A 118 1.19 -5.10 16.89
C ASP A 118 -0.12 -4.38 17.16
N CYS A 119 -1.21 -5.13 17.12
CA CYS A 119 -2.52 -4.56 17.37
C CYS A 119 -2.89 -4.67 18.85
N ALA A 120 -1.90 -4.46 19.71
CA ALA A 120 -2.12 -4.54 21.16
C ALA A 120 -3.09 -3.45 21.60
N PRO A 121 -3.63 -3.58 22.79
CA PRO A 121 -4.59 -2.59 23.35
C PRO A 121 -3.88 -1.37 23.93
N LYS A 1 36.70 -1.31 -2.44
CA LYS A 1 36.81 0.09 -1.96
C LYS A 1 35.55 0.47 -1.20
N THR A 2 35.42 1.74 -0.86
CA THR A 2 34.26 2.22 -0.12
C THR A 2 33.67 3.44 -0.82
N CYS A 3 32.41 3.75 -0.52
CA CYS A 3 31.74 4.89 -1.12
C CYS A 3 31.91 6.15 -0.25
N ALA A 4 32.05 7.29 -0.90
CA ALA A 4 32.20 8.57 -0.21
C ALA A 4 30.90 8.98 0.44
N GLU A 5 30.94 9.55 1.66
CA GLU A 5 29.71 9.93 2.36
C GLU A 5 28.61 10.56 1.47
N SER A 6 28.94 11.20 0.34
CA SER A 6 27.90 11.80 -0.51
C SER A 6 27.23 10.76 -1.40
N ASP A 7 27.91 9.64 -1.56
CA ASP A 7 27.44 8.52 -2.35
C ASP A 7 26.06 8.07 -1.84
N PHE A 8 25.17 7.64 -2.75
CA PHE A 8 23.82 7.24 -2.29
C PHE A 8 23.92 6.11 -1.27
N VAL A 9 23.78 6.43 0.01
CA VAL A 9 23.85 5.42 1.06
C VAL A 9 22.52 4.71 1.25
N CYS A 10 22.60 3.39 1.38
CA CYS A 10 21.40 2.58 1.62
C CYS A 10 21.42 2.12 3.07
N ASN A 11 20.27 2.23 3.72
CA ASN A 11 20.12 1.90 5.15
C ASN A 11 20.53 0.48 5.48
N ASN A 12 20.76 -0.35 4.48
CA ASN A 12 21.13 -1.72 4.72
C ASN A 12 22.64 -1.83 4.99
N GLY A 13 23.28 -0.72 5.37
CA GLY A 13 24.72 -0.74 5.61
C GLY A 13 25.46 -0.82 4.27
N GLN A 14 24.71 -0.82 3.16
CA GLN A 14 25.30 -0.87 1.84
C GLN A 14 25.53 0.53 1.28
N CYS A 15 26.64 0.74 0.58
CA CYS A 15 26.96 2.05 0.01
C CYS A 15 27.11 1.98 -1.51
N VAL A 16 26.68 3.04 -2.20
CA VAL A 16 26.79 3.08 -3.66
C VAL A 16 26.93 4.51 -4.20
N PRO A 17 28.08 4.87 -4.77
CA PRO A 17 28.28 6.21 -5.41
C PRO A 17 27.05 6.65 -6.21
N SER A 18 26.93 7.97 -6.43
CA SER A 18 25.79 8.58 -7.19
C SER A 18 25.43 7.86 -8.51
N ARG A 19 26.25 6.93 -8.90
CA ARG A 19 26.06 6.16 -10.13
C ARG A 19 24.95 5.10 -10.00
N TRP A 20 24.18 5.15 -8.89
CA TRP A 20 23.08 4.19 -8.70
C TRP A 20 21.70 4.84 -8.50
N LYS A 21 21.55 6.06 -9.01
CA LYS A 21 20.30 6.85 -8.94
C LYS A 21 19.07 5.95 -9.20
N CYS A 22 17.82 6.45 -8.94
CA CYS A 22 16.65 5.67 -9.30
C CYS A 22 16.86 5.44 -10.77
N ASP A 23 17.27 4.25 -11.09
CA ASP A 23 17.55 3.88 -12.45
C ASP A 23 17.19 2.42 -12.64
N GLY A 24 16.52 1.85 -11.65
CA GLY A 24 16.15 0.45 -11.73
C GLY A 24 17.28 -0.47 -11.29
N ASP A 25 18.37 0.11 -10.81
CA ASP A 25 19.49 -0.71 -10.39
C ASP A 25 19.26 -1.22 -8.94
N PRO A 26 19.08 -2.53 -8.75
CA PRO A 26 18.81 -3.20 -7.41
C PRO A 26 19.97 -3.15 -6.41
N ASP A 27 20.92 -2.24 -6.60
CA ASP A 27 22.12 -2.20 -5.74
C ASP A 27 21.78 -2.28 -4.25
N CYS A 28 20.66 -1.71 -3.80
CA CYS A 28 20.29 -1.82 -2.40
C CYS A 28 18.96 -2.54 -2.31
N GLU A 29 18.99 -3.86 -2.11
CA GLU A 29 17.78 -4.65 -2.02
C GLU A 29 16.75 -3.99 -1.11
N ASP A 30 17.24 -3.16 -0.20
CA ASP A 30 16.37 -2.48 0.74
C ASP A 30 15.50 -1.41 0.05
N GLY A 31 15.58 -1.27 -1.28
CA GLY A 31 14.73 -0.30 -2.01
C GLY A 31 15.03 1.18 -1.69
N SER A 32 16.13 1.48 -0.99
CA SER A 32 16.36 2.90 -0.64
C SER A 32 17.06 3.76 -1.69
N ASP A 33 18.17 3.28 -2.29
CA ASP A 33 18.90 4.11 -3.28
C ASP A 33 17.97 4.77 -4.31
N GLU A 34 16.77 4.21 -4.50
CA GLU A 34 15.85 4.76 -5.51
C GLU A 34 14.60 5.39 -4.87
N SER A 35 14.50 5.32 -3.54
CA SER A 35 13.37 5.87 -2.79
C SER A 35 13.53 7.38 -2.56
N PRO A 36 12.47 8.04 -2.11
CA PRO A 36 12.48 9.52 -1.84
C PRO A 36 13.75 10.03 -1.19
N GLU A 37 14.46 9.18 -0.49
CA GLU A 37 15.68 9.61 0.18
C GLU A 37 16.80 9.91 -0.83
N GLN A 38 16.91 9.07 -1.85
CA GLN A 38 17.97 9.24 -2.85
C GLN A 38 17.40 9.78 -4.16
N CYS A 39 16.28 9.23 -4.59
CA CYS A 39 15.64 9.68 -5.81
C CYS A 39 14.65 10.77 -5.47
N HIS A 40 15.01 11.62 -4.49
CA HIS A 40 14.12 12.70 -4.04
C HIS A 40 13.76 13.61 -5.23
N MET A 41 12.92 13.08 -6.12
CA MET A 41 12.48 13.78 -7.31
C MET A 41 11.76 12.80 -8.25
N ARG A 42 12.23 11.53 -8.28
CA ARG A 42 11.60 10.53 -9.13
C ARG A 42 11.41 9.19 -8.41
N THR A 43 10.80 8.23 -9.12
CA THR A 43 10.48 6.89 -8.56
C THR A 43 11.48 5.79 -9.00
N CYS A 44 11.58 4.77 -8.17
CA CYS A 44 12.41 3.60 -8.43
C CYS A 44 11.84 2.79 -9.62
N ARG A 45 12.70 2.32 -10.52
CA ARG A 45 12.25 1.56 -11.72
C ARG A 45 12.84 0.14 -11.67
N ILE A 46 12.38 -0.66 -10.72
CA ILE A 46 12.81 -2.05 -10.54
C ILE A 46 12.22 -2.51 -9.23
N HIS A 47 11.39 -3.52 -9.29
CA HIS A 47 10.72 -3.96 -8.09
C HIS A 47 9.85 -2.83 -7.52
N GLU A 48 9.69 -1.71 -8.26
CA GLU A 48 8.85 -0.61 -7.80
C GLU A 48 8.40 0.23 -9.01
N ILE A 49 7.10 0.56 -9.11
CA ILE A 49 6.62 1.36 -10.25
C ILE A 49 5.99 2.65 -9.80
N SER A 50 6.35 3.72 -10.47
CA SER A 50 5.89 5.06 -10.10
C SER A 50 4.43 5.13 -9.70
N CYS A 51 4.21 5.96 -8.71
CA CYS A 51 2.88 6.24 -8.21
C CYS A 51 2.62 7.74 -8.34
N GLY A 52 3.64 8.47 -8.80
CA GLY A 52 3.51 9.92 -8.96
C GLY A 52 4.58 10.47 -9.89
N ALA A 53 4.17 10.97 -11.07
CA ALA A 53 5.15 11.54 -11.97
C ALA A 53 5.53 12.93 -11.45
N HIS A 54 4.67 13.53 -10.61
CA HIS A 54 4.99 14.85 -10.06
C HIS A 54 5.73 14.77 -8.70
N SER A 55 5.68 13.63 -8.00
CA SER A 55 6.34 13.47 -6.71
C SER A 55 7.17 12.19 -6.73
N THR A 56 7.84 11.89 -5.64
CA THR A 56 8.64 10.66 -5.57
C THR A 56 7.98 9.62 -4.71
N GLN A 57 7.25 8.69 -5.30
CA GLN A 57 6.66 7.64 -4.53
C GLN A 57 6.67 6.35 -5.33
N CYS A 58 7.64 5.49 -5.04
CA CYS A 58 7.77 4.22 -5.74
C CYS A 58 7.38 3.03 -4.84
N ILE A 59 6.51 2.16 -5.37
CA ILE A 59 6.07 0.99 -4.61
C ILE A 59 6.01 -0.23 -5.54
N PRO A 60 6.15 -1.42 -5.02
CA PRO A 60 6.11 -2.68 -5.83
C PRO A 60 4.98 -2.69 -6.84
N VAL A 61 5.31 -2.96 -8.11
CA VAL A 61 4.29 -3.04 -9.17
C VAL A 61 3.15 -3.99 -8.78
N SER A 62 3.41 -4.88 -7.84
CA SER A 62 2.39 -5.84 -7.42
C SER A 62 1.10 -5.15 -6.97
N TRP A 63 1.17 -3.85 -6.69
CA TRP A 63 -0.01 -3.14 -6.22
C TRP A 63 -0.88 -2.63 -7.39
N ARG A 64 -0.58 -3.10 -8.59
CA ARG A 64 -1.36 -2.74 -9.71
C ARG A 64 -2.59 -3.63 -9.59
N CYS A 65 -3.60 -3.13 -8.89
CA CYS A 65 -4.82 -3.92 -8.69
C CYS A 65 -5.82 -3.69 -9.80
N ASP A 66 -5.55 -2.72 -10.66
CA ASP A 66 -6.42 -2.41 -11.77
C ASP A 66 -5.56 -2.26 -13.03
N GLY A 67 -4.29 -2.68 -12.91
CA GLY A 67 -3.35 -2.61 -14.04
C GLY A 67 -2.44 -1.38 -13.95
N GLU A 68 -2.52 -0.59 -12.87
CA GLU A 68 -1.67 0.60 -12.74
C GLU A 68 -1.42 0.92 -11.24
N ASN A 69 -0.38 1.72 -10.87
CA ASN A 69 -0.22 1.99 -9.41
C ASN A 69 -0.88 3.30 -9.03
N ASP A 70 -2.17 3.20 -8.87
CA ASP A 70 -3.02 4.32 -8.55
C ASP A 70 -3.08 4.46 -7.06
N CYS A 71 -1.92 4.78 -6.52
CA CYS A 71 -1.78 5.02 -5.11
C CYS A 71 -1.34 6.47 -4.90
N ASP A 72 -1.97 7.43 -5.61
CA ASP A 72 -1.59 8.85 -5.44
C ASP A 72 -1.31 9.10 -3.96
N SER A 73 -2.27 8.71 -3.14
CA SER A 73 -2.15 8.80 -1.70
C SER A 73 -2.46 7.44 -1.07
N GLY A 74 -2.27 6.33 -1.82
CA GLY A 74 -2.59 4.98 -1.31
C GLY A 74 -4.11 4.75 -1.30
N GLU A 75 -4.78 5.28 -2.33
CA GLU A 75 -6.24 5.21 -2.45
C GLU A 75 -6.83 3.96 -3.13
N ASP A 76 -6.30 3.50 -4.26
CA ASP A 76 -6.91 2.30 -4.92
C ASP A 76 -6.17 1.00 -4.58
N GLU A 77 -4.98 1.13 -4.01
CA GLU A 77 -4.18 -0.06 -3.73
C GLU A 77 -4.47 -0.62 -2.35
N GLU A 78 -5.41 -0.02 -1.65
CA GLU A 78 -5.77 -0.53 -0.33
C GLU A 78 -6.06 -2.02 -0.43
N ASN A 79 -5.57 -2.75 0.57
CA ASN A 79 -5.73 -4.19 0.65
C ASN A 79 -5.61 -4.82 -0.73
N CYS A 80 -4.46 -4.57 -1.34
CA CYS A 80 -4.16 -5.15 -2.65
C CYS A 80 -3.16 -6.29 -2.51
N GLY A 81 -3.17 -6.92 -1.34
CA GLY A 81 -2.28 -8.05 -1.12
C GLY A 81 -2.76 -9.23 -1.94
N ASN A 82 -2.40 -9.23 -3.22
CA ASN A 82 -2.79 -10.28 -4.16
C ASN A 82 -4.21 -10.07 -4.68
N ILE A 83 -5.11 -9.95 -3.73
CA ILE A 83 -6.54 -9.78 -4.01
C ILE A 83 -7.01 -8.37 -3.61
N THR A 84 -8.06 -7.90 -4.27
CA THR A 84 -8.61 -6.58 -3.99
C THR A 84 -9.97 -6.63 -3.29
N CYS A 85 -9.95 -6.17 -2.06
CA CYS A 85 -11.15 -6.08 -1.23
C CYS A 85 -11.51 -4.61 -1.06
N SER A 86 -12.56 -4.33 -0.30
CA SER A 86 -12.94 -2.95 -0.10
C SER A 86 -12.09 -2.40 1.03
N PRO A 87 -11.68 -1.16 0.97
CA PRO A 87 -10.85 -0.56 2.05
C PRO A 87 -11.51 -0.63 3.43
N ASP A 88 -12.78 -1.05 3.46
CA ASP A 88 -13.50 -1.16 4.72
C ASP A 88 -13.39 -2.59 5.26
N GLU A 89 -12.54 -3.40 4.64
CA GLU A 89 -12.37 -4.78 5.04
C GLU A 89 -10.91 -5.05 5.44
N PHE A 90 -10.68 -6.01 6.35
CA PHE A 90 -9.31 -6.31 6.81
C PHE A 90 -8.66 -7.42 5.98
N THR A 91 -7.76 -7.03 5.08
CA THR A 91 -7.10 -8.01 4.22
C THR A 91 -6.18 -8.94 4.97
N CYS A 92 -6.16 -10.19 4.51
CA CYS A 92 -5.29 -11.21 5.09
C CYS A 92 -4.00 -11.34 4.26
N SER A 93 -2.94 -12.01 4.78
CA SER A 93 -1.68 -12.14 4.04
C SER A 93 -1.90 -12.75 2.64
N SER A 94 -3.04 -13.37 2.45
CA SER A 94 -3.38 -13.99 1.16
C SER A 94 -4.16 -13.01 0.28
N GLY A 95 -4.75 -12.01 0.94
CA GLY A 95 -5.52 -11.00 0.23
C GLY A 95 -7.02 -11.17 0.46
N ARG A 96 -7.40 -12.06 1.35
CA ARG A 96 -8.81 -12.26 1.60
C ARG A 96 -9.25 -11.40 2.77
N CYS A 97 -10.22 -10.53 2.51
CA CYS A 97 -10.68 -9.65 3.55
C CYS A 97 -11.90 -10.19 4.27
N ILE A 98 -12.05 -9.72 5.50
CA ILE A 98 -13.16 -10.10 6.34
C ILE A 98 -13.75 -8.83 6.94
N SER A 99 -14.75 -8.99 7.79
CA SER A 99 -15.40 -7.84 8.39
C SER A 99 -14.51 -7.22 9.46
N ARG A 100 -14.67 -5.92 9.67
CA ARG A 100 -13.89 -5.23 10.68
C ARG A 100 -14.16 -5.76 12.09
N ASN A 101 -15.14 -6.63 12.19
CA ASN A 101 -15.49 -7.26 13.47
C ASN A 101 -14.46 -8.33 13.80
N PHE A 102 -13.64 -8.68 12.82
CA PHE A 102 -12.61 -9.65 13.05
C PHE A 102 -11.33 -8.94 13.43
N VAL A 103 -11.29 -7.63 13.14
CA VAL A 103 -10.12 -6.83 13.44
C VAL A 103 -9.70 -7.07 14.87
N CYS A 104 -8.38 -7.26 15.07
CA CYS A 104 -7.82 -7.66 16.33
C CYS A 104 -8.76 -7.30 17.45
N ASN A 105 -9.46 -8.35 17.82
CA ASN A 105 -10.44 -8.34 18.85
C ASN A 105 -10.04 -9.38 19.87
N GLY A 106 -8.80 -9.87 19.74
CA GLY A 106 -8.29 -10.85 20.69
C GLY A 106 -8.25 -12.27 20.10
N GLN A 107 -9.01 -12.51 19.03
CA GLN A 107 -9.03 -13.84 18.43
C GLN A 107 -8.09 -13.88 17.22
N ASP A 108 -7.48 -15.04 16.91
CA ASP A 108 -6.59 -15.11 15.74
C ASP A 108 -7.30 -15.67 14.52
N ASP A 109 -7.48 -14.80 13.53
CA ASP A 109 -8.10 -15.21 12.27
C ASP A 109 -6.99 -15.33 11.24
N CYS A 110 -6.47 -14.17 10.90
CA CYS A 110 -5.36 -14.00 9.98
C CYS A 110 -4.08 -14.51 10.63
N SER A 111 -4.08 -15.78 11.08
CA SER A 111 -2.97 -16.42 11.83
C SER A 111 -1.56 -15.92 11.48
N ASP A 112 -1.38 -15.21 10.36
CA ASP A 112 -0.07 -14.61 10.08
C ASP A 112 0.08 -13.37 10.99
N GLY A 113 -0.79 -13.29 12.04
CA GLY A 113 -0.79 -12.19 13.01
C GLY A 113 -0.88 -10.84 12.33
N SER A 114 -1.20 -10.82 11.05
CA SER A 114 -1.30 -9.56 10.31
C SER A 114 -2.50 -8.80 10.79
N ASP A 115 -3.53 -9.55 11.19
CA ASP A 115 -4.74 -8.88 11.71
C ASP A 115 -4.46 -8.26 13.09
N GLU A 116 -3.45 -8.78 13.78
CA GLU A 116 -3.10 -8.29 15.10
C GLU A 116 -1.63 -7.98 15.16
N LEU A 117 -1.05 -7.62 14.04
CA LEU A 117 0.35 -7.30 14.06
C LEU A 117 0.48 -5.88 14.53
N ASP A 118 0.96 -5.82 15.73
CA ASP A 118 1.17 -4.56 16.41
C ASP A 118 -0.16 -3.90 16.75
N CYS A 119 -1.20 -4.72 16.82
CA CYS A 119 -2.54 -4.21 17.14
C CYS A 119 -2.78 -4.27 18.64
N ALA A 120 -1.76 -3.96 19.41
CA ALA A 120 -1.87 -3.97 20.86
C ALA A 120 -3.05 -3.13 21.32
N PRO A 121 -3.47 -3.29 22.56
CA PRO A 121 -4.62 -2.53 23.12
C PRO A 121 -4.47 -1.03 22.92
N LYS A 1 24.89 1.55 26.09
CA LYS A 1 24.46 2.96 25.90
C LYS A 1 23.23 2.98 24.99
N THR A 2 22.49 4.08 25.04
CA THR A 2 21.29 4.22 24.22
C THR A 2 21.25 5.62 23.59
N CYS A 3 20.42 5.75 22.55
CA CYS A 3 20.29 7.03 21.85
C CYS A 3 19.99 8.16 22.83
N ALA A 4 20.10 9.40 22.35
CA ALA A 4 19.84 10.56 23.18
C ALA A 4 18.37 10.67 23.51
N GLU A 5 18.07 11.26 24.67
CA GLU A 5 16.68 11.40 25.13
C GLU A 5 15.68 11.77 23.99
N SER A 6 16.02 12.74 23.12
CA SER A 6 15.10 13.15 22.04
C SER A 6 15.04 12.14 20.89
N ASP A 7 15.67 10.98 21.06
CA ASP A 7 15.69 9.96 20.02
C ASP A 7 14.31 9.36 19.80
N PHE A 8 14.06 8.82 18.59
CA PHE A 8 12.77 8.17 18.31
C PHE A 8 12.95 6.66 18.39
N VAL A 9 12.09 5.97 19.14
CA VAL A 9 12.22 4.51 19.27
C VAL A 9 11.47 3.80 18.15
N CYS A 10 12.05 2.70 17.67
CA CYS A 10 11.38 1.90 16.63
C CYS A 10 10.68 0.74 17.32
N ASN A 11 9.67 0.18 16.68
CA ASN A 11 8.90 -0.89 17.32
C ASN A 11 9.58 -2.26 17.19
N ASN A 12 10.69 -2.34 16.48
CA ASN A 12 11.38 -3.61 16.33
C ASN A 12 12.49 -3.69 17.40
N GLY A 13 12.36 -2.86 18.45
CA GLY A 13 13.36 -2.84 19.51
C GLY A 13 14.55 -1.96 19.11
N GLN A 14 14.67 -1.67 17.81
CA GLN A 14 15.78 -0.85 17.33
C GLN A 14 15.63 0.62 17.71
N CYS A 15 16.75 1.33 17.77
CA CYS A 15 16.75 2.75 18.13
C CYS A 15 17.33 3.62 17.02
N VAL A 16 16.61 4.69 16.66
CA VAL A 16 17.10 5.63 15.64
C VAL A 16 16.93 7.08 16.05
N PRO A 17 18.02 7.80 16.25
CA PRO A 17 17.97 9.25 16.60
C PRO A 17 16.91 9.99 15.76
N SER A 18 16.46 11.14 16.25
CA SER A 18 15.42 11.94 15.59
C SER A 18 15.67 12.23 14.11
N ARG A 19 16.85 11.91 13.59
CA ARG A 19 17.18 12.25 12.20
C ARG A 19 16.93 11.15 11.15
N TRP A 20 16.38 9.98 11.52
CA TRP A 20 16.16 8.92 10.50
C TRP A 20 14.70 8.82 10.06
N LYS A 21 13.96 9.89 10.29
CA LYS A 21 12.53 10.03 9.93
C LYS A 21 12.24 9.51 8.51
N CYS A 22 10.91 9.42 8.12
CA CYS A 22 10.54 9.03 6.77
C CYS A 22 11.44 9.89 5.92
N ASP A 23 12.50 9.31 5.46
CA ASP A 23 13.49 10.03 4.69
C ASP A 23 14.13 9.09 3.71
N GLY A 24 13.50 7.95 3.51
CA GLY A 24 14.04 7.00 2.54
C GLY A 24 15.01 6.01 3.17
N ASP A 25 15.21 6.06 4.49
CA ASP A 25 16.16 5.15 5.10
C ASP A 25 15.48 3.89 5.71
N PRO A 26 16.00 2.71 5.39
CA PRO A 26 15.48 1.35 5.85
C PRO A 26 15.94 0.97 7.27
N ASP A 27 16.36 1.96 8.03
CA ASP A 27 16.95 1.72 9.36
C ASP A 27 16.17 0.72 10.23
N CYS A 28 14.85 0.63 10.15
CA CYS A 28 14.16 -0.36 10.96
C CYS A 28 13.75 -1.53 10.07
N GLU A 29 14.13 -2.76 10.45
CA GLU A 29 13.79 -3.92 9.64
C GLU A 29 12.28 -4.09 9.47
N ASP A 30 11.52 -3.33 10.26
CA ASP A 30 10.06 -3.44 10.20
C ASP A 30 9.46 -2.29 9.37
N GLY A 31 10.29 -1.37 8.87
CA GLY A 31 9.82 -0.25 8.04
C GLY A 31 8.97 0.77 8.84
N SER A 32 8.83 0.61 10.15
CA SER A 32 7.98 1.54 10.91
C SER A 32 8.57 2.95 11.06
N ASP A 33 9.89 3.08 11.22
CA ASP A 33 10.49 4.43 11.39
C ASP A 33 9.93 5.44 10.36
N GLU A 34 9.44 4.94 9.22
CA GLU A 34 8.93 5.82 8.18
C GLU A 34 7.39 5.74 8.06
N SER A 35 6.79 4.80 8.79
CA SER A 35 5.34 4.61 8.80
C SER A 35 4.68 5.47 9.90
N PRO A 36 3.36 5.55 9.91
CA PRO A 36 2.60 6.37 10.91
C PRO A 36 3.17 6.36 12.32
N GLU A 37 3.89 5.31 12.68
CA GLU A 37 4.45 5.21 14.02
C GLU A 37 5.47 6.33 14.28
N GLN A 38 6.40 6.53 13.34
CA GLN A 38 7.44 7.54 13.51
C GLN A 38 7.18 8.74 12.60
N CYS A 39 6.80 8.46 11.37
CA CYS A 39 6.51 9.51 10.40
C CYS A 39 5.07 9.95 10.58
N HIS A 40 4.60 9.95 11.85
CA HIS A 40 3.21 10.32 12.17
C HIS A 40 2.90 11.75 11.70
N MET A 41 2.85 11.93 10.39
CA MET A 41 2.58 13.22 9.77
C MET A 41 2.83 13.15 8.27
N ARG A 42 3.74 12.26 7.86
CA ARG A 42 4.05 12.09 6.44
C ARG A 42 4.22 10.61 6.08
N THR A 43 4.46 10.36 4.79
CA THR A 43 4.62 8.99 4.27
C THR A 43 6.07 8.53 4.31
N CYS A 44 6.24 7.21 4.29
CA CYS A 44 7.55 6.57 4.25
C CYS A 44 8.27 7.03 2.95
N ARG A 45 9.36 6.40 2.48
CA ARG A 45 9.98 6.92 1.25
C ARG A 45 10.95 5.88 0.66
N ILE A 46 10.95 5.73 -0.68
CA ILE A 46 11.85 4.75 -1.37
C ILE A 46 11.42 3.31 -1.10
N HIS A 47 11.57 2.85 0.14
CA HIS A 47 11.17 1.48 0.48
C HIS A 47 9.66 1.41 0.71
N GLU A 48 8.93 2.35 0.12
CA GLU A 48 7.48 2.43 0.22
C GLU A 48 7.06 3.67 -0.60
N ILE A 49 5.87 3.65 -1.20
CA ILE A 49 5.51 4.79 -2.07
C ILE A 49 4.68 5.80 -1.30
N SER A 50 4.39 6.91 -1.96
CA SER A 50 3.64 7.99 -1.35
C SER A 50 2.24 8.07 -1.96
N CYS A 51 1.24 8.14 -1.10
CA CYS A 51 -0.14 8.25 -1.58
C CYS A 51 -0.73 9.59 -1.17
N GLY A 52 -0.11 10.25 -0.18
CA GLY A 52 -0.62 11.54 0.27
C GLY A 52 0.41 12.38 1.02
N ALA A 53 0.83 13.51 0.42
CA ALA A 53 1.74 14.40 1.11
C ALA A 53 0.94 15.22 2.14
N HIS A 54 -0.39 15.02 2.13
CA HIS A 54 -1.24 15.73 3.09
C HIS A 54 -1.53 14.89 4.36
N SER A 55 -1.16 13.61 4.37
CA SER A 55 -1.41 12.72 5.49
C SER A 55 -0.26 11.72 5.60
N THR A 56 -0.37 10.79 6.53
CA THR A 56 0.66 9.75 6.66
C THR A 56 0.16 8.52 5.94
N GLN A 57 0.57 8.30 4.71
CA GLN A 57 0.17 7.08 4.05
C GLN A 57 1.17 6.60 3.01
N CYS A 58 1.89 5.55 3.36
CA CYS A 58 2.81 4.92 2.43
C CYS A 58 2.42 3.45 2.29
N ILE A 59 2.53 2.91 1.08
CA ILE A 59 2.18 1.51 0.86
C ILE A 59 3.23 0.85 -0.02
N PRO A 60 3.23 -0.44 -0.11
CA PRO A 60 4.22 -1.16 -0.95
C PRO A 60 3.91 -1.02 -2.43
N VAL A 61 4.86 -0.43 -3.17
CA VAL A 61 4.71 -0.18 -4.62
C VAL A 61 4.03 -1.35 -5.36
N SER A 62 4.08 -2.55 -4.80
CA SER A 62 3.50 -3.71 -5.44
C SER A 62 1.99 -3.56 -5.73
N TRP A 63 1.34 -2.47 -5.28
CA TRP A 63 -0.10 -2.33 -5.54
C TRP A 63 -0.30 -1.45 -6.77
N ARG A 64 0.71 -1.37 -7.59
CA ARG A 64 0.61 -0.61 -8.78
C ARG A 64 0.32 -1.64 -9.86
N CYS A 65 -0.96 -1.95 -10.01
CA CYS A 65 -1.37 -2.95 -11.01
C CYS A 65 -1.62 -2.28 -12.36
N ASP A 66 -1.55 -0.94 -12.39
CA ASP A 66 -1.75 -0.18 -13.60
C ASP A 66 -0.46 0.57 -13.94
N GLY A 67 0.61 0.29 -13.18
CA GLY A 67 1.91 0.98 -13.39
C GLY A 67 1.91 2.34 -12.68
N GLU A 68 1.09 2.45 -11.63
CA GLU A 68 1.02 3.66 -10.85
C GLU A 68 0.50 3.34 -9.44
N ASN A 69 0.76 4.17 -8.40
CA ASN A 69 0.11 3.90 -7.11
C ASN A 69 -0.97 4.96 -6.99
N ASP A 70 -2.22 4.59 -6.86
CA ASP A 70 -3.25 5.60 -6.77
C ASP A 70 -3.94 5.58 -5.40
N CYS A 71 -3.37 4.81 -4.50
CA CYS A 71 -3.90 4.59 -3.18
C CYS A 71 -4.02 5.86 -2.32
N ASP A 72 -4.40 7.03 -2.86
CA ASP A 72 -4.49 8.21 -1.98
C ASP A 72 -5.06 7.76 -0.63
N SER A 73 -6.23 7.11 -0.67
CA SER A 73 -6.84 6.59 0.54
C SER A 73 -6.82 5.05 0.56
N GLY A 74 -5.77 4.45 -0.02
CA GLY A 74 -5.64 2.97 -0.04
C GLY A 74 -6.79 2.30 -0.80
N GLU A 75 -7.53 3.08 -1.57
CA GLU A 75 -8.69 2.57 -2.31
C GLU A 75 -8.42 1.94 -3.71
N ASP A 76 -7.55 2.52 -4.54
CA ASP A 76 -7.42 1.99 -5.92
C ASP A 76 -6.93 0.55 -6.05
N GLU A 77 -6.01 0.13 -5.20
CA GLU A 77 -5.45 -1.22 -5.36
C GLU A 77 -5.28 -1.99 -4.07
N GLU A 78 -6.01 -1.65 -3.02
CA GLU A 78 -5.81 -2.37 -1.78
C GLU A 78 -5.93 -3.87 -2.02
N ASN A 79 -4.94 -4.62 -1.53
CA ASN A 79 -4.87 -6.06 -1.76
C ASN A 79 -5.15 -6.38 -3.23
N CYS A 80 -4.43 -5.69 -4.10
CA CYS A 80 -4.60 -5.92 -5.53
C CYS A 80 -3.79 -7.14 -6.00
N GLY A 81 -2.81 -7.56 -5.21
CA GLY A 81 -1.98 -8.70 -5.57
C GLY A 81 -2.78 -9.99 -5.56
N ASN A 82 -3.02 -10.50 -4.36
CA ASN A 82 -3.76 -11.73 -4.22
C ASN A 82 -5.20 -11.56 -4.72
N ILE A 83 -6.08 -11.26 -3.79
CA ILE A 83 -7.49 -11.07 -4.08
C ILE A 83 -7.93 -9.63 -3.88
N THR A 84 -8.70 -9.10 -4.81
CA THR A 84 -9.21 -7.73 -4.71
C THR A 84 -10.52 -7.68 -3.95
N CYS A 85 -10.43 -7.14 -2.77
CA CYS A 85 -11.58 -6.96 -1.90
C CYS A 85 -11.95 -5.50 -1.86
N SER A 86 -12.98 -5.15 -1.12
CA SER A 86 -13.36 -3.77 -1.04
C SER A 86 -12.58 -3.14 0.10
N PRO A 87 -11.94 -2.01 -0.11
CA PRO A 87 -11.17 -1.32 0.98
C PRO A 87 -12.01 -1.09 2.26
N ASP A 88 -13.32 -1.36 2.19
CA ASP A 88 -14.19 -1.18 3.34
C ASP A 88 -14.07 -2.37 4.30
N GLU A 89 -13.49 -3.46 3.80
CA GLU A 89 -13.33 -4.67 4.60
C GLU A 89 -11.85 -4.79 5.04
N PHE A 90 -11.54 -5.76 5.90
CA PHE A 90 -10.16 -5.93 6.36
C PHE A 90 -9.36 -6.73 5.34
N THR A 91 -8.04 -6.72 5.45
CA THR A 91 -7.21 -7.43 4.49
C THR A 91 -6.34 -8.48 5.15
N CYS A 92 -6.32 -9.69 4.58
CA CYS A 92 -5.50 -10.76 5.13
C CYS A 92 -4.24 -10.93 4.28
N SER A 93 -3.10 -11.34 4.88
CA SER A 93 -1.86 -11.46 4.12
C SER A 93 -2.07 -12.18 2.78
N SER A 94 -3.10 -13.03 2.71
CA SER A 94 -3.37 -13.79 1.49
C SER A 94 -4.35 -13.08 0.55
N GLY A 95 -4.71 -11.84 0.87
CA GLY A 95 -5.63 -11.07 0.04
C GLY A 95 -7.09 -11.32 0.41
N ARG A 96 -7.34 -12.19 1.37
CA ARG A 96 -8.70 -12.50 1.77
C ARG A 96 -9.22 -11.47 2.76
N CYS A 97 -10.33 -10.84 2.41
CA CYS A 97 -10.90 -9.84 3.28
C CYS A 97 -12.05 -10.37 4.11
N ILE A 98 -12.22 -9.82 5.30
CA ILE A 98 -13.28 -10.21 6.19
C ILE A 98 -13.85 -9.00 6.91
N SER A 99 -14.92 -9.21 7.66
CA SER A 99 -15.58 -8.13 8.35
C SER A 99 -14.62 -7.42 9.28
N ARG A 100 -14.77 -6.10 9.38
CA ARG A 100 -13.93 -5.30 10.25
C ARG A 100 -14.06 -5.71 11.71
N ASN A 101 -15.00 -6.60 11.97
CA ASN A 101 -15.23 -7.08 13.33
C ASN A 101 -14.16 -8.08 13.71
N PHE A 102 -13.52 -8.67 12.72
CA PHE A 102 -12.50 -9.66 13.02
C PHE A 102 -11.17 -9.01 13.34
N VAL A 103 -11.12 -7.70 13.15
CA VAL A 103 -9.90 -6.95 13.47
C VAL A 103 -9.52 -7.33 14.89
N CYS A 104 -8.22 -7.58 15.12
CA CYS A 104 -7.76 -8.12 16.37
C CYS A 104 -8.65 -7.75 17.52
N ASN A 105 -9.44 -8.76 17.83
CA ASN A 105 -10.34 -8.73 18.95
C ASN A 105 -9.74 -9.63 20.01
N GLY A 106 -8.43 -9.93 19.83
CA GLY A 106 -7.72 -10.78 20.76
C GLY A 106 -7.76 -12.25 20.32
N GLN A 107 -8.57 -12.57 19.30
CA GLN A 107 -8.67 -13.94 18.83
C GLN A 107 -8.32 -14.06 17.32
N ASP A 108 -7.70 -15.19 16.91
CA ASP A 108 -7.35 -15.40 15.48
C ASP A 108 -8.55 -15.05 14.62
N ASP A 109 -8.34 -14.79 13.33
CA ASP A 109 -9.46 -14.44 12.49
C ASP A 109 -9.24 -14.75 11.01
N CYS A 110 -8.24 -14.12 10.37
CA CYS A 110 -8.08 -14.35 8.95
C CYS A 110 -7.09 -15.50 8.59
N SER A 111 -5.81 -15.41 8.92
CA SER A 111 -4.92 -16.52 8.58
C SER A 111 -4.61 -17.42 9.77
N ASP A 112 -3.98 -16.83 10.77
CA ASP A 112 -3.59 -17.57 11.99
C ASP A 112 -3.70 -16.77 13.31
N GLY A 113 -3.48 -15.46 13.23
CA GLY A 113 -3.46 -14.61 14.42
C GLY A 113 -2.60 -13.38 14.18
N SER A 114 -1.86 -13.35 13.05
CA SER A 114 -1.04 -12.19 12.71
C SER A 114 -1.90 -10.95 12.81
N ASP A 115 -3.20 -11.13 12.58
CA ASP A 115 -4.17 -10.01 12.67
C ASP A 115 -4.10 -9.33 14.06
N GLU A 116 -3.38 -9.94 15.01
CA GLU A 116 -3.24 -9.39 16.34
C GLU A 116 -1.78 -9.37 16.73
N LEU A 117 -0.90 -9.53 15.74
CA LEU A 117 0.50 -9.43 16.04
C LEU A 117 0.92 -8.07 15.59
N ASP A 118 1.16 -7.27 16.57
CA ASP A 118 1.58 -5.91 16.35
C ASP A 118 0.48 -5.11 15.66
N CYS A 119 -0.75 -5.61 15.76
CA CYS A 119 -1.87 -4.92 15.12
C CYS A 119 -2.27 -3.64 15.87
N ALA A 120 -1.54 -3.34 16.93
CA ALA A 120 -1.82 -2.15 17.72
C ALA A 120 -1.05 -0.94 17.17
N PRO A 121 -1.45 0.25 17.53
CA PRO A 121 -0.79 1.50 17.06
C PRO A 121 0.52 1.77 17.81
N LYS A 1 22.75 10.99 19.10
CA LYS A 1 22.52 9.52 19.18
C LYS A 1 21.29 9.17 18.34
N THR A 2 20.22 9.93 18.51
CA THR A 2 18.99 9.70 17.77
C THR A 2 18.67 10.89 16.88
N CYS A 3 17.82 10.68 15.89
CA CYS A 3 17.45 11.76 14.98
C CYS A 3 17.01 12.99 15.76
N ALA A 4 16.97 14.14 15.09
CA ALA A 4 16.58 15.38 15.74
C ALA A 4 15.21 15.26 16.39
N GLU A 5 15.05 15.93 17.53
CA GLU A 5 13.79 15.88 18.29
C GLU A 5 12.53 15.92 17.38
N SER A 6 12.51 16.76 16.34
CA SER A 6 11.33 16.86 15.47
C SER A 6 11.44 15.96 14.23
N ASP A 7 12.26 14.94 14.29
CA ASP A 7 12.43 14.03 13.16
C ASP A 7 11.18 13.18 12.91
N PHE A 8 10.75 13.07 11.65
CA PHE A 8 9.55 12.24 11.35
C PHE A 8 9.86 10.79 11.72
N VAL A 9 9.23 10.28 12.78
CA VAL A 9 9.49 8.91 13.19
C VAL A 9 8.61 7.90 12.47
N CYS A 10 9.24 6.99 11.73
CA CYS A 10 8.48 5.95 11.04
C CYS A 10 8.15 4.85 12.05
N ASN A 11 6.93 4.32 11.95
CA ASN A 11 6.41 3.31 12.89
C ASN A 11 7.28 2.07 12.95
N ASN A 12 8.28 1.96 12.10
CA ASN A 12 9.14 0.80 12.12
C ASN A 12 10.27 1.04 13.14
N GLY A 13 10.09 2.05 14.02
CA GLY A 13 11.13 2.35 14.99
C GLY A 13 12.20 3.23 14.36
N GLN A 14 12.15 3.41 13.02
CA GLN A 14 13.15 4.19 12.33
C GLN A 14 12.88 5.70 12.43
N CYS A 15 13.96 6.48 12.50
CA CYS A 15 13.85 7.94 12.60
C CYS A 15 14.53 8.68 11.43
N VAL A 16 13.88 9.74 10.94
CA VAL A 16 14.41 10.53 9.83
C VAL A 16 14.17 12.02 10.05
N PRO A 17 15.22 12.82 10.21
CA PRO A 17 15.09 14.29 10.37
C PRO A 17 14.00 14.87 9.45
N SER A 18 13.41 15.99 9.87
CA SER A 18 12.31 16.66 9.18
C SER A 18 12.45 16.78 7.64
N ARG A 19 13.60 16.48 7.08
CA ARG A 19 13.81 16.68 5.63
C ARG A 19 13.51 15.45 4.74
N TRP A 20 13.01 14.33 5.28
CA TRP A 20 12.75 13.17 4.40
C TRP A 20 11.27 13.02 4.00
N LYS A 21 10.56 14.14 4.04
CA LYS A 21 9.12 14.23 3.71
C LYS A 21 8.73 13.37 2.48
N CYS A 22 7.39 13.13 2.31
CA CYS A 22 6.86 12.43 1.17
C CYS A 22 7.55 13.08 0.00
N ASP A 23 8.54 12.41 -0.50
CA ASP A 23 9.32 12.90 -1.61
C ASP A 23 9.95 11.72 -2.29
N GLY A 24 9.31 10.56 -2.12
CA GLY A 24 9.81 9.34 -2.73
C GLY A 24 11.11 8.85 -2.12
N ASP A 25 11.55 9.44 -1.02
CA ASP A 25 12.78 8.99 -0.43
C ASP A 25 12.50 7.73 0.45
N PRO A 26 13.09 6.58 0.10
CA PRO A 26 12.89 5.24 0.80
C PRO A 26 13.37 5.17 2.26
N ASP A 27 13.52 6.30 2.91
CA ASP A 27 14.10 6.34 4.27
C ASP A 27 13.47 5.32 5.22
N CYS A 28 12.16 5.01 5.14
CA CYS A 28 11.60 4.02 6.04
C CYS A 28 11.21 2.78 5.25
N GLU A 29 11.74 1.61 5.63
CA GLU A 29 11.44 0.38 4.91
C GLU A 29 9.93 0.09 4.93
N ASP A 30 9.21 0.79 5.82
CA ASP A 30 7.78 0.58 5.94
C ASP A 30 6.99 1.61 5.12
N GLY A 31 7.70 2.55 4.46
CA GLY A 31 7.05 3.55 3.61
C GLY A 31 6.18 4.57 4.38
N SER A 32 6.14 4.52 5.70
CA SER A 32 5.25 5.46 6.42
C SER A 32 5.70 6.92 6.34
N ASP A 33 7.01 7.19 6.36
CA ASP A 33 7.49 8.60 6.30
C ASP A 33 6.76 9.41 5.20
N GLU A 34 6.17 8.72 4.21
CA GLU A 34 5.48 9.44 3.14
C GLU A 34 3.96 9.21 3.17
N SER A 35 3.51 8.30 4.05
CA SER A 35 2.09 7.98 4.20
C SER A 35 1.43 8.89 5.25
N PRO A 36 0.11 8.85 5.36
CA PRO A 36 -0.67 9.69 6.32
C PRO A 36 -0.04 9.87 7.70
N GLU A 37 0.85 8.96 8.10
CA GLU A 37 1.47 9.08 9.41
C GLU A 37 2.40 10.29 9.50
N GLN A 38 3.27 10.45 8.51
CA GLN A 38 4.23 11.56 8.53
C GLN A 38 3.90 12.62 7.48
N CYS A 39 3.52 12.19 6.28
CA CYS A 39 3.15 13.13 5.23
C CYS A 39 1.70 13.50 5.39
N HIS A 40 1.21 13.55 6.63
CA HIS A 40 -0.20 13.87 6.91
C HIS A 40 -0.64 15.16 6.21
N MET A 41 -0.77 15.09 4.88
CA MET A 41 -1.16 16.24 4.06
C MET A 41 -0.90 15.95 2.56
N ARG A 42 0.12 15.11 2.27
CA ARG A 42 0.44 14.78 0.88
C ARG A 42 0.72 13.29 0.65
N THR A 43 0.87 12.93 -0.61
CA THR A 43 1.09 11.53 -1.02
C THR A 43 2.57 11.22 -1.26
N CYS A 44 2.90 9.96 -1.08
CA CYS A 44 4.24 9.43 -1.34
C CYS A 44 4.48 9.44 -2.88
N ARG A 45 5.60 10.03 -3.33
CA ARG A 45 5.88 10.13 -4.80
C ARG A 45 6.95 9.10 -5.23
N ILE A 46 6.84 8.54 -6.46
CA ILE A 46 7.83 7.54 -6.95
C ILE A 46 7.62 6.19 -6.29
N HIS A 47 7.90 6.10 -4.99
CA HIS A 47 7.70 4.85 -4.26
C HIS A 47 6.21 4.56 -4.02
N GLU A 48 5.34 5.32 -4.70
CA GLU A 48 3.90 5.16 -4.58
C GLU A 48 3.27 6.28 -5.45
N ILE A 49 2.04 6.10 -5.93
CA ILE A 49 1.45 7.09 -6.84
C ILE A 49 0.56 8.05 -6.04
N SER A 50 0.01 9.02 -6.74
CA SER A 50 -0.82 10.04 -6.13
C SER A 50 -2.31 9.84 -6.41
N CYS A 51 -3.10 9.81 -5.34
CA CYS A 51 -4.54 9.74 -5.49
C CYS A 51 -5.05 11.19 -5.52
N GLY A 52 -4.26 12.10 -4.91
CA GLY A 52 -4.62 13.51 -4.88
C GLY A 52 -3.71 14.31 -3.95
N ALA A 53 -3.23 15.47 -4.42
CA ALA A 53 -2.40 16.31 -3.58
C ALA A 53 -3.28 17.11 -2.62
N HIS A 54 -4.60 16.94 -2.73
CA HIS A 54 -5.51 17.68 -1.83
C HIS A 54 -5.65 16.96 -0.46
N SER A 55 -5.26 15.69 -0.38
CA SER A 55 -5.38 14.91 0.84
C SER A 55 -4.16 14.02 0.96
N THR A 56 -4.11 13.20 2.01
CA THR A 56 -3.00 12.28 2.17
C THR A 56 -3.45 10.93 1.65
N GLN A 57 -3.13 10.60 0.41
CA GLN A 57 -3.50 9.31 -0.10
C GLN A 57 -2.54 8.82 -1.18
N CYS A 58 -1.65 7.90 -0.83
CA CYS A 58 -0.70 7.31 -1.78
C CYS A 58 -0.80 5.78 -1.78
N ILE A 59 -0.60 5.17 -2.96
CA ILE A 59 -0.67 3.70 -3.08
C ILE A 59 0.37 3.20 -4.11
N PRO A 60 0.98 2.04 -3.89
CA PRO A 60 2.01 1.47 -4.83
C PRO A 60 1.44 1.18 -6.23
N VAL A 61 2.04 1.80 -7.25
CA VAL A 61 1.61 1.63 -8.65
C VAL A 61 1.28 0.17 -8.99
N SER A 62 1.89 -0.78 -8.28
CA SER A 62 1.65 -2.20 -8.55
C SER A 62 0.16 -2.57 -8.48
N TRP A 63 -0.65 -1.67 -7.91
CA TRP A 63 -2.09 -1.95 -7.79
C TRP A 63 -2.89 -1.36 -8.96
N ARG A 64 -2.21 -1.02 -10.03
CA ARG A 64 -2.91 -0.58 -11.17
C ARG A 64 -3.38 -1.90 -11.80
N CYS A 65 -4.54 -2.38 -11.33
CA CYS A 65 -5.06 -3.67 -11.81
C CYS A 65 -5.67 -3.53 -13.20
N ASP A 66 -5.87 -2.30 -13.63
CA ASP A 66 -6.42 -2.03 -14.93
C ASP A 66 -5.39 -1.27 -15.76
N GLY A 67 -4.12 -1.37 -15.36
CA GLY A 67 -3.04 -0.65 -16.05
C GLY A 67 -3.29 0.84 -15.89
N GLU A 68 -3.93 1.20 -14.78
CA GLU A 68 -4.22 2.59 -14.49
C GLU A 68 -4.34 2.81 -12.96
N ASN A 69 -4.23 4.08 -12.48
CA ASN A 69 -4.47 4.31 -11.06
C ASN A 69 -5.87 4.86 -10.93
N ASP A 70 -6.61 4.32 -10.00
CA ASP A 70 -7.96 4.74 -9.77
C ASP A 70 -8.11 5.45 -8.41
N CYS A 71 -7.27 5.12 -7.40
CA CYS A 71 -7.37 5.68 -6.04
C CYS A 71 -7.72 7.18 -5.93
N ASP A 72 -7.62 7.97 -6.99
CA ASP A 72 -8.07 9.39 -6.97
C ASP A 72 -9.61 9.52 -6.78
N SER A 73 -10.22 8.44 -6.26
CA SER A 73 -11.64 8.28 -6.00
C SER A 73 -11.90 6.81 -6.22
N GLY A 74 -11.09 6.25 -7.12
CA GLY A 74 -11.11 4.89 -7.47
C GLY A 74 -10.28 4.02 -6.53
N GLU A 75 -10.63 4.00 -5.25
CA GLU A 75 -9.92 3.20 -4.19
C GLU A 75 -9.56 1.72 -4.62
N ASP A 76 -9.89 1.37 -5.86
CA ASP A 76 -9.71 -0.02 -6.40
C ASP A 76 -8.35 -0.61 -6.09
N GLU A 77 -7.40 0.22 -5.79
CA GLU A 77 -6.04 -0.31 -5.58
C GLU A 77 -5.79 -0.86 -4.20
N GLU A 78 -6.58 -0.49 -3.21
CA GLU A 78 -6.29 -1.04 -1.89
C GLU A 78 -6.35 -2.56 -1.95
N ASN A 79 -5.27 -3.20 -1.51
CA ASN A 79 -5.14 -4.66 -1.54
C ASN A 79 -5.66 -5.26 -2.83
N CYS A 80 -5.20 -4.70 -3.96
CA CYS A 80 -5.61 -5.23 -5.25
C CYS A 80 -4.71 -6.40 -5.69
N GLY A 81 -3.66 -6.69 -4.92
CA GLY A 81 -2.75 -7.78 -5.26
C GLY A 81 -3.48 -9.11 -5.32
N ASN A 82 -3.50 -9.81 -4.21
CA ASN A 82 -4.17 -11.10 -4.15
C ASN A 82 -5.65 -10.96 -4.50
N ILE A 83 -6.44 -10.68 -3.49
CA ILE A 83 -7.88 -10.51 -3.64
C ILE A 83 -8.26 -9.05 -3.45
N THR A 84 -9.23 -8.58 -4.23
CA THR A 84 -9.67 -7.21 -4.11
C THR A 84 -10.76 -7.08 -3.08
N CYS A 85 -10.40 -6.50 -1.96
CA CYS A 85 -11.33 -6.26 -0.88
C CYS A 85 -12.00 -4.93 -1.09
N SER A 86 -12.90 -4.59 -0.20
CA SER A 86 -13.54 -3.32 -0.29
C SER A 86 -12.77 -2.38 0.64
N PRO A 87 -12.38 -1.21 0.19
CA PRO A 87 -11.63 -0.23 1.04
C PRO A 87 -12.19 -0.09 2.48
N ASP A 88 -13.39 -0.59 2.75
CA ASP A 88 -13.95 -0.51 4.09
C ASP A 88 -13.92 -1.88 4.77
N GLU A 89 -12.96 -2.71 4.33
CA GLU A 89 -12.83 -4.07 4.88
C GLU A 89 -11.37 -4.36 5.19
N PHE A 90 -11.10 -5.45 5.90
CA PHE A 90 -9.74 -5.83 6.23
C PHE A 90 -9.16 -6.73 5.14
N THR A 91 -7.84 -6.87 5.14
CA THR A 91 -7.18 -7.70 4.14
C THR A 91 -6.25 -8.71 4.81
N CYS A 92 -6.26 -9.95 4.30
CA CYS A 92 -5.40 -10.98 4.89
C CYS A 92 -4.08 -11.08 4.11
N SER A 93 -3.05 -11.75 4.69
CA SER A 93 -1.78 -11.85 3.99
C SER A 93 -1.95 -12.55 2.65
N SER A 94 -3.06 -13.28 2.49
CA SER A 94 -3.32 -13.97 1.25
C SER A 94 -4.30 -13.16 0.40
N GLY A 95 -4.75 -12.02 0.93
CA GLY A 95 -5.69 -11.16 0.22
C GLY A 95 -7.11 -11.33 0.75
N ARG A 96 -7.36 -12.42 1.46
CA ARG A 96 -8.69 -12.70 1.98
C ARG A 96 -9.19 -11.58 2.87
N CYS A 97 -10.34 -11.05 2.50
CA CYS A 97 -10.93 -9.94 3.22
C CYS A 97 -12.09 -10.39 4.10
N ILE A 98 -12.29 -9.64 5.18
CA ILE A 98 -13.35 -9.91 6.13
C ILE A 98 -13.83 -8.60 6.71
N SER A 99 -14.77 -8.66 7.63
CA SER A 99 -15.30 -7.45 8.22
C SER A 99 -14.40 -6.97 9.35
N ARG A 100 -14.49 -5.68 9.67
CA ARG A 100 -13.68 -5.11 10.74
C ARG A 100 -14.00 -5.75 12.09
N ASN A 101 -15.04 -6.55 12.11
CA ASN A 101 -15.45 -7.26 13.31
C ASN A 101 -14.43 -8.33 13.67
N PHE A 102 -13.61 -8.69 12.68
CA PHE A 102 -12.60 -9.70 12.92
C PHE A 102 -11.34 -9.04 13.44
N VAL A 103 -11.21 -7.75 13.17
CA VAL A 103 -10.03 -7.00 13.59
C VAL A 103 -9.74 -7.27 15.07
N CYS A 104 -8.43 -7.35 15.38
CA CYS A 104 -7.94 -7.77 16.67
C CYS A 104 -9.01 -7.56 17.70
N ASN A 105 -9.61 -8.70 17.97
CA ASN A 105 -10.66 -8.85 18.93
C ASN A 105 -10.18 -9.84 19.97
N GLY A 106 -8.86 -10.06 19.97
CA GLY A 106 -8.26 -10.98 20.93
C GLY A 106 -8.03 -12.35 20.33
N GLN A 107 -8.74 -12.66 19.25
CA GLN A 107 -8.60 -13.95 18.59
C GLN A 107 -8.07 -13.72 17.16
N ASP A 108 -7.01 -14.44 16.74
CA ASP A 108 -6.47 -14.21 15.40
C ASP A 108 -7.15 -15.10 14.35
N ASP A 109 -7.59 -14.45 13.28
CA ASP A 109 -8.24 -15.15 12.17
C ASP A 109 -7.23 -15.30 11.07
N CYS A 110 -6.85 -14.16 10.51
CA CYS A 110 -5.83 -14.04 9.50
C CYS A 110 -4.47 -14.23 10.17
N SER A 111 -4.32 -15.38 10.87
CA SER A 111 -3.14 -15.71 11.71
C SER A 111 -1.81 -15.13 11.22
N ASP A 112 -1.71 -14.68 9.98
CA ASP A 112 -0.47 -14.01 9.56
C ASP A 112 -0.35 -12.66 10.32
N GLY A 113 -1.34 -12.39 11.20
CA GLY A 113 -1.36 -11.20 12.04
C GLY A 113 -1.77 -9.97 11.25
N SER A 114 -1.94 -10.10 9.95
CA SER A 114 -2.37 -8.97 9.13
C SER A 114 -3.66 -8.40 9.68
N ASP A 115 -4.51 -9.28 10.20
CA ASP A 115 -5.78 -8.79 10.77
C ASP A 115 -5.54 -7.99 12.07
N GLU A 116 -4.34 -8.16 12.64
CA GLU A 116 -3.97 -7.49 13.86
C GLU A 116 -2.62 -6.83 13.73
N LEU A 117 -2.20 -6.60 12.49
CA LEU A 117 -0.95 -5.95 12.30
C LEU A 117 -1.22 -4.50 12.07
N ASP A 118 -0.87 -3.78 13.07
CA ASP A 118 -1.04 -2.34 13.09
C ASP A 118 -2.53 -2.00 13.18
N CYS A 119 -3.27 -2.88 13.84
CA CYS A 119 -4.71 -2.67 13.99
C CYS A 119 -5.03 -1.83 15.22
N ALA A 120 -4.14 -0.91 15.54
CA ALA A 120 -4.34 -0.03 16.69
C ALA A 120 -5.24 1.14 16.32
N PRO A 121 -5.77 1.83 17.30
CA PRO A 121 -6.66 3.00 17.08
C PRO A 121 -5.88 4.27 16.75
N LYS A 1 28.38 -5.94 19.08
CA LYS A 1 27.91 -4.74 18.33
C LYS A 1 26.53 -4.34 18.84
N THR A 2 26.50 -3.34 19.72
CA THR A 2 25.24 -2.86 20.27
C THR A 2 25.10 -1.36 20.04
N CYS A 3 23.86 -0.88 20.12
CA CYS A 3 23.60 0.54 19.91
C CYS A 3 23.66 1.31 21.23
N ALA A 4 23.69 2.64 21.13
CA ALA A 4 23.76 3.49 22.31
C ALA A 4 22.36 3.69 22.91
N GLU A 5 22.31 3.83 24.23
CA GLU A 5 21.03 4.02 24.95
C GLU A 5 20.02 4.97 24.27
N SER A 6 20.43 5.83 23.32
CA SER A 6 19.47 6.76 22.68
C SER A 6 19.32 6.45 21.19
N ASP A 7 19.61 5.21 20.82
CA ASP A 7 19.51 4.79 19.43
C ASP A 7 18.10 4.24 19.16
N PHE A 8 17.58 4.43 17.94
CA PHE A 8 16.19 3.98 17.63
C PHE A 8 16.04 2.48 17.74
N VAL A 9 14.97 2.00 18.37
CA VAL A 9 14.74 0.57 18.48
C VAL A 9 13.81 0.12 17.37
N CYS A 10 14.09 -1.05 16.80
CA CYS A 10 13.25 -1.59 15.71
C CYS A 10 12.44 -2.77 16.26
N ASN A 11 11.35 -3.13 15.57
CA ASN A 11 10.47 -4.22 16.07
C ASN A 11 11.13 -5.59 16.09
N ASN A 12 12.13 -5.82 15.26
CA ASN A 12 12.78 -7.13 15.25
C ASN A 12 13.82 -7.20 16.37
N GLY A 13 13.74 -6.30 17.35
CA GLY A 13 14.71 -6.30 18.43
C GLY A 13 16.03 -5.69 17.95
N GLN A 14 16.10 -5.35 16.65
CA GLN A 14 17.33 -4.76 16.12
C GLN A 14 17.43 -3.31 16.56
N CYS A 15 18.66 -2.85 16.78
CA CYS A 15 18.88 -1.47 17.21
C CYS A 15 19.78 -0.72 16.23
N VAL A 16 19.36 0.49 15.84
CA VAL A 16 20.16 1.30 14.92
C VAL A 16 20.34 2.73 15.46
N PRO A 17 21.55 3.25 15.39
CA PRO A 17 21.83 4.65 15.82
C PRO A 17 20.76 5.61 15.28
N SER A 18 20.50 6.68 16.04
CA SER A 18 19.48 7.68 15.70
C SER A 18 19.53 8.18 14.26
N ARG A 19 20.58 7.87 13.54
CA ARG A 19 20.75 8.37 12.17
C ARG A 19 20.23 7.44 11.06
N TRP A 20 19.60 6.30 11.38
CA TRP A 20 19.12 5.41 10.31
C TRP A 20 17.63 5.60 9.98
N LYS A 21 17.12 6.77 10.32
CA LYS A 21 15.72 7.19 10.09
C LYS A 21 15.21 6.76 8.68
N CYS A 22 13.86 6.89 8.43
CA CYS A 22 13.30 6.61 7.13
C CYS A 22 14.22 7.33 6.19
N ASP A 23 15.06 6.57 5.57
CA ASP A 23 16.06 7.10 4.66
C ASP A 23 16.43 6.03 3.67
N GLY A 24 15.55 5.05 3.53
CA GLY A 24 15.81 3.95 2.59
C GLY A 24 16.81 2.94 3.14
N ASP A 25 17.17 3.05 4.40
CA ASP A 25 18.12 2.11 4.96
C ASP A 25 17.36 0.96 5.67
N PRO A 26 17.36 -0.25 5.10
CA PRO A 26 16.66 -1.49 5.63
C PRO A 26 17.24 -2.06 6.92
N ASP A 27 17.92 -1.24 7.70
CA ASP A 27 18.62 -1.73 8.91
C ASP A 27 17.76 -2.72 9.71
N CYS A 28 16.44 -2.56 9.72
CA CYS A 28 15.60 -3.54 10.38
C CYS A 28 14.68 -4.13 9.33
N GLU A 29 14.85 -5.43 9.04
CA GLU A 29 14.04 -6.09 8.03
C GLU A 29 12.59 -6.21 8.44
N ASP A 30 12.36 -6.57 9.70
CA ASP A 30 11.00 -6.73 10.19
C ASP A 30 10.59 -5.58 11.10
N GLY A 31 11.49 -4.64 11.37
CA GLY A 31 11.14 -3.52 12.25
C GLY A 31 10.51 -2.33 11.51
N SER A 32 10.63 -2.25 10.19
CA SER A 32 10.07 -1.10 9.48
C SER A 32 10.51 0.22 10.13
N ASP A 33 11.82 0.36 10.33
CA ASP A 33 12.38 1.57 10.96
C ASP A 33 11.99 2.83 10.18
N GLU A 34 11.41 2.67 9.00
CA GLU A 34 11.04 3.81 8.17
C GLU A 34 9.52 4.02 8.15
N SER A 35 8.79 3.18 8.88
CA SER A 35 7.33 3.24 8.96
C SER A 35 6.87 4.14 10.11
N PRO A 36 5.59 4.46 10.15
CA PRO A 36 4.99 5.32 11.22
C PRO A 36 5.47 4.99 12.64
N GLU A 37 5.99 3.79 12.84
CA GLU A 37 6.47 3.40 14.16
C GLU A 37 7.71 4.21 14.54
N GLN A 38 8.66 4.30 13.62
CA GLN A 38 9.91 5.03 13.89
C GLN A 38 9.96 6.34 13.12
N CYS A 39 9.57 6.30 11.86
CA CYS A 39 9.53 7.50 11.03
C CYS A 39 8.23 8.22 11.26
N HIS A 40 7.72 8.19 12.51
CA HIS A 40 6.44 8.82 12.86
C HIS A 40 6.43 10.31 12.47
N MET A 41 6.39 10.57 11.16
CA MET A 41 6.39 11.92 10.61
C MET A 41 6.63 11.88 9.10
N ARG A 42 7.34 10.84 8.64
CA ARG A 42 7.63 10.72 7.21
C ARG A 42 7.52 9.26 6.71
N THR A 43 7.59 9.12 5.40
CA THR A 43 7.49 7.82 4.74
C THR A 43 8.87 7.22 4.45
N CYS A 44 8.92 5.89 4.36
CA CYS A 44 10.13 5.15 4.02
C CYS A 44 10.69 5.69 2.67
N ARG A 45 11.76 5.12 2.08
CA ARG A 45 12.27 5.64 0.78
C ARG A 45 13.00 4.54 -0.02
N ILE A 46 12.59 4.30 -1.28
CA ILE A 46 13.23 3.24 -2.14
C ILE A 46 12.66 1.87 -1.83
N HIS A 47 12.95 1.35 -0.63
CA HIS A 47 12.43 0.04 -0.23
C HIS A 47 10.94 0.12 0.14
N GLU A 48 10.29 1.21 -0.27
CA GLU A 48 8.88 1.44 0.00
C GLU A 48 8.57 2.82 -0.60
N ILE A 49 7.34 3.06 -1.07
CA ILE A 49 7.05 4.32 -1.77
C ILE A 49 6.42 5.34 -0.82
N SER A 50 6.23 6.53 -1.35
CA SER A 50 5.65 7.64 -0.62
C SER A 50 4.18 7.84 -0.98
N CYS A 51 3.30 7.81 0.02
CA CYS A 51 1.89 8.07 -0.23
C CYS A 51 1.64 9.57 0.00
N GLY A 52 2.58 10.23 0.70
CA GLY A 52 2.44 11.66 0.97
C GLY A 52 3.47 12.16 1.98
N ALA A 53 4.11 13.29 1.68
CA ALA A 53 5.07 13.88 2.61
C ALA A 53 4.32 14.64 3.70
N HIS A 54 2.99 14.70 3.60
CA HIS A 54 2.21 15.42 4.62
C HIS A 54 1.86 14.51 5.83
N SER A 55 1.97 13.19 5.68
CA SER A 55 1.64 12.26 6.75
C SER A 55 2.68 11.13 6.75
N THR A 56 2.51 10.18 7.65
CA THR A 56 3.42 9.04 7.70
C THR A 56 2.76 7.88 6.99
N GLN A 57 3.06 7.67 5.72
CA GLN A 57 2.48 6.54 5.04
C GLN A 57 3.36 6.04 3.89
N CYS A 58 4.03 4.92 4.11
CA CYS A 58 4.84 4.28 3.08
C CYS A 58 4.38 2.84 2.86
N ILE A 59 4.33 2.41 1.60
CA ILE A 59 3.90 1.03 1.29
C ILE A 59 4.74 0.45 0.15
N PRO A 60 4.82 -0.85 0.04
CA PRO A 60 5.62 -1.50 -1.03
C PRO A 60 5.25 -1.01 -2.43
N VAL A 61 6.26 -0.49 -3.15
CA VAL A 61 6.05 0.05 -4.52
C VAL A 61 5.22 -0.90 -5.39
N SER A 62 5.12 -2.16 -5.01
CA SER A 62 4.37 -3.12 -5.81
C SER A 62 2.86 -2.85 -5.79
N TRP A 63 2.41 -1.76 -5.15
CA TRP A 63 0.98 -1.46 -5.08
C TRP A 63 0.60 -0.53 -6.24
N ARG A 64 1.37 -0.61 -7.30
CA ARG A 64 1.11 0.19 -8.43
C ARG A 64 0.52 -0.75 -9.48
N CYS A 65 -0.80 -0.94 -9.42
CA CYS A 65 -1.45 -1.84 -10.39
C CYS A 65 -1.79 -1.08 -11.67
N ASP A 66 -1.59 0.24 -11.66
CA ASP A 66 -1.87 1.07 -12.81
C ASP A 66 -0.57 1.75 -13.28
N GLY A 67 0.57 1.26 -12.75
CA GLY A 67 1.88 1.88 -13.10
C GLY A 67 2.07 3.18 -12.32
N GLU A 68 1.36 3.28 -11.19
CA GLU A 68 1.45 4.44 -10.33
C GLU A 68 1.02 4.03 -8.92
N ASN A 69 1.52 4.66 -7.82
CA ASN A 69 0.96 4.31 -6.51
C ASN A 69 0.13 5.52 -6.11
N ASP A 70 -1.13 5.35 -5.79
CA ASP A 70 -1.93 6.51 -5.45
C ASP A 70 -2.54 6.45 -4.07
N CYS A 71 -1.98 5.53 -3.29
CA CYS A 71 -2.31 5.21 -1.92
C CYS A 71 -2.35 6.41 -0.99
N ASP A 72 -2.88 7.58 -1.34
CA ASP A 72 -2.85 8.69 -0.37
C ASP A 72 -3.16 8.12 1.01
N SER A 73 -4.30 7.44 1.13
CA SER A 73 -4.68 6.80 2.37
C SER A 73 -4.72 5.26 2.22
N GLY A 74 -3.83 4.70 1.37
CA GLY A 74 -3.74 3.25 1.16
C GLY A 74 -5.04 2.66 0.60
N GLU A 75 -5.86 3.51 0.02
CA GLU A 75 -7.14 3.09 -0.53
C GLU A 75 -7.09 2.50 -1.96
N ASP A 76 -6.22 2.99 -2.86
CA ASP A 76 -6.30 2.50 -4.25
C ASP A 76 -5.81 1.07 -4.48
N GLU A 77 -4.78 0.61 -3.80
CA GLU A 77 -4.27 -0.73 -4.12
C GLU A 77 -3.99 -1.60 -2.91
N GLU A 78 -4.53 -1.28 -1.75
CA GLU A 78 -4.25 -2.11 -0.61
C GLU A 78 -4.56 -3.54 -0.95
N ASN A 79 -3.61 -4.43 -0.70
CA ASN A 79 -3.75 -5.83 -1.07
C ASN A 79 -4.19 -5.94 -2.52
N CYS A 80 -3.46 -5.26 -3.39
CA CYS A 80 -3.77 -5.32 -4.82
C CYS A 80 -3.08 -6.52 -5.49
N GLY A 81 -2.08 -7.11 -4.80
CA GLY A 81 -1.36 -8.25 -5.36
C GLY A 81 -2.23 -9.49 -5.40
N ASN A 82 -2.39 -10.11 -4.24
CA ASN A 82 -3.21 -11.31 -4.15
C ASN A 82 -4.61 -11.02 -4.67
N ILE A 83 -5.50 -10.74 -3.75
CA ILE A 83 -6.88 -10.42 -4.07
C ILE A 83 -7.20 -8.97 -3.72
N THR A 84 -7.91 -8.29 -4.60
CA THR A 84 -8.26 -6.90 -4.36
C THR A 84 -9.52 -6.80 -3.51
N CYS A 85 -9.31 -6.39 -2.28
CA CYS A 85 -10.42 -6.20 -1.35
C CYS A 85 -10.63 -4.72 -1.18
N SER A 86 -11.62 -4.33 -0.40
CA SER A 86 -11.87 -2.93 -0.23
C SER A 86 -11.08 -2.43 0.98
N PRO A 87 -10.42 -1.30 0.89
CA PRO A 87 -9.65 -0.71 2.03
C PRO A 87 -10.47 -0.58 3.31
N ASP A 88 -11.79 -0.83 3.25
CA ASP A 88 -12.62 -0.73 4.44
C ASP A 88 -12.69 -2.06 5.18
N GLU A 89 -12.25 -3.13 4.51
CA GLU A 89 -12.26 -4.45 5.09
C GLU A 89 -10.85 -4.81 5.58
N PHE A 90 -10.71 -5.87 6.38
CA PHE A 90 -9.39 -6.26 6.89
C PHE A 90 -8.80 -7.39 6.05
N THR A 91 -7.93 -7.03 5.12
CA THR A 91 -7.30 -8.02 4.25
C THR A 91 -6.40 -8.96 5.02
N CYS A 92 -6.24 -10.17 4.48
CA CYS A 92 -5.40 -11.17 5.11
C CYS A 92 -4.09 -11.36 4.32
N SER A 93 -3.10 -12.11 4.83
CA SER A 93 -1.83 -12.28 4.10
C SER A 93 -2.07 -12.90 2.72
N SER A 94 -3.26 -13.46 2.52
CA SER A 94 -3.61 -14.07 1.24
C SER A 94 -4.44 -13.11 0.39
N GLY A 95 -4.62 -11.88 0.89
CA GLY A 95 -5.40 -10.88 0.17
C GLY A 95 -6.90 -11.06 0.41
N ARG A 96 -7.27 -12.00 1.28
CA ARG A 96 -8.67 -12.24 1.57
C ARG A 96 -9.15 -11.32 2.68
N CYS A 97 -10.20 -10.58 2.41
CA CYS A 97 -10.72 -9.67 3.41
C CYS A 97 -11.91 -10.24 4.16
N ILE A 98 -12.04 -9.76 5.38
CA ILE A 98 -13.13 -10.13 6.27
C ILE A 98 -13.74 -8.85 6.79
N SER A 99 -14.73 -8.96 7.65
CA SER A 99 -15.38 -7.77 8.14
C SER A 99 -14.57 -7.15 9.28
N ARG A 100 -14.80 -5.87 9.53
CA ARG A 100 -14.09 -5.17 10.59
C ARG A 100 -14.37 -5.78 11.96
N ASN A 101 -15.32 -6.68 12.00
CA ASN A 101 -15.67 -7.35 13.25
C ASN A 101 -14.64 -8.42 13.62
N PHE A 102 -13.63 -8.60 12.79
CA PHE A 102 -12.60 -9.57 13.09
C PHE A 102 -11.35 -8.84 13.53
N VAL A 103 -11.34 -7.52 13.32
CA VAL A 103 -10.19 -6.70 13.68
C VAL A 103 -9.74 -7.00 15.09
N CYS A 104 -8.41 -7.16 15.24
CA CYS A 104 -7.80 -7.59 16.47
C CYS A 104 -8.69 -7.29 17.63
N ASN A 105 -9.36 -8.35 18.00
CA ASN A 105 -10.28 -8.39 19.09
C ASN A 105 -9.82 -9.48 20.03
N GLY A 106 -8.58 -9.92 19.85
CA GLY A 106 -8.02 -10.94 20.72
C GLY A 106 -8.06 -12.34 20.11
N GLN A 107 -8.85 -12.54 19.06
CA GLN A 107 -8.96 -13.85 18.45
C GLN A 107 -8.03 -13.92 17.21
N ASP A 108 -7.43 -15.08 16.92
CA ASP A 108 -6.54 -15.16 15.75
C ASP A 108 -7.26 -15.69 14.52
N ASP A 109 -7.46 -14.81 13.55
CA ASP A 109 -8.10 -15.19 12.30
C ASP A 109 -7.00 -15.28 11.25
N CYS A 110 -6.49 -14.11 10.95
CA CYS A 110 -5.39 -13.90 10.03
C CYS A 110 -4.10 -14.39 10.67
N SER A 111 -4.08 -15.68 11.09
CA SER A 111 -2.96 -16.31 11.83
C SER A 111 -1.55 -15.78 11.48
N ASP A 112 -1.39 -15.05 10.38
CA ASP A 112 -0.09 -14.43 10.10
C ASP A 112 0.07 -13.23 11.07
N GLY A 113 -0.83 -13.16 12.08
CA GLY A 113 -0.82 -12.10 13.10
C GLY A 113 -0.92 -10.73 12.46
N SER A 114 -1.24 -10.68 11.18
CA SER A 114 -1.36 -9.41 10.47
C SER A 114 -2.58 -8.67 10.96
N ASP A 115 -3.61 -9.43 11.32
CA ASP A 115 -4.82 -8.79 11.85
C ASP A 115 -4.56 -8.19 13.25
N GLU A 116 -3.55 -8.73 13.93
CA GLU A 116 -3.21 -8.29 15.26
C GLU A 116 -1.74 -7.98 15.35
N LEU A 117 -1.15 -7.57 14.24
CA LEU A 117 0.25 -7.27 14.29
C LEU A 117 0.39 -5.89 14.85
N ASP A 118 0.87 -5.92 16.04
CA ASP A 118 1.09 -4.72 16.82
C ASP A 118 -0.23 -4.04 17.15
N CYS A 119 -1.29 -4.83 17.16
CA CYS A 119 -2.62 -4.30 17.46
C CYS A 119 -2.92 -4.41 18.96
N ALA A 120 -1.90 -4.15 19.77
CA ALA A 120 -2.05 -4.22 21.23
C ALA A 120 -3.12 -3.24 21.69
N PRO A 121 -3.60 -3.40 22.90
CA PRO A 121 -4.64 -2.50 23.47
C PRO A 121 -4.29 -1.02 23.32
N LYS A 1 31.16 -10.05 3.39
CA LYS A 1 31.39 -8.59 3.27
C LYS A 1 30.05 -7.88 3.12
N THR A 2 30.10 -6.55 3.03
CA THR A 2 28.88 -5.75 2.89
C THR A 2 29.02 -4.77 1.73
N CYS A 3 27.89 -4.26 1.27
CA CYS A 3 27.88 -3.31 0.16
C CYS A 3 28.87 -2.17 0.41
N ALA A 4 29.14 -1.40 -0.64
CA ALA A 4 30.09 -0.29 -0.57
C ALA A 4 29.66 0.79 0.41
N GLU A 5 30.64 1.51 0.94
CA GLU A 5 30.39 2.58 1.92
C GLU A 5 29.15 3.45 1.57
N SER A 6 29.01 3.91 0.32
CA SER A 6 27.89 4.77 -0.08
C SER A 6 26.59 4.01 -0.38
N ASP A 7 26.65 2.68 -0.35
CA ASP A 7 25.48 1.81 -0.64
C ASP A 7 24.15 2.42 -0.19
N PHE A 8 23.06 2.07 -0.90
CA PHE A 8 21.71 2.52 -0.49
C PHE A 8 21.04 1.33 0.19
N VAL A 9 20.81 1.41 1.49
CA VAL A 9 20.21 0.27 2.18
C VAL A 9 18.70 0.19 1.96
N CYS A 10 18.23 -1.05 1.81
CA CYS A 10 16.79 -1.31 1.65
C CYS A 10 16.31 -1.90 2.98
N ASN A 11 15.17 -1.41 3.48
CA ASN A 11 14.63 -1.85 4.78
C ASN A 11 14.39 -3.35 4.85
N ASN A 12 14.53 -4.06 3.75
CA ASN A 12 14.31 -5.48 3.76
C ASN A 12 15.61 -6.21 4.17
N GLY A 13 16.56 -5.47 4.74
CA GLY A 13 17.82 -6.07 5.13
C GLY A 13 18.75 -6.19 3.91
N GLN A 14 18.22 -5.85 2.71
CA GLN A 14 19.02 -5.94 1.50
C GLN A 14 19.80 -4.66 1.21
N CYS A 15 20.99 -4.82 0.62
CA CYS A 15 21.84 -3.66 0.29
C CYS A 15 22.14 -3.56 -1.22
N VAL A 16 22.27 -2.33 -1.70
CA VAL A 16 22.57 -2.08 -3.13
C VAL A 16 23.48 -0.88 -3.33
N PRO A 17 24.70 -1.07 -3.79
CA PRO A 17 25.63 0.05 -4.11
C PRO A 17 24.87 1.21 -4.78
N SER A 18 25.31 2.43 -4.48
CA SER A 18 24.68 3.68 -4.95
C SER A 18 24.19 3.71 -6.41
N ARG A 19 24.50 2.72 -7.23
CA ARG A 19 24.09 2.78 -8.64
C ARG A 19 22.72 2.13 -8.90
N TRP A 20 22.02 1.69 -7.85
CA TRP A 20 20.71 1.04 -8.07
C TRP A 20 19.51 1.96 -7.75
N LYS A 21 19.78 3.25 -7.76
CA LYS A 21 18.80 4.35 -7.51
C LYS A 21 17.48 4.09 -8.30
N CYS A 22 16.40 4.94 -8.12
CA CYS A 22 15.20 4.80 -8.92
C CYS A 22 15.76 4.74 -10.33
N ASP A 23 15.84 3.56 -10.86
CA ASP A 23 16.41 3.36 -12.16
C ASP A 23 15.70 2.24 -12.86
N GLY A 24 14.57 1.82 -12.29
CA GLY A 24 13.82 0.74 -12.90
C GLY A 24 14.34 -0.64 -12.47
N ASP A 25 15.37 -0.67 -11.62
CA ASP A 25 15.96 -1.95 -11.25
C ASP A 25 15.28 -2.58 -9.99
N PRO A 26 14.99 -3.89 -10.03
CA PRO A 26 14.30 -4.71 -8.96
C PRO A 26 15.18 -5.14 -7.77
N ASP A 27 16.30 -4.48 -7.61
CA ASP A 27 17.28 -4.89 -6.58
C ASP A 27 16.69 -5.17 -5.20
N CYS A 28 15.68 -4.42 -4.75
CA CYS A 28 15.09 -4.73 -3.45
C CYS A 28 13.63 -5.12 -3.67
N GLU A 29 13.25 -6.33 -3.27
CA GLU A 29 11.88 -6.79 -3.45
C GLU A 29 10.89 -5.86 -2.76
N ASP A 30 11.40 -4.99 -1.89
CA ASP A 30 10.52 -4.07 -1.16
C ASP A 30 10.44 -2.70 -1.84
N GLY A 31 11.07 -2.53 -3.01
CA GLY A 31 11.00 -1.25 -3.73
C GLY A 31 11.80 -0.12 -3.04
N SER A 32 12.45 -0.41 -1.90
CA SER A 32 13.21 0.63 -1.18
C SER A 32 14.17 1.39 -2.08
N ASP A 33 15.00 0.65 -2.82
CA ASP A 33 15.99 1.26 -3.70
C ASP A 33 15.39 2.40 -4.52
N GLU A 34 14.09 2.33 -4.78
CA GLU A 34 13.45 3.35 -5.60
C GLU A 34 12.20 3.93 -4.91
N SER A 35 12.05 3.68 -3.62
CA SER A 35 10.89 4.17 -2.86
C SER A 35 11.17 5.57 -2.27
N PRO A 36 10.15 6.24 -1.77
CA PRO A 36 10.27 7.61 -1.18
C PRO A 36 11.48 7.81 -0.27
N GLU A 37 12.03 6.74 0.25
CA GLU A 37 13.18 6.86 1.16
C GLU A 37 14.49 7.07 0.40
N GLN A 38 14.59 6.53 -0.81
CA GLN A 38 15.82 6.67 -1.59
C GLN A 38 15.64 7.63 -2.77
N CYS A 39 14.52 7.50 -3.48
CA CYS A 39 14.26 8.34 -4.64
C CYS A 39 13.26 9.42 -4.28
N HIS A 40 13.28 9.88 -3.02
CA HIS A 40 12.33 10.92 -2.55
C HIS A 40 12.07 12.00 -3.62
N MET A 41 11.20 11.67 -4.59
CA MET A 41 10.85 12.56 -5.70
C MET A 41 10.32 11.76 -6.89
N ARG A 42 10.76 10.50 -7.01
CA ARG A 42 10.33 9.65 -8.11
C ARG A 42 10.03 8.21 -7.70
N THR A 43 8.99 7.68 -8.33
CA THR A 43 8.47 6.33 -8.10
C THR A 43 9.37 5.24 -8.71
N CYS A 44 9.39 4.10 -8.05
CA CYS A 44 10.10 2.92 -8.50
C CYS A 44 9.57 2.58 -9.90
N ARG A 45 10.39 1.93 -10.75
CA ARG A 45 9.94 1.62 -12.12
C ARG A 45 10.18 0.14 -12.50
N ILE A 46 9.29 -0.42 -13.34
CA ILE A 46 9.41 -1.84 -13.82
C ILE A 46 8.90 -2.84 -12.79
N HIS A 47 9.70 -3.14 -11.76
CA HIS A 47 9.27 -4.09 -10.73
C HIS A 47 8.41 -3.41 -9.68
N GLU A 48 7.78 -2.32 -10.08
CA GLU A 48 6.88 -1.55 -9.24
C GLU A 48 6.21 -0.54 -10.15
N ILE A 49 4.96 -0.18 -9.88
CA ILE A 49 4.27 0.72 -10.82
C ILE A 49 4.39 2.17 -10.32
N SER A 50 4.01 3.11 -11.18
CA SER A 50 4.07 4.52 -10.86
C SER A 50 2.69 5.03 -10.46
N CYS A 51 2.53 5.38 -9.19
CA CYS A 51 1.24 5.89 -8.72
C CYS A 51 1.23 7.42 -8.83
N GLY A 52 2.42 8.02 -9.00
CA GLY A 52 2.52 9.47 -9.13
C GLY A 52 3.67 9.88 -10.05
N ALA A 53 3.39 10.79 -10.99
CA ALA A 53 4.44 11.27 -11.87
C ALA A 53 5.16 12.44 -11.20
N HIS A 54 4.41 13.27 -10.44
CA HIS A 54 5.04 14.40 -9.76
C HIS A 54 5.39 14.10 -8.27
N SER A 55 5.10 12.90 -7.77
CA SER A 55 5.39 12.57 -6.38
C SER A 55 6.06 11.20 -6.29
N THR A 56 6.42 10.82 -5.08
CA THR A 56 7.07 9.52 -4.87
C THR A 56 6.04 8.51 -4.35
N GLN A 57 5.43 7.74 -5.22
CA GLN A 57 4.53 6.68 -4.79
C GLN A 57 4.64 5.51 -5.77
N CYS A 58 5.28 4.44 -5.33
CA CYS A 58 5.43 3.25 -6.15
C CYS A 58 4.91 2.01 -5.41
N ILE A 59 4.23 1.14 -6.14
CA ILE A 59 3.70 -0.08 -5.54
C ILE A 59 3.86 -1.27 -6.52
N PRO A 60 4.46 -2.38 -6.10
CA PRO A 60 4.63 -3.59 -6.96
C PRO A 60 3.44 -3.88 -7.85
N VAL A 61 3.70 -4.29 -9.11
CA VAL A 61 2.63 -4.63 -10.05
C VAL A 61 1.55 -5.49 -9.41
N SER A 62 1.89 -6.19 -8.32
CA SER A 62 0.92 -7.05 -7.63
C SER A 62 -0.32 -6.25 -7.19
N TRP A 63 -0.25 -4.92 -7.26
CA TRP A 63 -1.39 -4.09 -6.90
C TRP A 63 -2.18 -3.72 -8.16
N ARG A 64 -1.90 -4.42 -9.26
CA ARG A 64 -2.60 -4.17 -10.46
C ARG A 64 -3.87 -5.02 -10.38
N CYS A 65 -4.90 -4.45 -9.77
CA CYS A 65 -6.18 -5.17 -9.62
C CYS A 65 -7.08 -4.97 -10.84
N ASP A 66 -6.59 -4.20 -11.80
CA ASP A 66 -7.29 -3.91 -13.02
C ASP A 66 -6.29 -3.95 -14.18
N GLY A 67 -5.16 -4.63 -13.96
CA GLY A 67 -4.09 -4.72 -14.99
C GLY A 67 -3.16 -3.50 -14.95
N GLU A 68 -3.42 -2.58 -14.01
CA GLU A 68 -2.62 -1.37 -13.86
C GLU A 68 -2.70 -0.94 -12.38
N ASN A 69 -1.80 -0.06 -11.86
CA ASN A 69 -2.02 0.37 -10.49
C ASN A 69 -2.68 1.75 -10.57
N ASP A 70 -3.69 1.93 -9.77
CA ASP A 70 -4.45 3.15 -9.70
C ASP A 70 -4.67 3.41 -8.24
N CYS A 71 -3.63 3.88 -7.58
CA CYS A 71 -3.70 4.13 -6.17
C CYS A 71 -3.47 5.60 -5.81
N ASP A 72 -3.95 6.56 -6.64
CA ASP A 72 -3.77 7.99 -6.30
C ASP A 72 -4.21 8.20 -4.83
N SER A 73 -5.34 7.60 -4.52
CA SER A 73 -5.91 7.64 -3.18
C SER A 73 -5.85 6.26 -2.51
N GLY A 74 -5.22 5.26 -3.16
CA GLY A 74 -5.19 3.90 -2.62
C GLY A 74 -6.59 3.28 -2.74
N GLU A 75 -7.33 3.74 -3.74
CA GLU A 75 -8.69 3.32 -3.97
C GLU A 75 -8.85 2.01 -4.72
N ASP A 76 -8.24 1.83 -5.91
CA ASP A 76 -8.52 0.55 -6.59
C ASP A 76 -7.72 -0.60 -6.00
N GLU A 77 -6.65 -0.26 -5.33
CA GLU A 77 -5.77 -1.29 -4.76
C GLU A 77 -6.01 -1.50 -3.30
N GLU A 78 -7.27 -1.40 -2.89
CA GLU A 78 -7.61 -1.71 -1.51
C GLU A 78 -7.11 -3.13 -1.27
N ASN A 79 -6.52 -3.37 -0.11
CA ASN A 79 -5.99 -4.71 0.28
C ASN A 79 -5.45 -5.55 -0.89
N CYS A 80 -5.09 -4.90 -2.00
CA CYS A 80 -4.69 -5.65 -3.18
C CYS A 80 -3.44 -6.51 -2.99
N GLY A 81 -2.89 -6.59 -1.77
CA GLY A 81 -1.69 -7.41 -1.51
C GLY A 81 -1.82 -8.79 -2.15
N ASN A 82 -3.06 -9.24 -2.33
CA ASN A 82 -3.33 -10.54 -2.95
C ASN A 82 -4.71 -10.53 -3.62
N ILE A 83 -5.73 -10.47 -2.80
CA ILE A 83 -7.11 -10.41 -3.26
C ILE A 83 -7.60 -8.98 -3.11
N THR A 84 -8.54 -8.56 -3.94
CA THR A 84 -9.04 -7.19 -3.85
C THR A 84 -10.47 -7.13 -3.37
N CYS A 85 -10.61 -6.59 -2.19
CA CYS A 85 -11.91 -6.40 -1.56
C CYS A 85 -12.28 -4.95 -1.55
N SER A 86 -13.44 -4.63 -0.99
CA SER A 86 -13.87 -3.27 -0.93
C SER A 86 -13.19 -2.58 0.24
N PRO A 87 -12.98 -1.30 0.16
CA PRO A 87 -12.32 -0.52 1.24
C PRO A 87 -13.08 -0.61 2.56
N ASP A 88 -14.28 -1.21 2.53
CA ASP A 88 -15.08 -1.33 3.74
C ASP A 88 -14.78 -2.63 4.49
N GLU A 89 -13.83 -3.43 3.95
CA GLU A 89 -13.49 -4.69 4.58
C GLU A 89 -12.05 -4.70 5.09
N PHE A 90 -11.70 -5.69 5.91
CA PHE A 90 -10.35 -5.81 6.47
C PHE A 90 -9.44 -6.60 5.54
N THR A 91 -8.13 -6.53 5.79
CA THR A 91 -7.17 -7.23 4.94
C THR A 91 -6.49 -8.39 5.67
N CYS A 92 -6.60 -9.60 5.12
CA CYS A 92 -5.96 -10.76 5.74
C CYS A 92 -4.50 -10.86 5.26
N SER A 93 -3.60 -11.51 6.02
CA SER A 93 -2.22 -11.61 5.58
C SER A 93 -2.13 -12.26 4.20
N SER A 94 -3.19 -12.97 3.81
CA SER A 94 -3.23 -13.63 2.51
C SER A 94 -4.02 -12.81 1.49
N GLY A 95 -4.60 -11.70 1.93
CA GLY A 95 -5.39 -10.84 1.04
C GLY A 95 -6.89 -11.03 1.24
N ARG A 96 -7.27 -12.11 1.91
CA ARG A 96 -8.69 -12.38 2.10
C ARG A 96 -9.34 -11.36 3.00
N CYS A 97 -10.35 -10.69 2.47
CA CYS A 97 -11.03 -9.69 3.26
C CYS A 97 -12.23 -10.25 4.01
N ILE A 98 -12.43 -9.71 5.21
CA ILE A 98 -13.52 -10.10 6.08
C ILE A 98 -14.10 -8.83 6.68
N SER A 99 -15.06 -8.96 7.58
CA SER A 99 -15.65 -7.76 8.15
C SER A 99 -14.71 -7.19 9.20
N ARG A 100 -14.83 -5.90 9.46
CA ARG A 100 -13.98 -5.25 10.45
C ARG A 100 -14.22 -5.81 11.84
N ASN A 101 -15.22 -6.65 11.96
CA ASN A 101 -15.55 -7.28 13.23
C ASN A 101 -14.47 -8.28 13.59
N PHE A 102 -13.70 -8.71 12.61
CA PHE A 102 -12.65 -9.67 12.87
C PHE A 102 -11.31 -8.98 12.99
N VAL A 103 -11.32 -7.65 12.93
CA VAL A 103 -10.09 -6.89 13.10
C VAL A 103 -9.52 -7.34 14.42
N CYS A 104 -8.19 -7.55 14.48
CA CYS A 104 -7.54 -8.10 15.64
C CYS A 104 -8.29 -7.77 16.89
N ASN A 105 -9.06 -8.76 17.28
CA ASN A 105 -9.83 -8.73 18.50
C ASN A 105 -9.12 -9.66 19.45
N GLY A 106 -7.79 -9.71 19.28
CA GLY A 106 -6.95 -10.54 20.12
C GLY A 106 -7.10 -12.02 19.76
N GLN A 107 -7.91 -12.34 18.75
CA GLN A 107 -8.10 -13.74 18.38
C GLN A 107 -7.93 -13.94 16.84
N ASP A 108 -7.14 -14.96 16.42
CA ASP A 108 -6.94 -15.26 14.98
C ASP A 108 -8.29 -15.41 14.30
N ASP A 109 -8.37 -15.28 12.97
CA ASP A 109 -9.65 -15.48 12.32
C ASP A 109 -9.46 -15.92 10.87
N CYS A 110 -8.70 -15.14 10.08
CA CYS A 110 -8.61 -15.48 8.66
C CYS A 110 -7.75 -16.72 8.38
N SER A 111 -6.43 -16.63 8.49
CA SER A 111 -5.60 -17.82 8.23
C SER A 111 -5.03 -18.46 9.49
N ASP A 112 -4.20 -17.69 10.16
CA ASP A 112 -3.47 -18.19 11.35
C ASP A 112 -3.40 -17.25 12.56
N GLY A 113 -3.55 -15.94 12.37
CA GLY A 113 -3.41 -15.01 13.48
C GLY A 113 -2.68 -13.76 13.01
N SER A 114 -2.09 -13.80 11.81
CA SER A 114 -1.39 -12.66 11.23
C SER A 114 -2.33 -11.46 11.25
N ASP A 115 -3.62 -11.73 11.26
CA ASP A 115 -4.63 -10.65 11.33
C ASP A 115 -4.39 -9.76 12.57
N GLU A 116 -3.53 -10.23 13.49
CA GLU A 116 -3.20 -9.50 14.69
C GLU A 116 -1.70 -9.38 14.81
N LEU A 117 -0.99 -9.67 13.72
CA LEU A 117 0.42 -9.58 13.78
C LEU A 117 0.80 -8.18 14.13
N ASP A 118 1.28 -8.10 15.32
CA ASP A 118 1.73 -6.85 15.90
C ASP A 118 0.59 -5.83 15.93
N CYS A 119 -0.62 -6.32 16.09
CA CYS A 119 -1.79 -5.44 16.15
C CYS A 119 -2.02 -4.95 17.57
N ALA A 120 -0.95 -4.49 18.21
CA ALA A 120 -1.03 -3.99 19.57
C ALA A 120 -1.74 -2.64 19.60
N PRO A 121 -2.18 -2.21 20.75
CA PRO A 121 -2.89 -0.92 20.92
C PRO A 121 -1.93 0.27 20.91
N LYS A 1 30.26 4.58 5.32
CA LYS A 1 29.67 5.68 6.13
C LYS A 1 28.21 5.35 6.43
N THR A 2 27.54 6.23 7.16
CA THR A 2 26.14 6.03 7.51
C THR A 2 25.33 7.28 7.22
N CYS A 3 24.08 7.10 6.84
CA CYS A 3 23.20 8.21 6.54
C CYS A 3 23.18 9.21 7.70
N ALA A 4 22.88 10.46 7.39
CA ALA A 4 22.81 11.49 8.40
C ALA A 4 21.51 11.40 9.19
N GLU A 5 21.56 11.75 10.47
CA GLU A 5 20.38 11.67 11.34
C GLU A 5 19.06 12.07 10.64
N SER A 6 19.07 13.11 9.80
CA SER A 6 17.84 13.55 9.12
C SER A 6 17.60 12.81 7.80
N ASP A 7 18.19 11.64 7.65
CA ASP A 7 18.04 10.86 6.43
C ASP A 7 16.84 9.90 6.53
N PHE A 8 16.12 9.68 5.43
CA PHE A 8 14.93 8.77 5.47
C PHE A 8 15.34 7.35 5.79
N VAL A 9 15.03 6.89 7.01
CA VAL A 9 15.36 5.52 7.39
C VAL A 9 14.26 4.55 6.97
N CYS A 10 14.50 3.81 5.90
CA CYS A 10 13.51 2.85 5.45
C CYS A 10 13.25 1.88 6.60
N ASN A 11 12.00 1.50 6.77
CA ASN A 11 11.58 0.63 7.89
C ASN A 11 12.27 -0.74 7.85
N ASN A 12 13.05 -1.01 6.82
CA ASN A 12 13.75 -2.27 6.73
C ASN A 12 15.11 -2.12 7.45
N GLY A 13 15.26 -1.05 8.24
CA GLY A 13 16.50 -0.82 8.95
C GLY A 13 17.50 -0.10 8.05
N GLN A 14 17.20 -0.07 6.74
CA GLN A 14 18.10 0.57 5.79
C GLN A 14 17.98 2.10 5.85
N CYS A 15 19.09 2.80 5.59
CA CYS A 15 19.10 4.27 5.64
C CYS A 15 19.49 4.90 4.29
N VAL A 16 18.83 6.01 3.96
CA VAL A 16 19.10 6.73 2.72
C VAL A 16 18.87 8.23 2.87
N PRO A 17 19.87 9.05 2.62
CA PRO A 17 19.68 10.51 2.64
C PRO A 17 18.44 10.86 1.82
N SER A 18 17.62 11.77 2.35
CA SER A 18 16.34 12.17 1.75
C SER A 18 16.37 12.31 0.23
N ARG A 19 17.52 12.42 -0.36
CA ARG A 19 17.61 12.56 -1.81
C ARG A 19 17.07 11.33 -2.56
N TRP A 20 16.60 10.29 -1.86
CA TRP A 20 16.09 9.10 -2.55
C TRP A 20 14.56 9.00 -2.51
N LYS A 21 13.91 10.14 -2.29
CA LYS A 21 12.43 10.26 -2.24
C LYS A 21 11.75 9.45 -3.36
N CYS A 22 10.37 9.29 -3.28
CA CYS A 22 9.61 8.63 -4.34
C CYS A 22 10.15 9.28 -5.59
N ASP A 23 11.02 8.57 -6.24
CA ASP A 23 11.68 9.08 -7.42
C ASP A 23 12.06 7.93 -8.31
N GLY A 24 11.50 6.76 -8.06
CA GLY A 24 11.82 5.62 -8.89
C GLY A 24 13.05 4.86 -8.41
N ASP A 25 13.65 5.31 -7.30
CA ASP A 25 14.84 4.66 -6.81
C ASP A 25 14.50 3.55 -5.76
N PRO A 26 14.74 2.28 -6.10
CA PRO A 26 14.47 1.06 -5.22
C PRO A 26 15.40 0.91 -4.01
N ASP A 27 16.03 1.99 -3.61
CA ASP A 27 17.05 1.96 -2.55
C ASP A 27 16.63 1.16 -1.30
N CYS A 28 15.35 1.11 -0.92
CA CYS A 28 14.99 0.32 0.23
C CYS A 28 14.39 -1.00 -0.26
N GLU A 29 14.92 -2.13 0.20
CA GLU A 29 14.42 -3.43 -0.24
C GLU A 29 12.92 -3.57 0.01
N ASP A 30 12.36 -2.68 0.83
CA ASP A 30 10.94 -2.76 1.15
C ASP A 30 10.11 -1.69 0.41
N GLY A 31 10.76 -0.87 -0.43
CA GLY A 31 10.05 0.16 -1.22
C GLY A 31 9.41 1.27 -0.38
N SER A 32 9.63 1.31 0.93
CA SER A 32 8.96 2.35 1.75
C SER A 32 9.46 3.78 1.51
N ASP A 33 10.74 3.97 1.16
CA ASP A 33 11.22 5.36 0.94
C ASP A 33 10.31 6.11 -0.03
N GLU A 34 9.54 5.37 -0.82
CA GLU A 34 8.68 5.99 -1.82
C GLU A 34 7.19 5.85 -1.46
N SER A 35 6.90 5.12 -0.39
CA SER A 35 5.55 4.89 0.09
C SER A 35 5.16 5.97 1.12
N PRO A 36 3.91 6.06 1.49
CA PRO A 36 3.41 7.09 2.46
C PRO A 36 4.26 7.25 3.71
N GLU A 37 5.14 6.30 4.00
CA GLU A 37 5.99 6.42 5.18
C GLU A 37 6.99 7.57 5.00
N GLN A 38 7.66 7.59 3.85
CA GLN A 38 8.64 8.65 3.57
C GLN A 38 8.10 9.59 2.50
N CYS A 39 7.46 9.03 1.49
CA CYS A 39 6.85 9.81 0.41
C CYS A 39 5.47 10.23 0.85
N HIS A 40 5.32 10.57 2.15
CA HIS A 40 4.02 10.96 2.71
C HIS A 40 3.47 12.19 1.98
N MET A 41 3.12 12.02 0.71
CA MET A 41 2.60 13.08 -0.13
C MET A 41 2.51 12.64 -1.59
N ARG A 42 3.29 11.61 -1.96
CA ARG A 42 3.29 11.12 -3.34
C ARG A 42 3.46 9.59 -3.45
N THR A 43 3.31 9.08 -4.67
CA THR A 43 3.40 7.64 -4.97
C THR A 43 4.84 7.19 -5.26
N CYS A 44 5.01 5.89 -5.12
CA CYS A 44 6.24 5.20 -5.40
C CYS A 44 6.35 4.93 -6.91
N ARG A 45 7.54 5.11 -7.47
CA ARG A 45 7.72 4.89 -8.92
C ARG A 45 8.60 3.65 -9.14
N ILE A 46 8.25 2.83 -10.13
CA ILE A 46 9.02 1.60 -10.37
C ILE A 46 8.80 0.64 -9.21
N HIS A 47 8.32 -0.56 -9.53
CA HIS A 47 7.99 -1.57 -8.52
C HIS A 47 6.62 -1.27 -7.89
N GLU A 48 6.16 -0.01 -8.03
CA GLU A 48 4.85 0.37 -7.51
C GLU A 48 4.30 1.49 -8.39
N ILE A 49 3.00 1.45 -8.72
CA ILE A 49 2.43 2.42 -9.65
C ILE A 49 1.74 3.56 -8.90
N SER A 50 1.24 4.51 -9.66
CA SER A 50 0.56 5.67 -9.12
C SER A 50 -0.94 5.53 -9.21
N CYS A 51 -1.63 5.70 -8.09
CA CYS A 51 -3.08 5.61 -8.09
C CYS A 51 -3.66 7.02 -7.86
N GLY A 52 -2.83 7.92 -7.33
CA GLY A 52 -3.26 9.29 -7.08
C GLY A 52 -2.11 10.25 -6.81
N ALA A 53 -1.81 11.15 -7.76
CA ALA A 53 -0.77 12.13 -7.54
C ALA A 53 -1.31 13.21 -6.59
N HIS A 54 -2.64 13.21 -6.39
CA HIS A 54 -3.23 14.20 -5.48
C HIS A 54 -3.18 13.70 -4.01
N SER A 55 -2.79 12.43 -3.80
CA SER A 55 -2.73 11.83 -2.49
C SER A 55 -1.51 10.91 -2.44
N THR A 56 -1.31 10.22 -1.32
CA THR A 56 -0.19 9.29 -1.21
C THR A 56 -0.72 7.88 -1.41
N GLN A 57 -0.66 7.34 -2.62
CA GLN A 57 -1.08 5.98 -2.80
C GLN A 57 -0.36 5.27 -3.94
N CYS A 58 0.52 4.36 -3.58
CA CYS A 58 1.23 3.57 -4.57
C CYS A 58 1.03 2.08 -4.25
N ILE A 59 0.84 1.26 -5.28
CA ILE A 59 0.63 -0.17 -5.08
C ILE A 59 1.38 -0.97 -6.11
N PRO A 60 1.48 -2.27 -5.95
CA PRO A 60 2.19 -3.12 -6.93
C PRO A 60 1.41 -3.21 -8.25
N VAL A 61 2.05 -2.76 -9.33
CA VAL A 61 1.44 -2.73 -10.67
C VAL A 61 0.72 -4.04 -11.04
N SER A 62 0.94 -5.12 -10.31
CA SER A 62 0.30 -6.38 -10.63
C SER A 62 -1.22 -6.37 -10.31
N TRP A 63 -1.78 -5.22 -9.89
CA TRP A 63 -3.20 -5.18 -9.56
C TRP A 63 -4.01 -4.65 -10.75
N ARG A 64 -3.49 -4.89 -11.93
CA ARG A 64 -4.15 -4.45 -13.11
C ARG A 64 -4.73 -5.71 -13.75
N CYS A 65 -5.95 -6.07 -13.34
CA CYS A 65 -6.60 -7.28 -13.89
C CYS A 65 -7.33 -6.95 -15.19
N ASP A 66 -7.39 -5.66 -15.53
CA ASP A 66 -8.04 -5.21 -16.74
C ASP A 66 -7.03 -4.51 -17.65
N GLY A 67 -5.74 -4.58 -17.27
CA GLY A 67 -4.67 -3.93 -18.05
C GLY A 67 -4.52 -2.46 -17.65
N GLU A 68 -4.95 -2.13 -16.43
CA GLU A 68 -4.82 -0.76 -15.93
C GLU A 68 -4.80 -0.77 -14.39
N ASN A 69 -4.25 0.26 -13.68
CA ASN A 69 -4.39 0.29 -12.22
C ASN A 69 -5.43 1.35 -11.94
N ASP A 70 -6.48 1.01 -11.22
CA ASP A 70 -7.52 1.99 -10.94
C ASP A 70 -7.68 2.24 -9.45
N CYS A 71 -6.80 1.61 -8.68
CA CYS A 71 -6.85 1.63 -7.24
C CYS A 71 -6.79 3.02 -6.60
N ASP A 72 -7.41 4.09 -7.14
CA ASP A 72 -7.31 5.39 -6.45
C ASP A 72 -7.41 5.14 -4.95
N SER A 73 -8.48 4.48 -4.52
CA SER A 73 -8.65 4.12 -3.12
C SER A 73 -8.63 2.58 -2.95
N GLY A 74 -7.80 1.91 -3.76
CA GLY A 74 -7.68 0.43 -3.70
C GLY A 74 -9.00 -0.29 -3.95
N GLU A 75 -9.92 0.37 -4.62
CA GLU A 75 -11.24 -0.21 -4.87
C GLU A 75 -11.33 -1.16 -6.08
N ASP A 76 -10.67 -0.88 -7.20
CA ASP A 76 -10.89 -1.75 -8.38
C ASP A 76 -10.25 -3.15 -8.30
N GLU A 77 -9.06 -3.29 -7.71
CA GLU A 77 -8.43 -4.63 -7.71
C GLU A 77 -7.79 -5.03 -6.41
N GLU A 78 -8.11 -4.40 -5.29
CA GLU A 78 -7.42 -4.81 -4.07
C GLU A 78 -7.55 -6.29 -3.90
N ASN A 79 -6.40 -6.94 -3.65
CA ASN A 79 -6.34 -8.39 -3.55
C ASN A 79 -7.01 -9.03 -4.74
N CYS A 80 -6.62 -8.60 -5.94
CA CYS A 80 -7.17 -9.16 -7.17
C CYS A 80 -6.38 -10.41 -7.60
N GLY A 81 -5.16 -10.58 -7.06
CA GLY A 81 -4.33 -11.72 -7.41
C GLY A 81 -4.78 -12.96 -6.67
N ASN A 82 -4.45 -13.03 -5.39
CA ASN A 82 -4.84 -14.16 -4.57
C ASN A 82 -6.35 -14.37 -4.64
N ILE A 83 -7.03 -13.83 -3.65
CA ILE A 83 -8.49 -13.95 -3.57
C ILE A 83 -9.15 -12.58 -3.71
N THR A 84 -10.16 -12.51 -4.56
CA THR A 84 -10.89 -11.27 -4.75
C THR A 84 -11.90 -11.07 -3.62
N CYS A 85 -11.60 -10.10 -2.80
CA CYS A 85 -12.44 -9.73 -1.67
C CYS A 85 -13.20 -8.47 -2.03
N SER A 86 -14.07 -8.03 -1.14
CA SER A 86 -14.80 -6.83 -1.41
C SER A 86 -13.95 -5.66 -0.95
N PRO A 87 -13.68 -4.68 -1.78
CA PRO A 87 -12.86 -3.50 -1.38
C PRO A 87 -13.34 -2.82 -0.09
N ASP A 88 -14.48 -3.23 0.44
CA ASP A 88 -15.00 -2.65 1.68
C ASP A 88 -14.48 -3.41 2.90
N GLU A 89 -13.92 -4.60 2.64
CA GLU A 89 -13.39 -5.45 3.68
C GLU A 89 -11.88 -5.25 3.77
N PHE A 90 -11.25 -5.88 4.77
CA PHE A 90 -9.79 -5.74 4.93
C PHE A 90 -9.07 -6.75 4.01
N THR A 91 -7.76 -6.54 3.77
CA THR A 91 -7.00 -7.41 2.85
C THR A 91 -5.82 -8.12 3.54
N CYS A 92 -5.68 -9.43 3.28
CA CYS A 92 -4.57 -10.19 3.87
C CYS A 92 -3.53 -10.62 2.81
N SER A 93 -2.31 -11.00 3.25
CA SER A 93 -1.27 -11.46 2.31
C SER A 93 -1.79 -12.66 1.51
N SER A 94 -2.67 -13.41 2.15
CA SER A 94 -3.29 -14.58 1.56
C SER A 94 -4.54 -14.18 0.78
N GLY A 95 -4.66 -12.89 0.45
CA GLY A 95 -5.79 -12.41 -0.33
C GLY A 95 -7.10 -12.50 0.44
N ARG A 96 -7.05 -13.01 1.67
CA ARG A 96 -8.26 -13.16 2.44
C ARG A 96 -8.66 -11.86 3.06
N CYS A 97 -9.94 -11.69 3.25
CA CYS A 97 -10.45 -10.49 3.86
C CYS A 97 -11.13 -10.81 5.17
N ILE A 98 -11.28 -9.79 5.99
CA ILE A 98 -11.98 -9.94 7.23
C ILE A 98 -12.89 -8.75 7.38
N SER A 99 -13.97 -8.92 8.07
CA SER A 99 -14.90 -7.83 8.25
C SER A 99 -14.33 -6.84 9.23
N ARG A 100 -14.72 -5.59 9.10
CA ARG A 100 -14.25 -4.55 10.03
C ARG A 100 -14.55 -4.88 11.49
N ASN A 101 -15.34 -5.92 11.68
CA ASN A 101 -15.72 -6.41 13.02
C ASN A 101 -14.66 -7.40 13.55
N PHE A 102 -13.60 -7.63 12.77
CA PHE A 102 -12.55 -8.54 13.21
C PHE A 102 -11.61 -7.86 14.21
N VAL A 103 -12.03 -6.69 14.66
CA VAL A 103 -11.27 -5.95 15.64
C VAL A 103 -10.89 -6.89 16.78
N CYS A 104 -9.78 -6.60 17.47
CA CYS A 104 -9.24 -7.47 18.49
C CYS A 104 -10.31 -8.28 19.20
N ASN A 105 -10.38 -9.50 18.71
CA ASN A 105 -11.22 -10.54 19.24
C ASN A 105 -10.30 -11.71 19.54
N GLY A 106 -9.02 -11.35 19.75
CA GLY A 106 -7.99 -12.35 20.04
C GLY A 106 -7.56 -13.11 18.78
N GLN A 107 -8.21 -12.82 17.66
CA GLN A 107 -7.89 -13.48 16.41
C GLN A 107 -6.96 -12.58 15.59
N ASP A 108 -5.80 -13.09 15.17
CA ASP A 108 -4.86 -12.25 14.39
C ASP A 108 -5.59 -11.61 13.21
N ASP A 109 -5.10 -10.45 12.78
CA ASP A 109 -5.66 -9.75 11.64
C ASP A 109 -4.51 -9.19 10.83
N CYS A 110 -3.94 -10.14 10.17
CA CYS A 110 -2.80 -10.00 9.26
C CYS A 110 -2.96 -8.75 8.38
N SER A 111 -4.22 -8.44 8.04
CA SER A 111 -4.55 -7.29 7.19
C SER A 111 -4.23 -5.97 7.86
N ASP A 112 -4.21 -5.99 9.17
CA ASP A 112 -3.87 -4.84 9.97
C ASP A 112 -2.95 -5.29 11.10
N GLY A 113 -2.16 -6.37 10.84
CA GLY A 113 -1.25 -7.01 11.84
C GLY A 113 -1.62 -6.61 13.26
N SER A 114 -1.23 -5.41 13.60
CA SER A 114 -1.51 -4.81 14.90
C SER A 114 -2.99 -4.87 15.33
N ASP A 115 -3.93 -5.45 14.54
CA ASP A 115 -5.34 -5.39 14.99
C ASP A 115 -5.52 -5.85 16.42
N GLU A 116 -4.55 -6.57 16.98
CA GLU A 116 -4.66 -7.01 18.36
C GLU A 116 -3.43 -6.61 19.12
N LEU A 117 -2.39 -6.22 18.40
CA LEU A 117 -1.22 -5.76 19.05
C LEU A 117 -1.37 -4.27 19.10
N ASP A 118 -1.55 -3.84 20.30
CA ASP A 118 -1.73 -2.42 20.60
C ASP A 118 -2.93 -1.85 19.85
N CYS A 119 -4.03 -2.59 19.86
CA CYS A 119 -5.23 -2.13 19.17
C CYS A 119 -6.10 -1.24 20.06
N ALA A 120 -5.44 -0.38 20.83
CA ALA A 120 -6.16 0.53 21.72
C ALA A 120 -6.81 1.65 20.91
N PRO A 121 -7.75 2.35 21.49
CA PRO A 121 -8.47 3.47 20.81
C PRO A 121 -7.50 4.48 20.19
N LYS A 1 21.30 -22.98 6.37
CA LYS A 1 21.14 -21.97 5.28
C LYS A 1 21.01 -20.58 5.91
N THR A 2 22.12 -19.86 5.99
CA THR A 2 22.11 -18.53 6.57
C THR A 2 22.92 -17.56 5.72
N CYS A 3 22.64 -16.26 5.88
CA CYS A 3 23.36 -15.23 5.13
C CYS A 3 24.64 -14.86 5.86
N ALA A 4 25.52 -14.11 5.19
CA ALA A 4 26.80 -13.72 5.78
C ALA A 4 26.63 -12.59 6.81
N GLU A 5 27.49 -12.62 7.82
CA GLU A 5 27.46 -11.64 8.92
C GLU A 5 27.19 -10.17 8.49
N SER A 6 27.40 -9.79 7.23
CA SER A 6 27.16 -8.38 6.82
C SER A 6 26.03 -8.31 5.78
N ASP A 7 25.16 -9.29 5.79
CA ASP A 7 24.04 -9.35 4.85
C ASP A 7 22.85 -8.54 5.40
N PHE A 8 22.13 -7.83 4.52
CA PHE A 8 21.00 -6.98 4.98
C PHE A 8 19.90 -7.84 5.60
N VAL A 9 19.59 -7.58 6.87
CA VAL A 9 18.54 -8.35 7.52
C VAL A 9 17.17 -7.75 7.21
N CYS A 10 16.21 -8.63 6.98
CA CYS A 10 14.84 -8.16 6.70
C CYS A 10 14.06 -8.29 8.01
N ASN A 11 12.98 -7.54 8.15
CA ASN A 11 12.25 -7.58 9.42
C ASN A 11 11.36 -8.80 9.53
N ASN A 12 11.28 -9.62 8.49
CA ASN A 12 10.45 -10.81 8.55
C ASN A 12 11.29 -11.98 9.08
N GLY A 13 12.43 -11.69 9.72
CA GLY A 13 13.29 -12.76 10.22
C GLY A 13 14.14 -13.33 9.08
N GLN A 14 13.86 -12.91 7.84
CA GLN A 14 14.60 -13.39 6.69
C GLN A 14 15.90 -12.62 6.46
N CYS A 15 16.89 -13.28 5.84
CA CYS A 15 18.19 -12.66 5.56
C CYS A 15 18.50 -12.65 4.06
N VAL A 16 19.06 -11.52 3.59
CA VAL A 16 19.44 -11.39 2.18
C VAL A 16 20.79 -10.67 2.01
N PRO A 17 21.77 -11.31 1.41
CA PRO A 17 23.07 -10.66 1.16
C PRO A 17 22.89 -9.26 0.54
N SER A 18 23.83 -8.38 0.88
CA SER A 18 23.82 -6.95 0.48
C SER A 18 23.42 -6.67 -0.97
N ARG A 19 23.30 -7.67 -1.81
CA ARG A 19 22.98 -7.43 -3.21
C ARG A 19 21.47 -7.45 -3.51
N TRP A 20 20.62 -7.58 -2.49
CA TRP A 20 19.17 -7.61 -2.75
C TRP A 20 18.51 -6.25 -2.46
N LYS A 21 19.32 -5.21 -2.45
CA LYS A 21 18.89 -3.80 -2.22
C LYS A 21 17.61 -3.49 -3.01
N CYS A 22 16.95 -2.30 -2.79
CA CYS A 22 15.78 -1.97 -3.55
C CYS A 22 16.16 -2.20 -4.98
N ASP A 23 15.65 -3.27 -5.50
CA ASP A 23 15.89 -3.69 -6.85
C ASP A 23 14.68 -4.48 -7.29
N GLY A 24 13.55 -4.24 -6.61
CA GLY A 24 12.31 -4.94 -6.95
C GLY A 24 12.39 -6.44 -6.70
N ASP A 25 13.44 -6.91 -6.03
CA ASP A 25 13.56 -8.32 -5.76
C ASP A 25 12.69 -8.66 -4.52
N PRO A 26 11.62 -9.45 -4.69
CA PRO A 26 10.64 -9.85 -3.59
C PRO A 26 11.20 -10.78 -2.50
N ASP A 27 12.51 -10.84 -2.37
CA ASP A 27 13.14 -11.77 -1.42
C ASP A 27 12.51 -11.74 -0.03
N CYS A 28 12.01 -10.60 0.45
CA CYS A 28 11.38 -10.60 1.76
C CYS A 28 9.87 -10.70 1.57
N GLU A 29 9.22 -11.69 2.17
CA GLU A 29 7.78 -11.86 2.00
C GLU A 29 7.01 -10.59 2.36
N ASP A 30 7.66 -9.68 3.08
CA ASP A 30 7.00 -8.45 3.48
C ASP A 30 7.53 -7.23 2.72
N GLY A 31 8.32 -7.45 1.66
CA GLY A 31 8.85 -6.36 0.83
C GLY A 31 9.68 -5.32 1.61
N SER A 32 9.98 -5.54 2.89
CA SER A 32 10.71 -4.50 3.63
C SER A 32 12.22 -4.44 3.34
N ASP A 33 12.77 -5.38 2.57
CA ASP A 33 14.20 -5.30 2.24
C ASP A 33 14.44 -4.16 1.25
N GLU A 34 13.35 -3.61 0.68
CA GLU A 34 13.48 -2.57 -0.32
C GLU A 34 12.69 -1.29 0.08
N SER A 35 11.98 -1.35 1.22
CA SER A 35 11.21 -0.23 1.72
C SER A 35 12.11 0.68 2.58
N PRO A 36 11.64 1.84 3.02
CA PRO A 36 12.46 2.81 3.81
C PRO A 36 13.49 2.16 4.73
N GLU A 37 13.15 1.02 5.30
CA GLU A 37 14.06 0.33 6.19
C GLU A 37 15.43 0.13 5.53
N GLN A 38 15.44 -0.33 4.29
CA GLN A 38 16.70 -0.59 3.56
C GLN A 38 16.94 0.45 2.47
N CYS A 39 15.89 0.80 1.73
CA CYS A 39 16.01 1.78 0.66
C CYS A 39 15.63 3.15 1.17
N HIS A 40 15.93 3.40 2.47
CA HIS A 40 15.60 4.68 3.15
C HIS A 40 15.77 5.91 2.26
N MET A 41 14.87 6.07 1.27
CA MET A 41 14.89 7.21 0.33
C MET A 41 14.18 6.85 -0.98
N ARG A 42 14.48 5.67 -1.52
CA ARG A 42 13.91 5.26 -2.81
C ARG A 42 12.99 4.03 -2.71
N THR A 43 12.16 3.88 -3.75
CA THR A 43 11.20 2.77 -3.83
C THR A 43 11.76 1.60 -4.62
N CYS A 44 11.48 0.41 -4.11
CA CYS A 44 11.92 -0.85 -4.76
C CYS A 44 11.68 -0.74 -6.31
N ARG A 45 12.47 -1.47 -7.15
CA ARG A 45 12.35 -1.35 -8.63
C ARG A 45 12.31 -2.71 -9.37
N ILE A 46 11.15 -3.03 -9.99
CA ILE A 46 10.92 -4.28 -10.82
C ILE A 46 9.65 -4.96 -10.34
N HIS A 47 9.74 -5.66 -9.21
CA HIS A 47 8.56 -6.32 -8.67
C HIS A 47 7.88 -5.40 -7.66
N GLU A 48 7.95 -4.09 -7.94
CA GLU A 48 7.29 -3.07 -7.11
C GLU A 48 7.10 -1.80 -7.91
N ILE A 49 5.95 -1.14 -7.76
CA ILE A 49 5.73 0.11 -8.48
C ILE A 49 5.56 1.25 -7.50
N SER A 50 6.33 2.31 -7.69
CA SER A 50 6.29 3.47 -6.80
C SER A 50 4.98 4.23 -6.83
N CYS A 51 4.63 4.80 -5.67
CA CYS A 51 3.43 5.61 -5.55
C CYS A 51 3.84 7.07 -5.33
N GLY A 52 5.15 7.28 -5.06
CA GLY A 52 5.67 8.62 -4.82
C GLY A 52 6.99 8.83 -5.56
N ALA A 53 7.13 9.94 -6.26
CA ALA A 53 8.38 10.22 -6.95
C ALA A 53 9.37 10.78 -5.94
N HIS A 54 8.86 11.48 -4.91
CA HIS A 54 9.75 12.03 -3.88
C HIS A 54 9.76 11.23 -2.56
N SER A 55 8.89 10.20 -2.38
CA SER A 55 8.89 9.44 -1.14
C SER A 55 9.27 7.99 -1.43
N THR A 56 9.43 7.20 -0.37
CA THR A 56 9.83 5.81 -0.54
C THR A 56 8.69 4.87 -0.89
N GLN A 57 7.43 5.30 -0.76
CA GLN A 57 6.34 4.36 -0.95
C GLN A 57 6.51 3.52 -2.19
N CYS A 58 6.91 2.29 -1.89
CA CYS A 58 7.12 1.25 -2.86
C CYS A 58 6.04 0.21 -2.61
N ILE A 59 5.51 -0.40 -3.66
CA ILE A 59 4.45 -1.39 -3.45
C ILE A 59 4.40 -2.39 -4.61
N PRO A 60 4.58 -3.68 -4.35
CA PRO A 60 4.50 -4.72 -5.42
C PRO A 60 3.33 -4.45 -6.36
N VAL A 61 3.54 -4.69 -7.66
CA VAL A 61 2.44 -4.49 -8.62
C VAL A 61 1.20 -5.33 -8.24
N SER A 62 1.33 -6.23 -7.27
CA SER A 62 0.20 -7.06 -6.85
C SER A 62 -0.97 -6.24 -6.30
N TRP A 63 -0.89 -4.91 -6.35
CA TRP A 63 -1.98 -4.07 -5.87
C TRP A 63 -2.57 -3.30 -7.07
N ARG A 64 -2.38 -3.85 -8.26
CA ARG A 64 -2.91 -3.26 -9.43
C ARG A 64 -4.41 -3.60 -9.47
N CYS A 65 -5.20 -2.75 -8.79
CA CYS A 65 -6.66 -2.97 -8.72
C CYS A 65 -7.37 -2.30 -9.90
N ASP A 66 -6.59 -1.64 -10.75
CA ASP A 66 -7.07 -0.97 -11.93
C ASP A 66 -6.07 -1.21 -13.07
N GLY A 67 -5.19 -2.21 -12.86
CA GLY A 67 -4.14 -2.54 -13.85
C GLY A 67 -2.89 -1.66 -13.66
N GLU A 68 -2.85 -0.87 -12.59
CA GLU A 68 -1.70 0.00 -12.33
C GLU A 68 -1.59 0.25 -10.79
N ASN A 69 -0.45 0.81 -10.27
CA ASN A 69 -0.43 1.11 -8.83
C ASN A 69 -0.85 2.55 -8.70
N ASP A 70 -1.98 2.75 -8.07
CA ASP A 70 -2.52 4.07 -7.85
C ASP A 70 -2.80 4.19 -6.40
N CYS A 71 -1.71 4.12 -5.64
CA CYS A 71 -1.80 4.21 -4.23
C CYS A 71 -1.07 5.48 -3.71
N ASP A 72 -1.09 6.61 -4.47
CA ASP A 72 -0.45 7.86 -3.97
C ASP A 72 -0.80 8.13 -2.49
N SER A 73 -1.97 7.63 -2.12
CA SER A 73 -2.47 7.72 -0.75
C SER A 73 -2.94 6.36 -0.22
N GLY A 74 -2.69 5.24 -0.94
CA GLY A 74 -3.17 3.94 -0.52
C GLY A 74 -4.69 3.83 -0.69
N GLU A 75 -5.24 4.64 -1.62
CA GLU A 75 -6.67 4.69 -1.86
C GLU A 75 -7.21 3.62 -2.82
N ASP A 76 -6.70 3.51 -4.07
CA ASP A 76 -7.33 2.51 -4.96
C ASP A 76 -7.03 1.13 -4.46
N GLU A 77 -5.88 1.02 -3.84
CA GLU A 77 -5.37 -0.26 -3.36
C GLU A 77 -5.81 -0.55 -1.95
N GLU A 78 -7.01 -0.11 -1.64
CA GLU A 78 -7.61 -0.44 -0.35
C GLU A 78 -7.59 -1.95 -0.25
N ASN A 79 -7.14 -2.47 0.90
CA ASN A 79 -7.04 -3.93 1.17
C ASN A 79 -6.81 -4.75 -0.11
N CYS A 80 -6.10 -4.15 -1.07
CA CYS A 80 -5.89 -4.78 -2.36
C CYS A 80 -4.84 -5.88 -2.31
N GLY A 81 -4.38 -6.22 -1.12
CA GLY A 81 -3.38 -7.27 -1.01
C GLY A 81 -3.88 -8.55 -1.64
N ASN A 82 -3.49 -8.78 -2.89
CA ASN A 82 -3.90 -9.98 -3.63
C ASN A 82 -5.37 -9.95 -4.04
N ILE A 83 -6.21 -9.76 -3.06
CA ILE A 83 -7.66 -9.74 -3.24
C ILE A 83 -8.22 -8.33 -3.07
N THR A 84 -9.28 -8.03 -3.80
CA THR A 84 -9.91 -6.73 -3.71
C THR A 84 -11.18 -6.80 -2.88
N CYS A 85 -11.13 -6.19 -1.73
CA CYS A 85 -12.28 -6.14 -0.84
C CYS A 85 -12.86 -4.74 -0.82
N SER A 86 -13.91 -4.54 -0.05
CA SER A 86 -14.50 -3.23 0.04
C SER A 86 -13.59 -2.35 0.89
N PRO A 87 -13.64 -1.07 0.70
CA PRO A 87 -12.79 -0.12 1.45
C PRO A 87 -13.08 -0.16 2.96
N ASP A 88 -14.11 -0.90 3.35
CA ASP A 88 -14.45 -1.02 4.76
C ASP A 88 -14.14 -2.43 5.26
N GLU A 89 -13.26 -3.12 4.54
CA GLU A 89 -12.89 -4.48 4.90
C GLU A 89 -11.41 -4.59 5.28
N PHE A 90 -11.08 -5.60 6.08
CA PHE A 90 -9.70 -5.84 6.50
C PHE A 90 -9.00 -6.75 5.48
N THR A 91 -7.67 -6.85 5.53
CA THR A 91 -6.95 -7.69 4.57
C THR A 91 -6.06 -8.71 5.27
N CYS A 92 -6.18 -9.98 4.86
CA CYS A 92 -5.35 -11.05 5.46
C CYS A 92 -3.94 -11.00 4.85
N SER A 93 -2.89 -11.53 5.54
CA SER A 93 -1.54 -11.48 4.97
C SER A 93 -1.52 -12.08 3.57
N SER A 94 -2.51 -12.91 3.27
CA SER A 94 -2.62 -13.55 1.96
C SER A 94 -3.60 -12.79 1.07
N GLY A 95 -4.38 -11.88 1.67
CA GLY A 95 -5.32 -11.08 0.92
C GLY A 95 -6.80 -11.29 1.26
N ARG A 96 -7.16 -12.38 1.93
CA ARG A 96 -8.57 -12.61 2.20
C ARG A 96 -9.15 -11.61 3.18
N CYS A 97 -10.14 -10.87 2.73
CA CYS A 97 -10.74 -9.87 3.58
C CYS A 97 -11.90 -10.41 4.41
N ILE A 98 -12.12 -9.76 5.55
CA ILE A 98 -13.19 -10.08 6.47
C ILE A 98 -13.85 -8.79 6.89
N SER A 99 -14.87 -8.88 7.74
CA SER A 99 -15.54 -7.68 8.19
C SER A 99 -14.78 -7.10 9.38
N ARG A 100 -14.92 -5.81 9.61
CA ARG A 100 -14.21 -5.18 10.73
C ARG A 100 -14.55 -5.79 12.08
N ASN A 101 -15.53 -6.65 12.09
CA ASN A 101 -15.93 -7.32 13.32
C ASN A 101 -14.94 -8.41 13.70
N PHE A 102 -13.99 -8.70 12.80
CA PHE A 102 -13.00 -9.70 13.10
C PHE A 102 -11.62 -9.07 13.11
N VAL A 103 -11.59 -7.74 13.02
CA VAL A 103 -10.34 -7.02 13.08
C VAL A 103 -9.68 -7.43 14.37
N CYS A 104 -8.35 -7.58 14.37
CA CYS A 104 -7.63 -8.09 15.51
C CYS A 104 -8.33 -7.77 16.80
N ASN A 105 -9.03 -8.77 17.23
CA ASN A 105 -9.75 -8.74 18.48
C ASN A 105 -8.98 -9.65 19.41
N GLY A 106 -7.66 -9.67 19.19
CA GLY A 106 -6.78 -10.49 20.00
C GLY A 106 -6.88 -11.97 19.65
N GLN A 107 -7.77 -12.33 18.72
CA GLN A 107 -7.92 -13.71 18.34
C GLN A 107 -7.90 -13.91 16.79
N ASP A 108 -7.26 -15.00 16.32
CA ASP A 108 -7.24 -15.32 14.87
C ASP A 108 -8.66 -15.44 14.35
N ASP A 109 -8.88 -15.28 13.04
CA ASP A 109 -10.20 -15.42 12.52
C ASP A 109 -10.23 -15.45 10.99
N CYS A 110 -9.63 -14.45 10.35
CA CYS A 110 -9.74 -14.41 8.89
C CYS A 110 -9.05 -15.60 8.24
N SER A 111 -7.71 -15.67 8.21
CA SER A 111 -7.08 -16.85 7.64
C SER A 111 -6.50 -17.77 8.70
N ASP A 112 -5.50 -17.24 9.40
CA ASP A 112 -4.77 -18.01 10.43
C ASP A 112 -4.42 -17.26 11.73
N GLY A 113 -4.30 -15.94 11.68
CA GLY A 113 -3.90 -15.16 12.86
C GLY A 113 -3.22 -13.87 12.39
N SER A 114 -2.71 -13.87 11.16
CA SER A 114 -2.06 -12.69 10.57
C SER A 114 -2.96 -11.48 10.74
N ASP A 115 -4.27 -11.73 10.86
CA ASP A 115 -5.23 -10.63 11.06
C ASP A 115 -4.82 -9.76 12.27
N GLU A 116 -3.88 -10.25 13.08
CA GLU A 116 -3.41 -9.53 14.24
C GLU A 116 -1.92 -9.42 14.22
N LEU A 117 -1.32 -9.74 13.08
CA LEU A 117 0.10 -9.66 12.99
C LEU A 117 0.51 -8.27 13.33
N ASP A 118 1.09 -8.20 14.47
CA ASP A 118 1.61 -6.94 15.01
C ASP A 118 0.49 -5.91 15.14
N CYS A 119 -0.71 -6.37 15.42
CA CYS A 119 -1.85 -5.47 15.56
C CYS A 119 -1.95 -4.98 17.00
N ALA A 120 -0.82 -4.59 17.58
CA ALA A 120 -0.79 -4.09 18.95
C ALA A 120 -1.71 -2.88 19.09
N PRO A 121 -2.05 -2.53 20.30
CA PRO A 121 -2.94 -1.37 20.58
C PRO A 121 -2.23 -0.04 20.37
N LYS A 1 19.93 11.42 8.79
CA LYS A 1 19.39 12.81 8.76
C LYS A 1 17.95 12.79 9.25
N THR A 2 17.56 13.81 10.01
CA THR A 2 16.20 13.91 10.53
C THR A 2 15.47 15.08 9.89
N CYS A 3 14.16 14.94 9.73
CA CYS A 3 13.35 15.99 9.14
C CYS A 3 13.10 17.11 10.14
N ALA A 4 12.60 18.23 9.63
CA ALA A 4 12.29 19.38 10.48
C ALA A 4 10.94 19.19 11.16
N GLU A 5 10.81 19.72 12.37
CA GLU A 5 9.57 19.59 13.15
C GLU A 5 8.29 19.70 12.27
N SER A 6 8.22 20.69 11.37
CA SER A 6 7.03 20.87 10.53
C SER A 6 7.04 19.96 9.29
N ASP A 7 7.77 18.86 9.34
CA ASP A 7 7.84 17.94 8.22
C ASP A 7 6.79 16.83 8.38
N PHE A 8 6.20 16.39 7.27
CA PHE A 8 5.11 15.36 7.32
C PHE A 8 5.60 14.04 7.92
N VAL A 9 4.72 13.37 8.67
CA VAL A 9 5.07 12.09 9.30
C VAL A 9 4.30 10.95 8.64
N CYS A 10 5.00 10.14 7.83
CA CYS A 10 4.38 8.99 7.17
C CYS A 10 4.03 7.94 8.24
N ASN A 11 3.05 7.10 7.96
CA ASN A 11 2.59 6.09 8.95
C ASN A 11 3.63 5.05 9.26
N ASN A 12 4.70 5.00 8.48
CA ASN A 12 5.75 4.03 8.73
C ASN A 12 6.75 4.59 9.75
N GLY A 13 6.34 5.61 10.50
CA GLY A 13 7.23 6.21 11.48
C GLY A 13 8.29 7.09 10.79
N GLN A 14 8.29 7.10 9.46
CA GLN A 14 9.26 7.90 8.73
C GLN A 14 8.73 9.32 8.51
N CYS A 15 9.63 10.31 8.53
CA CYS A 15 9.21 11.71 8.37
C CYS A 15 9.94 12.43 7.23
N VAL A 16 9.19 12.90 6.21
CA VAL A 16 9.79 13.67 5.13
C VAL A 16 9.34 15.12 5.16
N PRO A 17 10.12 16.00 4.59
CA PRO A 17 9.78 17.44 4.55
C PRO A 17 8.50 17.67 3.74
N SER A 18 7.73 18.69 4.15
CA SER A 18 6.43 19.02 3.54
C SER A 18 6.41 19.03 2.01
N ARG A 19 7.55 18.98 1.37
CA ARG A 19 7.59 19.03 -0.10
C ARG A 19 7.58 17.65 -0.77
N TRP A 20 7.47 16.58 0.01
CA TRP A 20 7.48 15.23 -0.61
C TRP A 20 6.06 14.64 -0.73
N LYS A 21 5.09 15.54 -0.70
CA LYS A 21 3.64 15.24 -0.83
C LYS A 21 3.37 14.22 -1.98
N CYS A 22 2.09 13.74 -2.13
CA CYS A 22 1.73 12.85 -3.22
C CYS A 22 2.37 13.48 -4.42
N ASP A 23 3.47 12.90 -4.81
CA ASP A 23 4.23 13.38 -5.92
C ASP A 23 5.00 12.22 -6.50
N GLY A 24 4.54 11.01 -6.20
CA GLY A 24 5.23 9.82 -6.70
C GLY A 24 6.53 9.51 -5.99
N ASP A 25 6.82 10.19 -4.90
CA ASP A 25 8.07 9.92 -4.20
C ASP A 25 7.86 8.87 -3.07
N PRO A 26 8.42 7.67 -3.23
CA PRO A 26 8.32 6.53 -2.23
C PRO A 26 9.06 6.76 -0.92
N ASP A 27 9.35 8.01 -0.59
CA ASP A 27 10.12 8.31 0.63
C ASP A 27 9.61 7.50 1.82
N CYS A 28 8.32 7.20 1.85
CA CYS A 28 7.76 6.37 2.88
C CYS A 28 7.10 5.18 2.15
N GLU A 29 7.88 4.10 1.96
CA GLU A 29 7.37 2.93 1.23
C GLU A 29 6.12 2.38 1.89
N ASP A 30 6.17 2.19 3.20
CA ASP A 30 5.02 1.67 3.91
C ASP A 30 4.29 2.80 4.63
N GLY A 31 4.84 4.02 4.55
CA GLY A 31 4.22 5.17 5.21
C GLY A 31 3.05 5.75 4.40
N SER A 32 2.96 5.47 3.09
CA SER A 32 1.87 6.03 2.27
C SER A 32 1.78 7.55 2.45
N ASP A 33 2.91 8.23 2.25
CA ASP A 33 2.95 9.69 2.36
C ASP A 33 2.11 10.34 1.25
N GLU A 34 1.66 9.53 0.31
CA GLU A 34 0.90 10.03 -0.81
C GLU A 34 -0.59 9.64 -0.69
N SER A 35 -0.90 8.92 0.40
CA SER A 35 -2.27 8.46 0.69
C SER A 35 -3.03 9.52 1.50
N PRO A 36 -4.33 9.37 1.64
CA PRO A 36 -5.19 10.32 2.41
C PRO A 36 -4.53 10.83 3.69
N GLU A 37 -3.67 10.02 4.29
CA GLU A 37 -3.01 10.43 5.52
C GLU A 37 -2.22 11.73 5.32
N GLN A 38 -1.43 11.79 4.25
CA GLN A 38 -0.61 12.98 3.99
C GLN A 38 -1.16 13.77 2.81
N CYS A 39 -1.55 13.07 1.74
CA CYS A 39 -2.11 13.71 0.56
C CYS A 39 -3.59 13.92 0.77
N HIS A 40 -4.00 14.20 2.02
CA HIS A 40 -5.41 14.38 2.38
C HIS A 40 -6.10 15.42 1.48
N MET A 41 -6.31 15.07 0.22
CA MET A 41 -6.95 15.94 -0.77
C MET A 41 -6.72 15.40 -2.18
N ARG A 42 -5.62 14.68 -2.39
CA ARG A 42 -5.31 14.13 -3.70
C ARG A 42 -4.72 12.71 -3.63
N THR A 43 -4.54 12.13 -4.80
CA THR A 43 -4.01 10.75 -4.94
C THR A 43 -2.50 10.75 -5.26
N CYS A 44 -1.85 9.67 -4.89
CA CYS A 44 -0.43 9.46 -5.16
C CYS A 44 -0.18 9.43 -6.69
N ARG A 45 0.85 10.13 -7.20
CA ARG A 45 1.08 10.18 -8.68
C ARG A 45 2.44 9.58 -9.08
N ILE A 46 2.41 8.47 -9.86
CA ILE A 46 3.65 7.77 -10.39
C ILE A 46 3.92 6.52 -9.58
N HIS A 47 4.19 6.68 -8.29
CA HIS A 47 4.46 5.54 -7.43
C HIS A 47 3.16 4.86 -6.98
N GLU A 48 2.06 5.15 -7.66
CA GLU A 48 0.75 4.56 -7.36
C GLU A 48 -0.26 5.16 -8.37
N ILE A 49 -1.44 4.55 -8.57
CA ILE A 49 -2.33 5.06 -9.63
C ILE A 49 -3.37 6.02 -9.07
N SER A 50 -4.09 6.65 -9.99
CA SER A 50 -5.11 7.61 -9.65
C SER A 50 -6.49 7.01 -9.93
N CYS A 51 -7.36 7.02 -8.91
CA CYS A 51 -8.71 6.51 -9.10
C CYS A 51 -9.71 7.67 -9.02
N GLY A 52 -9.26 8.81 -8.50
CA GLY A 52 -10.12 9.98 -8.38
C GLY A 52 -9.34 11.30 -8.38
N ALA A 53 -9.41 12.07 -9.46
CA ALA A 53 -8.76 13.36 -9.48
C ALA A 53 -9.62 14.32 -8.63
N HIS A 54 -10.88 13.93 -8.39
CA HIS A 54 -11.76 14.76 -7.56
C HIS A 54 -11.74 14.34 -6.07
N SER A 55 -11.06 13.23 -5.73
CA SER A 55 -11.00 12.75 -4.37
C SER A 55 -9.58 12.27 -4.06
N THR A 56 -9.38 11.79 -2.85
CA THR A 56 -8.06 11.28 -2.46
C THR A 56 -8.05 9.77 -2.47
N GLN A 57 -7.72 9.14 -3.59
CA GLN A 57 -7.63 7.69 -3.59
C GLN A 57 -6.62 7.17 -4.60
N CYS A 58 -5.49 6.68 -4.11
CA CYS A 58 -4.49 6.08 -4.97
C CYS A 58 -4.32 4.62 -4.57
N ILE A 59 -4.16 3.74 -5.55
CA ILE A 59 -4.02 2.32 -5.27
C ILE A 59 -2.94 1.70 -6.15
N PRO A 60 -2.53 0.50 -5.86
CA PRO A 60 -1.50 -0.18 -6.68
C PRO A 60 -2.05 -0.59 -8.04
N VAL A 61 -1.43 -0.06 -9.10
CA VAL A 61 -1.87 -0.33 -10.49
C VAL A 61 -2.26 -1.81 -10.72
N SER A 62 -1.80 -2.72 -9.88
CA SER A 62 -2.10 -4.14 -10.05
C SER A 62 -3.60 -4.47 -9.97
N TRP A 63 -4.48 -3.48 -9.72
CA TRP A 63 -5.91 -3.79 -9.65
C TRP A 63 -6.55 -3.59 -11.01
N ARG A 64 -5.75 -3.70 -12.04
CA ARG A 64 -6.25 -3.54 -13.35
C ARG A 64 -6.32 -4.95 -13.93
N CYS A 65 -7.45 -5.62 -13.67
CA CYS A 65 -7.63 -6.98 -14.18
C CYS A 65 -8.27 -6.98 -15.57
N ASP A 66 -8.59 -5.78 -16.07
CA ASP A 66 -9.18 -5.62 -17.37
C ASP A 66 -8.32 -4.68 -18.22
N GLY A 67 -7.12 -4.35 -17.71
CA GLY A 67 -6.21 -3.43 -18.43
C GLY A 67 -6.58 -1.96 -18.16
N GLU A 68 -7.27 -1.73 -17.05
CA GLU A 68 -7.65 -0.38 -16.66
C GLU A 68 -7.88 -0.33 -15.15
N ASN A 69 -7.72 0.84 -14.45
CA ASN A 69 -8.09 0.85 -13.04
C ASN A 69 -9.40 1.57 -12.96
N ASP A 70 -10.40 0.98 -12.36
CA ASP A 70 -11.69 1.65 -12.28
C ASP A 70 -12.10 1.92 -10.85
N CYS A 71 -11.18 1.63 -9.93
CA CYS A 71 -11.43 1.73 -8.53
C CYS A 71 -11.80 3.12 -8.02
N ASP A 72 -12.58 3.94 -8.74
CA ASP A 72 -12.89 5.27 -8.17
C ASP A 72 -13.17 5.11 -6.68
N SER A 73 -14.11 4.23 -6.33
CA SER A 73 -14.42 3.95 -4.94
C SER A 73 -13.88 2.58 -4.52
N GLY A 74 -12.78 2.14 -5.15
CA GLY A 74 -12.16 0.84 -4.81
C GLY A 74 -13.08 -0.33 -5.10
N GLU A 75 -14.13 -0.11 -5.89
CA GLU A 75 -15.12 -1.15 -6.17
C GLU A 75 -14.83 -2.14 -7.34
N ASP A 76 -14.22 -1.71 -8.46
CA ASP A 76 -14.11 -2.66 -9.60
C ASP A 76 -13.17 -3.86 -9.36
N GLU A 77 -12.03 -3.69 -8.70
CA GLU A 77 -11.11 -4.83 -8.53
C GLU A 77 -10.46 -4.91 -7.16
N GLU A 78 -11.07 -4.37 -6.13
CA GLU A 78 -10.40 -4.41 -4.85
C GLU A 78 -9.94 -5.82 -4.48
N ASN A 79 -8.66 -5.95 -4.15
CA ASN A 79 -8.05 -7.26 -3.89
C ASN A 79 -8.47 -8.24 -4.95
N CYS A 80 -8.23 -7.85 -6.20
CA CYS A 80 -8.58 -8.67 -7.37
C CYS A 80 -7.49 -9.69 -7.70
N GLY A 81 -6.26 -9.45 -7.22
CA GLY A 81 -5.16 -10.36 -7.50
C GLY A 81 -5.45 -11.77 -7.03
N ASN A 82 -5.28 -11.98 -5.73
CA ASN A 82 -5.52 -13.29 -5.14
C ASN A 82 -7.00 -13.65 -5.13
N ILE A 83 -7.66 -13.32 -4.05
CA ILE A 83 -9.09 -13.61 -3.87
C ILE A 83 -9.92 -12.32 -3.88
N THR A 84 -11.06 -12.37 -4.54
CA THR A 84 -11.95 -11.21 -4.61
C THR A 84 -12.91 -11.19 -3.42
N CYS A 85 -12.64 -10.26 -2.53
CA CYS A 85 -13.44 -10.04 -1.34
C CYS A 85 -14.34 -8.85 -1.58
N SER A 86 -15.12 -8.49 -0.58
CA SER A 86 -15.98 -7.34 -0.73
C SER A 86 -15.17 -6.12 -0.30
N PRO A 87 -15.18 -5.06 -1.05
CA PRO A 87 -14.42 -3.81 -0.69
C PRO A 87 -14.62 -3.34 0.76
N ASP A 88 -15.59 -3.93 1.47
CA ASP A 88 -15.81 -3.55 2.86
C ASP A 88 -14.99 -4.45 3.79
N GLU A 89 -14.10 -5.26 3.22
CA GLU A 89 -13.27 -6.17 3.99
C GLU A 89 -11.79 -5.89 3.75
N PHE A 90 -10.95 -6.13 4.77
CA PHE A 90 -9.51 -5.89 4.64
C PHE A 90 -8.80 -7.15 4.12
N THR A 91 -7.95 -7.01 3.09
CA THR A 91 -7.28 -8.18 2.50
C THR A 91 -5.94 -8.51 3.16
N CYS A 92 -5.69 -9.82 3.29
CA CYS A 92 -4.45 -10.32 3.88
C CYS A 92 -3.41 -10.52 2.76
N SER A 93 -2.17 -10.98 3.06
CA SER A 93 -1.20 -11.18 2.00
C SER A 93 -1.60 -12.38 1.13
N SER A 94 -2.65 -13.09 1.54
CA SER A 94 -3.15 -14.21 0.77
C SER A 94 -4.43 -13.80 0.03
N GLY A 95 -4.79 -12.53 0.17
CA GLY A 95 -5.98 -12.00 -0.49
C GLY A 95 -7.26 -12.45 0.21
N ARG A 96 -7.14 -13.03 1.40
CA ARG A 96 -8.32 -13.43 2.14
C ARG A 96 -8.75 -12.23 2.94
N CYS A 97 -10.03 -11.90 2.93
CA CYS A 97 -10.45 -10.70 3.62
C CYS A 97 -11.63 -10.92 4.55
N ILE A 98 -11.53 -10.28 5.71
CA ILE A 98 -12.56 -10.32 6.72
C ILE A 98 -13.11 -8.92 6.91
N SER A 99 -14.18 -8.82 7.68
CA SER A 99 -14.75 -7.52 7.92
C SER A 99 -14.00 -6.83 9.04
N ARG A 100 -14.16 -5.53 9.16
CA ARG A 100 -13.48 -4.80 10.23
C ARG A 100 -13.96 -5.24 11.60
N ASN A 101 -15.00 -6.06 11.62
CA ASN A 101 -15.54 -6.58 12.87
C ASN A 101 -14.61 -7.63 13.47
N PHE A 102 -13.48 -7.90 12.82
CA PHE A 102 -12.55 -8.88 13.38
C PHE A 102 -11.55 -8.19 14.32
N VAL A 103 -11.93 -6.99 14.73
CA VAL A 103 -11.14 -6.15 15.64
C VAL A 103 -10.57 -7.04 16.75
N CYS A 104 -9.48 -6.62 17.42
CA CYS A 104 -8.86 -7.44 18.42
C CYS A 104 -9.87 -7.96 19.40
N ASN A 105 -10.29 -9.15 19.13
CA ASN A 105 -11.20 -9.88 19.98
C ASN A 105 -10.44 -11.07 20.51
N GLY A 106 -9.13 -11.08 20.20
CA GLY A 106 -8.26 -12.19 20.64
C GLY A 106 -7.88 -13.11 19.48
N GLN A 107 -8.46 -12.87 18.30
CA GLN A 107 -8.15 -13.70 17.13
C GLN A 107 -7.35 -12.87 16.10
N ASP A 108 -6.10 -13.25 15.79
CA ASP A 108 -5.31 -12.44 14.82
C ASP A 108 -6.10 -12.14 13.57
N ASP A 109 -5.72 -11.04 12.92
CA ASP A 109 -6.38 -10.59 11.71
C ASP A 109 -5.41 -9.73 10.90
N CYS A 110 -4.62 -10.47 10.20
CA CYS A 110 -3.61 -9.99 9.27
C CYS A 110 -4.26 -9.23 8.12
N SER A 111 -5.52 -9.62 7.82
CA SER A 111 -6.28 -9.00 6.74
C SER A 111 -6.02 -7.52 6.77
N ASP A 112 -6.24 -6.95 7.92
CA ASP A 112 -5.96 -5.54 8.11
C ASP A 112 -4.65 -5.38 8.89
N GLY A 113 -4.35 -6.33 9.81
CA GLY A 113 -3.13 -6.25 10.68
C GLY A 113 -3.39 -5.27 11.82
N SER A 114 -4.08 -4.23 11.44
CA SER A 114 -4.54 -3.18 12.31
C SER A 114 -5.60 -3.72 13.28
N ASP A 115 -5.99 -5.02 13.22
CA ASP A 115 -6.98 -5.43 14.20
C ASP A 115 -6.30 -5.71 15.53
N GLU A 116 -5.09 -6.25 15.47
CA GLU A 116 -4.36 -6.61 16.67
C GLU A 116 -2.97 -6.03 16.67
N LEU A 117 -2.57 -5.40 15.58
CA LEU A 117 -1.27 -4.80 15.58
C LEU A 117 -1.47 -3.36 15.94
N ASP A 118 -1.10 -3.12 17.16
CA ASP A 118 -1.20 -1.81 17.77
C ASP A 118 -2.65 -1.44 18.07
N CYS A 119 -3.55 -2.42 18.02
CA CYS A 119 -4.96 -2.14 18.31
C CYS A 119 -5.16 -1.63 19.74
N ALA A 120 -4.11 -1.72 20.54
CA ALA A 120 -4.18 -1.27 21.93
C ALA A 120 -4.76 0.15 22.00
N PRO A 121 -5.23 0.56 23.14
CA PRO A 121 -5.80 1.92 23.34
C PRO A 121 -4.91 3.02 22.77
N LYS A 1 23.60 10.47 -28.95
CA LYS A 1 23.10 9.31 -29.72
C LYS A 1 21.97 8.62 -28.94
N THR A 2 20.98 9.41 -28.53
CA THR A 2 19.86 8.86 -27.78
C THR A 2 18.54 9.37 -28.35
N CYS A 3 17.46 8.67 -28.02
CA CYS A 3 16.13 9.04 -28.49
C CYS A 3 15.82 10.51 -28.20
N ALA A 4 14.80 11.04 -28.86
CA ALA A 4 14.38 12.42 -28.68
C ALA A 4 13.41 12.52 -27.51
N GLU A 5 13.55 13.55 -26.67
CA GLU A 5 12.70 13.68 -25.48
C GLU A 5 11.21 13.26 -25.67
N SER A 6 10.58 13.50 -26.83
CA SER A 6 9.17 13.12 -27.00
C SER A 6 9.00 11.60 -27.15
N ASP A 7 10.08 10.94 -27.49
CA ASP A 7 10.10 9.49 -27.68
C ASP A 7 9.47 8.79 -26.46
N PHE A 8 8.76 7.67 -26.71
CA PHE A 8 8.09 6.97 -25.58
C PHE A 8 9.15 6.45 -24.60
N VAL A 9 9.30 7.14 -23.47
CA VAL A 9 10.27 6.71 -22.46
C VAL A 9 9.63 5.73 -21.50
N CYS A 10 10.33 4.65 -21.21
CA CYS A 10 9.82 3.66 -20.29
C CYS A 10 10.54 3.81 -18.95
N ASN A 11 9.78 3.73 -17.87
CA ASN A 11 10.31 3.94 -16.51
C ASN A 11 11.44 2.98 -16.13
N ASN A 12 11.73 2.00 -16.97
CA ASN A 12 12.80 1.06 -16.65
C ASN A 12 14.14 1.62 -17.16
N GLY A 13 14.22 2.95 -17.36
CA GLY A 13 15.44 3.55 -17.85
C GLY A 13 15.67 3.19 -19.32
N GLN A 14 14.73 2.44 -19.91
CA GLN A 14 14.87 2.08 -21.32
C GLN A 14 14.16 3.12 -22.18
N CYS A 15 14.65 3.33 -23.40
CA CYS A 15 14.02 4.31 -24.29
C CYS A 15 13.54 3.70 -25.60
N VAL A 16 12.53 4.32 -26.17
CA VAL A 16 11.97 3.85 -27.44
C VAL A 16 11.19 4.94 -28.18
N PRO A 17 11.71 5.45 -29.28
CA PRO A 17 10.99 6.44 -30.14
C PRO A 17 9.51 6.06 -30.29
N SER A 18 8.67 7.04 -30.69
CA SER A 18 7.19 6.84 -30.88
C SER A 18 6.83 5.55 -31.67
N ARG A 19 7.80 4.92 -32.23
CA ARG A 19 7.60 3.70 -33.03
C ARG A 19 7.34 2.45 -32.14
N TRP A 20 7.12 2.66 -30.83
CA TRP A 20 6.81 1.53 -29.93
C TRP A 20 5.53 1.74 -29.09
N LYS A 21 4.62 2.54 -29.61
CA LYS A 21 3.31 2.86 -28.96
C LYS A 21 2.68 1.60 -28.35
N CYS A 22 1.62 1.77 -27.48
CA CYS A 22 0.89 0.62 -26.98
C CYS A 22 0.52 -0.07 -28.27
N ASP A 23 1.21 -1.11 -28.56
CA ASP A 23 1.00 -1.86 -29.77
C ASP A 23 1.19 -3.33 -29.48
N GLY A 24 1.40 -3.66 -28.21
CA GLY A 24 1.63 -5.04 -27.85
C GLY A 24 3.11 -5.37 -27.82
N ASP A 25 3.97 -4.35 -28.00
CA ASP A 25 5.39 -4.61 -28.03
C ASP A 25 6.04 -4.42 -26.62
N PRO A 26 6.59 -5.48 -26.05
CA PRO A 26 7.25 -5.49 -24.70
C PRO A 26 8.60 -4.78 -24.64
N ASP A 27 8.87 -3.88 -25.57
CA ASP A 27 10.20 -3.23 -25.62
C ASP A 27 10.63 -2.76 -24.23
N CYS A 28 9.70 -2.39 -23.36
CA CYS A 28 10.05 -2.03 -22.01
C CYS A 28 9.25 -2.93 -21.07
N GLU A 29 9.75 -4.16 -20.88
CA GLU A 29 9.06 -5.15 -20.06
C GLU A 29 8.57 -4.57 -18.74
N ASP A 30 9.46 -3.88 -18.04
CA ASP A 30 9.09 -3.26 -16.78
C ASP A 30 9.09 -1.74 -16.92
N GLY A 31 9.10 -1.29 -18.18
CA GLY A 31 9.13 0.15 -18.45
C GLY A 31 7.75 0.80 -18.72
N SER A 32 6.70 -0.01 -18.97
CA SER A 32 5.35 0.57 -19.18
C SER A 32 5.26 1.57 -20.35
N ASP A 33 5.85 1.21 -21.49
CA ASP A 33 5.77 2.07 -22.70
C ASP A 33 4.37 2.08 -23.28
N GLU A 34 3.48 1.29 -22.70
CA GLU A 34 2.11 1.19 -23.22
C GLU A 34 1.08 1.55 -22.14
N SER A 35 1.57 2.01 -20.99
CA SER A 35 0.75 2.39 -19.83
C SER A 35 0.24 3.83 -19.93
N PRO A 36 -0.69 4.20 -19.07
CA PRO A 36 -1.29 5.57 -19.03
C PRO A 36 -0.27 6.70 -19.24
N GLU A 37 0.98 6.43 -18.92
CA GLU A 37 2.01 7.45 -19.04
C GLU A 37 2.42 7.69 -20.50
N GLN A 38 2.64 6.61 -21.25
CA GLN A 38 3.07 6.74 -22.64
C GLN A 38 1.93 6.51 -23.62
N CYS A 39 1.11 5.50 -23.35
CA CYS A 39 -0.05 5.23 -24.20
C CYS A 39 -1.22 6.01 -23.66
N HIS A 40 -0.97 7.23 -23.15
CA HIS A 40 -2.05 8.05 -22.57
C HIS A 40 -3.18 8.21 -23.60
N MET A 41 -3.96 7.15 -23.79
CA MET A 41 -5.05 7.10 -24.75
C MET A 41 -5.53 5.65 -24.89
N ARG A 42 -4.60 4.68 -24.77
CA ARG A 42 -4.96 3.26 -24.89
C ARG A 42 -4.20 2.35 -23.91
N THR A 43 -4.64 1.09 -23.87
CA THR A 43 -4.08 0.09 -22.95
C THR A 43 -2.92 -0.75 -23.54
N CYS A 44 -2.06 -1.18 -22.62
CA CYS A 44 -0.91 -2.06 -22.90
C CYS A 44 -1.40 -3.44 -23.36
N ARG A 45 -0.79 -4.00 -24.41
CA ARG A 45 -1.23 -5.32 -24.94
C ARG A 45 -0.10 -6.35 -24.83
N ILE A 46 0.30 -6.68 -23.61
CA ILE A 46 1.35 -7.69 -23.39
C ILE A 46 1.06 -8.36 -22.05
N HIS A 47 1.61 -7.79 -20.98
CA HIS A 47 1.37 -8.31 -19.66
C HIS A 47 0.28 -7.48 -19.02
N GLU A 48 -0.64 -6.99 -19.84
CA GLU A 48 -1.74 -6.18 -19.31
C GLU A 48 -2.91 -6.20 -20.29
N ILE A 49 -4.15 -6.40 -19.81
CA ILE A 49 -5.30 -6.44 -20.71
C ILE A 49 -6.25 -5.30 -20.43
N SER A 50 -6.69 -4.69 -21.50
CA SER A 50 -7.56 -3.51 -21.42
C SER A 50 -8.60 -3.58 -20.33
N CYS A 51 -8.73 -2.47 -19.62
CA CYS A 51 -9.70 -2.33 -18.56
C CYS A 51 -10.58 -1.11 -18.86
N GLY A 52 -10.35 -0.48 -20.01
CA GLY A 52 -11.11 0.70 -20.41
C GLY A 52 -10.88 1.08 -21.86
N ALA A 53 -11.83 0.76 -22.74
CA ALA A 53 -11.68 1.13 -24.13
C ALA A 53 -11.91 2.65 -24.25
N HIS A 54 -12.61 3.23 -23.26
CA HIS A 54 -12.84 4.67 -23.30
C HIS A 54 -11.75 5.47 -22.53
N SER A 55 -10.96 4.82 -21.67
CA SER A 55 -9.93 5.49 -20.90
C SER A 55 -8.60 4.76 -21.11
N THR A 56 -7.55 5.23 -20.46
CA THR A 56 -6.23 4.58 -20.59
C THR A 56 -5.91 3.83 -19.32
N GLN A 57 -6.31 2.58 -19.20
CA GLN A 57 -5.98 1.84 -18.00
C GLN A 57 -5.73 0.36 -18.29
N CYS A 58 -4.46 0.00 -18.33
CA CYS A 58 -4.07 -1.39 -18.58
C CYS A 58 -3.57 -2.09 -17.31
N ILE A 59 -4.15 -3.26 -17.02
CA ILE A 59 -3.76 -4.00 -15.81
C ILE A 59 -3.42 -5.44 -16.18
N PRO A 60 -2.61 -6.10 -15.38
CA PRO A 60 -2.22 -7.51 -15.65
C PRO A 60 -3.42 -8.41 -15.88
N VAL A 61 -3.39 -9.18 -16.96
CA VAL A 61 -4.49 -10.11 -17.27
C VAL A 61 -4.83 -11.01 -16.08
N SER A 62 -3.92 -11.10 -15.10
CA SER A 62 -4.16 -11.93 -13.93
C SER A 62 -5.34 -11.39 -13.09
N TRP A 63 -5.81 -10.20 -13.43
CA TRP A 63 -6.95 -9.58 -12.70
C TRP A 63 -8.29 -10.21 -13.11
N ARG A 64 -8.23 -11.27 -13.89
CA ARG A 64 -9.40 -11.92 -14.33
C ARG A 64 -9.82 -12.89 -13.25
N CYS A 65 -10.55 -12.39 -12.25
CA CYS A 65 -11.00 -13.26 -11.17
C CYS A 65 -12.31 -13.93 -11.54
N ASP A 66 -12.94 -13.47 -12.62
CA ASP A 66 -14.18 -14.02 -13.09
C ASP A 66 -14.00 -14.41 -14.56
N GLY A 67 -12.74 -14.63 -14.95
CA GLY A 67 -12.44 -14.99 -16.36
C GLY A 67 -12.22 -13.74 -17.22
N GLU A 68 -12.43 -12.57 -16.63
CA GLU A 68 -12.27 -11.31 -17.33
C GLU A 68 -11.89 -10.25 -16.28
N ASN A 69 -11.23 -9.12 -16.64
CA ASN A 69 -10.98 -8.13 -15.59
C ASN A 69 -12.04 -7.05 -15.82
N ASP A 70 -12.55 -6.45 -14.76
CA ASP A 70 -13.62 -5.47 -14.93
C ASP A 70 -13.35 -4.18 -14.17
N CYS A 71 -12.08 -3.94 -13.88
CA CYS A 71 -11.62 -2.80 -13.11
C CYS A 71 -11.92 -1.43 -13.76
N ASP A 72 -13.11 -1.22 -14.34
CA ASP A 72 -13.42 0.10 -14.93
C ASP A 72 -12.91 1.20 -13.97
N SER A 73 -13.35 1.09 -12.72
CA SER A 73 -12.93 2.00 -11.67
C SER A 73 -12.20 1.21 -10.56
N GLY A 74 -11.71 0.00 -10.89
CA GLY A 74 -11.02 -0.85 -9.90
C GLY A 74 -12.00 -1.51 -8.92
N GLU A 75 -13.25 -1.69 -9.34
CA GLU A 75 -14.28 -2.27 -8.49
C GLU A 75 -14.37 -3.81 -8.48
N ASP A 76 -14.01 -4.53 -9.55
CA ASP A 76 -14.17 -6.00 -9.52
C ASP A 76 -12.90 -6.74 -9.09
N GLU A 77 -11.76 -6.05 -9.00
CA GLU A 77 -10.52 -6.77 -8.65
C GLU A 77 -9.93 -6.45 -7.30
N GLU A 78 -10.70 -5.81 -6.45
CA GLU A 78 -10.21 -5.55 -5.11
C GLU A 78 -9.69 -6.88 -4.64
N ASN A 79 -8.57 -6.87 -3.94
CA ASN A 79 -7.94 -8.10 -3.46
C ASN A 79 -8.29 -9.26 -4.36
N CYS A 80 -7.74 -9.23 -5.57
CA CYS A 80 -7.98 -10.34 -6.50
C CYS A 80 -6.73 -11.21 -6.65
N GLY A 81 -5.72 -11.01 -5.80
CA GLY A 81 -4.50 -11.80 -5.87
C GLY A 81 -4.76 -13.27 -5.54
N ASN A 82 -5.95 -13.58 -5.03
CA ASN A 82 -6.29 -14.95 -4.67
C ASN A 82 -7.81 -15.10 -4.60
N ILE A 83 -8.37 -14.58 -3.53
CA ILE A 83 -9.79 -14.62 -3.27
C ILE A 83 -10.37 -13.22 -3.38
N THR A 84 -11.55 -13.13 -3.95
CA THR A 84 -12.20 -11.83 -4.12
C THR A 84 -13.16 -11.52 -2.99
N CYS A 85 -12.78 -10.51 -2.25
CA CYS A 85 -13.56 -10.01 -1.14
C CYS A 85 -14.27 -8.76 -1.58
N SER A 86 -15.05 -8.18 -0.70
CA SER A 86 -15.75 -6.97 -1.04
C SER A 86 -14.86 -5.79 -0.69
N PRO A 87 -14.76 -4.80 -1.54
CA PRO A 87 -13.94 -3.58 -1.28
C PRO A 87 -14.06 -3.03 0.17
N ASP A 88 -15.09 -3.44 0.90
CA ASP A 88 -15.26 -2.97 2.27
C ASP A 88 -14.61 -3.91 3.29
N GLU A 89 -13.76 -4.82 2.81
CA GLU A 89 -13.10 -5.77 3.69
C GLU A 89 -11.59 -5.55 3.69
N PHE A 90 -10.91 -6.00 4.75
CA PHE A 90 -9.45 -5.85 4.84
C PHE A 90 -8.76 -7.12 4.31
N THR A 91 -7.93 -7.00 3.28
CA THR A 91 -7.28 -8.17 2.67
C THR A 91 -5.91 -8.50 3.26
N CYS A 92 -5.67 -9.81 3.40
CA CYS A 92 -4.39 -10.31 3.91
C CYS A 92 -3.42 -10.46 2.73
N SER A 93 -2.15 -10.87 2.95
CA SER A 93 -1.24 -11.02 1.83
C SER A 93 -1.60 -12.23 0.99
N SER A 94 -2.59 -13.01 1.43
CA SER A 94 -3.03 -14.18 0.68
C SER A 94 -4.33 -13.89 -0.07
N GLY A 95 -4.77 -12.62 -0.06
CA GLY A 95 -6.00 -12.24 -0.76
C GLY A 95 -7.25 -12.65 0.03
N ARG A 96 -7.10 -12.95 1.31
CA ARG A 96 -8.25 -13.34 2.14
C ARG A 96 -8.69 -12.13 2.94
N CYS A 97 -9.98 -11.80 2.91
CA CYS A 97 -10.43 -10.63 3.65
C CYS A 97 -11.64 -10.88 4.53
N ILE A 98 -11.62 -10.22 5.66
CA ILE A 98 -12.68 -10.28 6.64
C ILE A 98 -13.28 -8.91 6.83
N SER A 99 -14.33 -8.82 7.62
CA SER A 99 -14.96 -7.54 7.86
C SER A 99 -14.15 -6.81 8.93
N ARG A 100 -14.30 -5.50 9.00
CA ARG A 100 -13.57 -4.74 10.00
C ARG A 100 -13.97 -5.11 11.42
N ASN A 101 -15.00 -5.94 11.53
CA ASN A 101 -15.49 -6.39 12.82
C ASN A 101 -14.57 -7.45 13.43
N PHE A 102 -13.43 -7.73 12.79
CA PHE A 102 -12.51 -8.72 13.32
C PHE A 102 -11.52 -8.09 14.30
N VAL A 103 -11.91 -6.92 14.81
CA VAL A 103 -11.14 -6.14 15.77
C VAL A 103 -10.58 -7.10 16.83
N CYS A 104 -9.48 -6.73 17.53
CA CYS A 104 -8.89 -7.66 18.46
C CYS A 104 -9.89 -8.16 19.44
N ASN A 105 -10.37 -9.32 19.10
CA ASN A 105 -11.29 -10.06 19.92
C ASN A 105 -10.49 -11.17 20.58
N GLY A 106 -9.17 -11.12 20.37
CA GLY A 106 -8.28 -12.13 20.91
C GLY A 106 -7.80 -13.10 19.82
N GLN A 107 -8.32 -12.95 18.60
CA GLN A 107 -7.95 -13.82 17.51
C GLN A 107 -7.24 -12.98 16.40
N ASP A 108 -5.99 -13.31 16.05
CA ASP A 108 -5.25 -12.52 15.03
C ASP A 108 -6.05 -12.38 13.73
N ASP A 109 -5.72 -11.31 12.98
CA ASP A 109 -6.34 -11.03 11.71
C ASP A 109 -5.41 -10.13 10.91
N CYS A 110 -4.53 -10.82 10.25
CA CYS A 110 -3.52 -10.28 9.34
C CYS A 110 -4.17 -9.50 8.22
N SER A 111 -5.44 -9.83 7.92
CA SER A 111 -6.18 -9.17 6.84
C SER A 111 -5.86 -7.70 6.88
N ASP A 112 -6.05 -7.14 8.04
CA ASP A 112 -5.73 -5.74 8.22
C ASP A 112 -4.40 -5.61 8.99
N GLY A 113 -4.09 -6.60 9.87
CA GLY A 113 -2.86 -6.55 10.72
C GLY A 113 -3.14 -5.65 11.93
N SER A 114 -3.84 -4.60 11.62
CA SER A 114 -4.33 -3.62 12.55
C SER A 114 -5.42 -4.20 13.44
N ASP A 115 -5.80 -5.50 13.29
CA ASP A 115 -6.85 -5.97 14.18
C ASP A 115 -6.26 -6.21 15.59
N GLU A 116 -5.06 -6.80 15.66
CA GLU A 116 -4.43 -7.03 16.96
C GLU A 116 -3.01 -6.50 16.97
N LEU A 117 -2.55 -5.95 15.85
CA LEU A 117 -1.25 -5.36 15.88
C LEU A 117 -1.50 -3.90 16.11
N ASP A 118 -1.25 -3.52 17.33
CA ASP A 118 -1.48 -2.17 17.80
C ASP A 118 -2.98 -1.88 17.97
N CYS A 119 -3.83 -2.86 17.62
CA CYS A 119 -5.28 -2.71 17.75
C CYS A 119 -5.73 -1.33 17.28
N ALA A 120 -5.04 -0.77 16.30
CA ALA A 120 -5.38 0.54 15.78
C ALA A 120 -6.50 0.45 14.75
N PRO A 121 -7.15 1.54 14.45
CA PRO A 121 -8.27 1.56 13.47
C PRO A 121 -7.89 0.87 12.15
N LYS A 1 18.52 19.02 1.06
CA LYS A 1 18.59 18.31 -0.24
C LYS A 1 17.24 17.66 -0.53
N THR A 2 16.29 18.46 -1.00
CA THR A 2 14.97 17.95 -1.33
C THR A 2 14.47 18.53 -2.64
N CYS A 3 13.58 17.80 -3.32
CA CYS A 3 13.04 18.27 -4.59
C CYS A 3 12.47 19.68 -4.45
N ALA A 4 12.18 20.31 -5.58
CA ALA A 4 11.64 21.67 -5.58
C ALA A 4 10.50 21.83 -4.56
N GLU A 5 10.44 23.01 -3.94
CA GLU A 5 9.41 23.29 -2.95
C GLU A 5 7.99 22.78 -3.33
N SER A 6 7.68 22.57 -4.63
CA SER A 6 6.35 22.13 -5.02
C SER A 6 6.31 20.66 -5.49
N ASP A 7 7.46 20.00 -5.48
CA ASP A 7 7.56 18.60 -5.90
C ASP A 7 6.43 17.77 -5.29
N PHE A 8 6.21 16.57 -5.84
CA PHE A 8 5.18 15.66 -5.30
C PHE A 8 5.88 14.57 -4.49
N VAL A 9 5.60 14.46 -3.20
CA VAL A 9 6.27 13.45 -2.39
C VAL A 9 5.57 12.09 -2.47
N CYS A 10 6.23 11.13 -3.12
CA CYS A 10 5.66 9.78 -3.22
C CYS A 10 5.73 9.14 -1.82
N ASN A 11 4.83 8.21 -1.55
CA ASN A 11 4.75 7.58 -0.20
C ASN A 11 6.01 6.86 0.21
N ASN A 12 6.89 6.60 -0.75
CA ASN A 12 8.13 5.90 -0.43
C ASN A 12 9.18 6.89 0.09
N GLY A 13 8.74 8.08 0.50
CA GLY A 13 9.69 9.09 0.98
C GLY A 13 10.46 9.70 -0.19
N GLN A 14 10.18 9.23 -1.42
CA GLN A 14 10.86 9.76 -2.59
C GLN A 14 10.19 11.04 -3.09
N CYS A 15 10.98 11.95 -3.67
CA CYS A 15 10.42 13.21 -4.17
C CYS A 15 10.67 13.37 -5.68
N VAL A 16 9.63 13.85 -6.38
CA VAL A 16 9.71 14.09 -7.82
C VAL A 16 9.11 15.43 -8.21
N PRO A 17 9.90 16.34 -8.78
CA PRO A 17 9.38 17.66 -9.23
C PRO A 17 8.01 17.51 -9.91
N SER A 18 7.19 18.57 -9.81
CA SER A 18 5.81 18.59 -10.31
C SER A 18 5.57 17.94 -11.69
N ARG A 19 6.61 17.61 -12.45
CA ARG A 19 6.39 17.07 -13.80
C ARG A 19 6.32 15.52 -13.90
N TRP A 20 6.44 14.79 -12.79
CA TRP A 20 6.39 13.31 -12.90
C TRP A 20 5.00 12.75 -12.54
N LYS A 21 3.99 13.61 -12.62
CA LYS A 21 2.58 13.30 -12.35
C LYS A 21 2.17 11.95 -13.00
N CYS A 22 0.93 11.43 -12.68
CA CYS A 22 0.41 10.22 -13.29
C CYS A 22 0.68 10.41 -14.75
N ASP A 23 1.71 9.76 -15.21
CA ASP A 23 2.13 9.85 -16.58
C ASP A 23 2.79 8.55 -16.98
N GLY A 24 2.54 7.51 -16.19
CA GLY A 24 3.14 6.22 -16.48
C GLY A 24 4.60 6.16 -16.07
N ASP A 25 5.08 7.16 -15.36
CA ASP A 25 6.47 7.17 -14.94
C ASP A 25 6.63 6.56 -13.52
N PRO A 26 7.25 5.40 -13.39
CA PRO A 26 7.50 4.69 -12.08
C PRO A 26 8.50 5.37 -11.15
N ASP A 27 8.72 6.68 -11.31
CA ASP A 27 9.72 7.38 -10.49
C ASP A 27 9.62 7.01 -9.01
N CYS A 28 8.44 6.57 -8.56
CA CYS A 28 8.28 6.11 -7.21
C CYS A 28 7.75 4.68 -7.31
N GLU A 29 8.65 3.70 -7.19
CA GLU A 29 8.26 2.28 -7.35
C GLU A 29 7.16 1.89 -6.38
N ASP A 30 7.33 2.22 -5.11
CA ASP A 30 6.32 1.89 -4.12
C ASP A 30 5.65 3.17 -3.63
N GLY A 31 5.98 4.30 -4.27
CA GLY A 31 5.41 5.58 -3.87
C GLY A 31 4.02 5.87 -4.50
N SER A 32 3.66 5.19 -5.59
CA SER A 32 2.36 5.44 -6.24
C SER A 32 2.14 6.94 -6.49
N ASP A 33 3.10 7.56 -7.17
CA ASP A 33 3.02 8.98 -7.51
C ASP A 33 1.92 9.23 -8.56
N GLU A 34 1.26 8.17 -9.01
CA GLU A 34 0.23 8.31 -10.04
C GLU A 34 -1.17 8.00 -9.49
N SER A 35 -1.24 7.67 -8.21
CA SER A 35 -2.50 7.35 -7.52
C SER A 35 -3.11 8.60 -6.91
N PRO A 36 -4.33 8.52 -6.43
CA PRO A 36 -5.06 9.66 -5.80
C PRO A 36 -4.21 10.51 -4.87
N GLU A 37 -3.12 9.95 -4.36
CA GLU A 37 -2.27 10.70 -3.46
C GLU A 37 -1.62 11.89 -4.18
N GLN A 38 -1.06 11.64 -5.36
CA GLN A 38 -0.38 12.70 -6.12
C GLN A 38 -1.21 13.10 -7.34
N CYS A 39 -1.73 12.11 -8.04
CA CYS A 39 -2.55 12.34 -9.22
C CYS A 39 -3.97 12.61 -8.78
N HIS A 40 -4.15 13.28 -7.63
CA HIS A 40 -5.48 13.57 -7.09
C HIS A 40 -6.37 14.29 -8.10
N MET A 41 -6.77 13.57 -9.16
CA MET A 41 -7.60 14.11 -10.23
C MET A 41 -7.62 13.14 -11.41
N ARG A 42 -6.56 12.33 -11.56
CA ARG A 42 -6.49 11.37 -12.65
C ARG A 42 -5.88 10.02 -12.21
N THR A 43 -5.94 9.06 -13.10
CA THR A 43 -5.45 7.70 -12.85
C THR A 43 -4.02 7.51 -13.39
N CYS A 44 -3.31 6.55 -12.81
CA CYS A 44 -1.96 6.16 -13.23
C CYS A 44 -2.02 5.77 -14.73
N ARG A 45 -0.91 5.34 -15.37
CA ARG A 45 -0.99 4.97 -16.81
C ARG A 45 0.04 3.87 -17.16
N ILE A 46 -0.44 2.69 -17.66
CA ILE A 46 0.48 1.55 -18.05
C ILE A 46 0.83 0.71 -16.83
N HIS A 47 1.56 1.27 -15.88
CA HIS A 47 1.92 0.52 -14.67
C HIS A 47 0.73 0.38 -13.71
N GLU A 48 -0.47 0.64 -14.23
CA GLU A 48 -1.72 0.56 -13.47
C GLU A 48 -2.82 0.99 -14.44
N ILE A 49 -4.04 0.47 -14.31
CA ILE A 49 -5.05 0.77 -15.34
C ILE A 49 -5.94 1.95 -14.94
N SER A 50 -6.75 2.35 -15.90
CA SER A 50 -7.66 3.46 -15.76
C SER A 50 -9.07 2.97 -15.42
N CYS A 51 -9.65 3.50 -14.36
CA CYS A 51 -11.02 3.12 -14.00
C CYS A 51 -11.98 4.25 -14.38
N GLY A 52 -11.44 5.45 -14.58
CA GLY A 52 -12.28 6.58 -14.97
C GLY A 52 -11.52 7.91 -14.99
N ALA A 53 -11.60 8.62 -16.12
CA ALA A 53 -10.97 9.93 -16.20
C ALA A 53 -11.85 10.95 -15.49
N HIS A 54 -13.02 10.50 -15.00
CA HIS A 54 -13.92 11.42 -14.29
C HIS A 54 -13.56 11.50 -12.78
N SER A 55 -12.80 10.53 -12.27
CA SER A 55 -12.41 10.49 -10.87
C SER A 55 -10.96 10.03 -10.80
N THR A 56 -10.42 9.91 -9.59
CA THR A 56 -9.05 9.44 -9.44
C THR A 56 -9.08 7.97 -9.07
N GLN A 57 -8.92 7.06 -10.03
CA GLN A 57 -8.88 5.67 -9.66
C GLN A 57 -8.07 4.80 -10.62
N CYS A 58 -6.89 4.39 -10.17
CA CYS A 58 -6.05 3.49 -10.93
C CYS A 58 -5.76 2.23 -10.08
N ILE A 59 -5.84 1.04 -10.69
CA ILE A 59 -5.60 -0.19 -9.92
C ILE A 59 -4.82 -1.20 -10.76
N PRO A 60 -4.29 -2.24 -10.14
CA PRO A 60 -3.50 -3.26 -10.87
C PRO A 60 -4.32 -4.02 -11.92
N VAL A 61 -3.91 -3.87 -13.17
CA VAL A 61 -4.60 -4.50 -14.30
C VAL A 61 -4.77 -6.02 -14.09
N SER A 62 -4.02 -6.59 -13.15
CA SER A 62 -4.09 -8.03 -12.89
C SER A 62 -5.40 -8.44 -12.21
N TRP A 63 -6.26 -7.49 -11.88
CA TRP A 63 -7.54 -7.82 -11.22
C TRP A 63 -8.70 -7.78 -12.20
N ARG A 64 -8.38 -7.83 -13.47
CA ARG A 64 -9.41 -7.86 -14.43
C ARG A 64 -9.87 -9.30 -14.44
N CYS A 65 -10.79 -9.61 -13.52
CA CYS A 65 -11.27 -11.00 -13.40
C CYS A 65 -12.18 -11.33 -14.56
N ASP A 66 -12.70 -10.30 -15.22
CA ASP A 66 -13.60 -10.52 -16.35
C ASP A 66 -12.90 -10.11 -17.64
N GLY A 67 -11.57 -10.04 -17.60
CA GLY A 67 -10.81 -9.58 -18.79
C GLY A 67 -11.15 -8.11 -19.03
N GLU A 68 -11.49 -7.44 -17.94
CA GLU A 68 -11.81 -6.02 -17.98
C GLU A 68 -11.53 -5.39 -16.60
N ASN A 69 -11.35 -4.05 -16.50
CA ASN A 69 -11.23 -3.45 -15.18
C ASN A 69 -12.59 -2.83 -14.92
N ASP A 70 -13.23 -3.17 -13.83
CA ASP A 70 -14.54 -2.61 -13.55
C ASP A 70 -14.52 -1.75 -12.31
N CYS A 71 -13.32 -1.60 -11.72
CA CYS A 71 -13.13 -0.93 -10.45
C CYS A 71 -13.65 0.52 -10.35
N ASP A 72 -14.74 0.92 -11.00
CA ASP A 72 -15.17 2.31 -10.81
C ASP A 72 -15.03 2.65 -9.32
N SER A 73 -15.66 1.83 -8.48
CA SER A 73 -15.56 1.99 -7.04
C SER A 73 -14.83 0.79 -6.42
N GLY A 74 -13.89 0.21 -7.17
CA GLY A 74 -13.09 -0.93 -6.68
C GLY A 74 -13.93 -2.16 -6.34
N GLU A 75 -15.08 -2.29 -6.97
CA GLU A 75 -15.99 -3.40 -6.69
C GLU A 75 -15.59 -4.75 -7.34
N ASP A 76 -15.17 -4.75 -8.61
CA ASP A 76 -14.85 -6.06 -9.25
C ASP A 76 -13.35 -6.40 -9.21
N GLU A 77 -12.54 -5.60 -8.53
CA GLU A 77 -11.09 -5.88 -8.54
C GLU A 77 -10.46 -6.01 -7.17
N GLU A 78 -11.09 -5.57 -6.10
CA GLU A 78 -10.42 -5.70 -4.83
C GLU A 78 -10.24 -7.17 -4.48
N ASN A 79 -8.99 -7.57 -4.23
CA ASN A 79 -8.63 -8.94 -3.94
C ASN A 79 -9.41 -9.91 -4.82
N CYS A 80 -9.42 -9.61 -6.12
CA CYS A 80 -10.12 -10.48 -7.06
C CYS A 80 -9.24 -11.68 -7.48
N GLY A 81 -7.94 -11.60 -7.20
CA GLY A 81 -7.02 -12.66 -7.58
C GLY A 81 -7.30 -13.96 -6.83
N ASN A 82 -6.93 -13.98 -5.56
CA ASN A 82 -7.15 -15.15 -4.75
C ASN A 82 -8.64 -15.42 -4.63
N ILE A 83 -9.22 -14.99 -3.53
CA ILE A 83 -10.62 -15.14 -3.29
C ILE A 83 -11.31 -13.77 -3.32
N THR A 84 -12.52 -13.72 -3.84
CA THR A 84 -13.23 -12.44 -3.93
C THR A 84 -13.91 -12.11 -2.62
N CYS A 85 -13.40 -11.07 -1.98
CA CYS A 85 -13.95 -10.56 -0.74
C CYS A 85 -14.89 -9.43 -1.08
N SER A 86 -15.46 -8.83 -0.06
CA SER A 86 -16.33 -7.72 -0.28
C SER A 86 -15.50 -6.45 -0.14
N PRO A 87 -15.53 -5.53 -1.09
CA PRO A 87 -14.76 -4.25 -1.02
C PRO A 87 -14.79 -3.55 0.35
N ASP A 88 -15.68 -3.98 1.26
CA ASP A 88 -15.73 -3.36 2.58
C ASP A 88 -14.92 -4.20 3.59
N GLU A 89 -14.07 -5.09 3.08
CA GLU A 89 -13.27 -5.94 3.96
C GLU A 89 -11.78 -5.68 3.76
N PHE A 90 -10.97 -6.01 4.77
CA PHE A 90 -9.52 -5.80 4.69
C PHE A 90 -8.82 -7.08 4.20
N THR A 91 -8.04 -6.99 3.12
CA THR A 91 -7.38 -8.18 2.55
C THR A 91 -5.99 -8.47 3.11
N CYS A 92 -5.68 -9.76 3.27
CA CYS A 92 -4.38 -10.21 3.77
C CYS A 92 -3.42 -10.38 2.59
N SER A 93 -2.15 -10.81 2.80
CA SER A 93 -1.25 -11.00 1.68
C SER A 93 -1.59 -12.27 0.92
N SER A 94 -2.58 -13.04 1.41
CA SER A 94 -3.02 -14.24 0.75
C SER A 94 -4.35 -13.97 0.05
N GLY A 95 -4.77 -12.69 0.03
CA GLY A 95 -6.02 -12.33 -0.61
C GLY A 95 -7.24 -12.73 0.22
N ARG A 96 -7.03 -13.05 1.50
CA ARG A 96 -8.14 -13.43 2.35
C ARG A 96 -8.59 -12.19 3.10
N CYS A 97 -9.88 -11.91 3.12
CA CYS A 97 -10.35 -10.70 3.77
C CYS A 97 -11.52 -10.93 4.72
N ILE A 98 -11.44 -10.23 5.85
CA ILE A 98 -12.47 -10.25 6.86
C ILE A 98 -13.05 -8.86 7.00
N SER A 99 -14.14 -8.74 7.73
CA SER A 99 -14.75 -7.44 7.93
C SER A 99 -14.04 -6.71 9.05
N ARG A 100 -14.23 -5.41 9.14
CA ARG A 100 -13.57 -4.65 10.21
C ARG A 100 -14.09 -5.06 11.59
N ASN A 101 -15.11 -5.90 11.60
CA ASN A 101 -15.68 -6.40 12.84
C ASN A 101 -14.79 -7.47 13.45
N PHE A 102 -13.63 -7.75 12.83
CA PHE A 102 -12.73 -8.76 13.37
C PHE A 102 -11.74 -8.13 14.34
N VAL A 103 -12.10 -6.93 14.81
CA VAL A 103 -11.30 -6.14 15.75
C VAL A 103 -10.71 -7.08 16.80
N CYS A 104 -9.57 -6.71 17.42
CA CYS A 104 -8.93 -7.59 18.36
C CYS A 104 -9.90 -8.10 19.37
N ASN A 105 -10.36 -9.28 19.09
CA ASN A 105 -11.25 -10.01 19.94
C ASN A 105 -10.44 -11.18 20.49
N GLY A 106 -9.14 -11.16 20.18
CA GLY A 106 -8.25 -12.23 20.62
C GLY A 106 -7.87 -13.15 19.45
N GLN A 107 -8.40 -12.85 18.26
CA GLN A 107 -8.10 -13.66 17.07
C GLN A 107 -7.22 -12.87 16.10
N ASP A 108 -5.98 -13.33 15.80
CA ASP A 108 -5.10 -12.58 14.88
C ASP A 108 -5.84 -12.23 13.59
N ASP A 109 -5.39 -11.15 12.95
CA ASP A 109 -6.00 -10.69 11.71
C ASP A 109 -4.97 -9.91 10.92
N CYS A 110 -4.25 -10.69 10.19
CA CYS A 110 -3.20 -10.30 9.27
C CYS A 110 -3.79 -9.49 8.13
N SER A 111 -5.11 -9.68 7.89
CA SER A 111 -5.80 -8.99 6.81
C SER A 111 -5.30 -7.57 6.76
N ASP A 112 -5.35 -6.94 7.90
CA ASP A 112 -4.85 -5.60 8.02
C ASP A 112 -3.63 -5.57 8.97
N GLY A 113 -3.55 -6.50 9.94
CA GLY A 113 -2.43 -6.54 10.91
C GLY A 113 -2.74 -5.60 12.08
N SER A 114 -3.29 -4.47 11.71
CA SER A 114 -3.74 -3.45 12.64
C SER A 114 -4.96 -3.94 13.44
N ASP A 115 -5.45 -5.18 13.20
CA ASP A 115 -6.58 -5.57 14.03
C ASP A 115 -6.09 -5.75 15.46
N GLU A 116 -4.87 -6.30 15.60
CA GLU A 116 -4.31 -6.54 16.90
C GLU A 116 -2.92 -5.99 16.99
N LEU A 117 -2.47 -5.27 15.97
CA LEU A 117 -1.15 -4.74 16.06
C LEU A 117 -1.20 -3.60 17.03
N ASP A 118 -0.60 -3.90 18.13
CA ASP A 118 -0.49 -2.98 19.26
C ASP A 118 -1.82 -2.88 20.02
N CYS A 119 -2.67 -3.89 19.86
CA CYS A 119 -3.95 -3.89 20.57
C CYS A 119 -3.80 -4.53 21.94
N ALA A 120 -2.75 -4.15 22.66
CA ALA A 120 -2.49 -4.69 23.98
C ALA A 120 -3.32 -3.95 25.03
N PRO A 121 -3.50 -4.54 26.19
CA PRO A 121 -4.29 -3.92 27.29
C PRO A 121 -3.51 -2.84 28.04
N LYS A 1 21.29 -3.06 -32.26
CA LYS A 1 20.76 -1.73 -32.65
C LYS A 1 20.09 -1.08 -31.44
N THR A 2 19.68 0.17 -31.61
CA THR A 2 19.02 0.90 -30.52
C THR A 2 17.83 1.68 -31.05
N CYS A 3 16.84 1.91 -30.19
CA CYS A 3 15.64 2.64 -30.57
C CYS A 3 15.87 4.14 -30.44
N ALA A 4 15.26 4.90 -31.35
CA ALA A 4 15.38 6.35 -31.34
C ALA A 4 14.47 6.95 -30.28
N GLU A 5 14.91 8.03 -29.62
CA GLU A 5 14.11 8.63 -28.52
C GLU A 5 12.57 8.65 -28.77
N SER A 6 12.09 8.85 -30.00
CA SER A 6 10.64 8.88 -30.24
C SER A 6 10.01 7.48 -30.17
N ASP A 7 10.84 6.47 -29.95
CA ASP A 7 10.41 5.09 -29.86
C ASP A 7 9.75 4.82 -28.50
N PHE A 8 8.68 4.02 -28.49
CA PHE A 8 7.97 3.77 -27.20
C PHE A 8 8.92 3.18 -26.18
N VAL A 9 9.36 4.00 -25.22
CA VAL A 9 10.26 3.54 -24.18
C VAL A 9 9.51 2.71 -23.14
N CYS A 10 10.12 1.63 -22.71
CA CYS A 10 9.53 0.80 -21.68
C CYS A 10 10.23 1.12 -20.37
N ASN A 11 9.56 0.94 -19.25
CA ASN A 11 10.17 1.30 -17.97
C ASN A 11 11.20 0.27 -17.51
N ASN A 12 11.35 -0.82 -18.24
CA ASN A 12 12.30 -1.86 -17.85
C ASN A 12 13.69 -1.54 -18.44
N GLY A 13 13.94 -0.28 -18.80
CA GLY A 13 15.22 0.09 -19.40
C GLY A 13 15.26 -0.42 -20.85
N GLN A 14 14.18 -1.06 -21.31
CA GLN A 14 14.12 -1.55 -22.66
C GLN A 14 13.50 -0.51 -23.60
N CYS A 15 13.91 -0.54 -24.87
CA CYS A 15 13.39 0.41 -25.86
C CYS A 15 12.71 -0.32 -27.02
N VAL A 16 11.62 0.25 -27.54
CA VAL A 16 10.90 -0.36 -28.65
C VAL A 16 10.27 0.67 -29.59
N PRO A 17 10.74 0.79 -30.82
CA PRO A 17 10.12 1.71 -31.82
C PRO A 17 8.59 1.57 -31.82
N SER A 18 7.91 2.65 -32.24
CA SER A 18 6.42 2.73 -32.30
C SER A 18 5.73 1.48 -32.93
N ARG A 19 6.50 0.59 -33.46
CA ARG A 19 6.01 -0.63 -34.08
C ARG A 19 5.63 -1.71 -33.02
N TRP A 20 5.65 -1.32 -31.74
CA TRP A 20 5.30 -2.26 -30.66
C TRP A 20 4.11 -1.82 -29.79
N LYS A 21 3.29 -0.93 -30.34
CA LYS A 21 2.08 -0.38 -29.69
C LYS A 21 1.27 -1.47 -28.95
N CYS A 22 0.23 -1.08 -28.15
CA CYS A 22 -0.62 -2.05 -27.51
C CYS A 22 -1.10 -2.85 -28.69
N ASP A 23 -0.52 -3.99 -28.85
CA ASP A 23 -0.85 -4.87 -29.94
C ASP A 23 -0.63 -6.30 -29.50
N GLY A 24 -0.48 -6.49 -28.19
CA GLY A 24 -0.26 -7.83 -27.67
C GLY A 24 1.18 -8.29 -27.84
N ASP A 25 2.07 -7.41 -28.26
CA ASP A 25 3.44 -7.82 -28.48
C ASP A 25 4.26 -7.75 -27.15
N PRO A 26 4.73 -8.89 -26.62
CA PRO A 26 5.54 -9.01 -25.32
C PRO A 26 6.90 -8.28 -25.30
N ASP A 27 7.11 -7.31 -26.17
CA ASP A 27 8.43 -6.66 -26.27
C ASP A 27 9.00 -6.23 -24.91
N CYS A 28 8.16 -5.84 -23.93
CA CYS A 28 8.69 -5.51 -22.62
C CYS A 28 8.28 -6.59 -21.65
N GLU A 29 9.25 -7.31 -21.07
CA GLU A 29 8.93 -8.38 -20.13
C GLU A 29 8.04 -7.89 -18.99
N ASP A 30 7.97 -6.57 -18.81
CA ASP A 30 7.17 -6.01 -17.74
C ASP A 30 5.79 -5.54 -18.22
N GLY A 31 5.37 -5.93 -19.43
CA GLY A 31 4.03 -5.58 -19.93
C GLY A 31 3.75 -4.06 -20.00
N SER A 32 4.73 -3.19 -19.72
CA SER A 32 4.39 -1.75 -19.73
C SER A 32 4.47 -1.05 -21.12
N ASP A 33 4.95 -1.73 -22.16
CA ASP A 33 4.98 -1.11 -23.50
C ASP A 33 3.55 -0.87 -23.96
N GLU A 34 2.59 -1.46 -23.25
CA GLU A 34 1.20 -1.31 -23.62
C GLU A 34 0.40 -0.76 -22.42
N SER A 35 1.13 -0.08 -21.51
CA SER A 35 0.54 0.51 -20.29
C SER A 35 0.05 1.95 -20.50
N PRO A 36 -0.71 2.47 -19.55
CA PRO A 36 -1.26 3.86 -19.60
C PRO A 36 -0.22 4.95 -19.87
N GLU A 37 1.05 4.63 -19.64
CA GLU A 37 2.12 5.63 -19.84
C GLU A 37 2.54 5.74 -21.32
N GLN A 38 2.72 4.60 -21.97
CA GLN A 38 3.17 4.61 -23.37
C GLN A 38 1.98 4.41 -24.29
N CYS A 39 1.10 3.52 -23.90
CA CYS A 39 -0.09 3.22 -24.67
C CYS A 39 -1.24 4.07 -24.19
N HIS A 40 -0.93 5.27 -23.70
CA HIS A 40 -1.94 6.19 -23.19
C HIS A 40 -3.07 6.38 -24.20
N MET A 41 -3.92 5.38 -24.33
CA MET A 41 -5.04 5.40 -25.27
C MET A 41 -5.70 4.01 -25.35
N ARG A 42 -4.89 2.96 -25.16
CA ARG A 42 -5.42 1.59 -25.21
C ARG A 42 -4.70 0.63 -24.26
N THR A 43 -5.46 -0.37 -23.82
CA THR A 43 -5.01 -1.40 -22.86
C THR A 43 -4.13 -2.49 -23.53
N CYS A 44 -3.23 -3.07 -22.74
CA CYS A 44 -2.35 -4.16 -23.17
C CYS A 44 -3.20 -5.39 -23.59
N ARG A 45 -2.79 -6.10 -24.65
CA ARG A 45 -3.57 -7.26 -25.14
C ARG A 45 -2.69 -8.51 -25.33
N ILE A 46 -2.29 -9.17 -24.24
CA ILE A 46 -1.50 -10.41 -24.38
C ILE A 46 -1.19 -10.99 -23.01
N HIS A 47 -0.41 -10.27 -22.21
CA HIS A 47 -0.11 -10.71 -20.87
C HIS A 47 -0.83 -9.79 -19.91
N GLU A 48 -1.98 -9.28 -20.35
CA GLU A 48 -2.78 -8.39 -19.53
C GLU A 48 -4.16 -8.24 -20.20
N ILE A 49 -5.19 -7.99 -19.39
CA ILE A 49 -6.57 -7.95 -19.92
C ILE A 49 -7.02 -6.51 -20.19
N SER A 50 -8.25 -6.39 -20.64
CA SER A 50 -8.85 -5.10 -20.95
C SER A 50 -9.82 -4.67 -19.86
N CYS A 51 -9.60 -3.48 -19.30
CA CYS A 51 -10.49 -2.97 -18.27
C CYS A 51 -11.29 -1.79 -18.83
N GLY A 52 -10.93 -1.34 -20.04
CA GLY A 52 -11.62 -0.22 -20.66
C GLY A 52 -11.27 -0.05 -22.13
N ALA A 53 -12.21 -0.36 -23.02
CA ALA A 53 -11.94 -0.15 -24.44
C ALA A 53 -11.95 1.35 -24.70
N HIS A 54 -12.57 2.12 -23.78
CA HIS A 54 -12.59 3.58 -23.94
C HIS A 54 -11.44 4.28 -23.18
N SER A 55 -10.80 3.59 -22.21
CA SER A 55 -9.71 4.17 -21.43
C SER A 55 -8.48 3.30 -21.56
N THR A 56 -7.39 3.70 -20.92
CA THR A 56 -6.15 2.92 -20.97
C THR A 56 -5.90 2.24 -19.63
N GLN A 57 -6.43 1.03 -19.44
CA GLN A 57 -6.17 0.34 -18.19
C GLN A 57 -6.14 -1.17 -18.38
N CYS A 58 -4.94 -1.75 -18.37
CA CYS A 58 -4.78 -3.20 -18.52
C CYS A 58 -4.24 -3.84 -17.22
N ILE A 59 -4.86 -4.95 -16.80
CA ILE A 59 -4.41 -5.65 -15.58
C ILE A 59 -4.48 -7.17 -15.81
N PRO A 60 -3.72 -7.93 -15.06
CA PRO A 60 -3.68 -9.42 -15.18
C PRO A 60 -5.06 -10.05 -15.39
N VAL A 61 -5.18 -10.88 -16.42
CA VAL A 61 -6.44 -11.58 -16.74
C VAL A 61 -6.99 -12.35 -15.53
N SER A 62 -6.14 -12.60 -14.53
CA SER A 62 -6.57 -13.36 -13.36
C SER A 62 -7.51 -12.56 -12.45
N TRP A 63 -7.86 -11.34 -12.84
CA TRP A 63 -8.75 -10.52 -12.02
C TRP A 63 -10.22 -10.61 -12.50
N ARG A 64 -10.48 -11.53 -13.42
CA ARG A 64 -11.81 -11.71 -13.86
C ARG A 64 -12.46 -12.57 -12.78
N CYS A 65 -13.03 -11.89 -11.80
CA CYS A 65 -13.65 -12.60 -10.67
C CYS A 65 -15.08 -13.00 -10.99
N ASP A 66 -15.62 -12.47 -12.09
CA ASP A 66 -16.97 -12.77 -12.49
C ASP A 66 -16.98 -13.12 -13.98
N GLY A 67 -15.77 -13.29 -14.53
CA GLY A 67 -15.62 -13.62 -15.96
C GLY A 67 -15.32 -12.38 -16.80
N GLU A 68 -15.06 -11.24 -16.15
CA GLU A 68 -14.77 -10.00 -16.90
C GLU A 68 -13.86 -9.07 -16.07
N ASN A 69 -13.14 -8.08 -16.68
CA ASN A 69 -12.29 -7.21 -15.84
C ASN A 69 -12.99 -5.91 -15.51
N ASP A 70 -13.89 -6.02 -14.57
CA ASP A 70 -14.71 -4.93 -14.13
C ASP A 70 -13.95 -4.19 -13.09
N CYS A 71 -12.91 -3.54 -13.54
CA CYS A 71 -12.09 -2.72 -12.69
C CYS A 71 -12.12 -1.28 -13.19
N ASP A 72 -13.30 -0.76 -13.60
CA ASP A 72 -13.36 0.64 -14.09
C ASP A 72 -12.44 1.49 -13.23
N SER A 73 -12.66 1.41 -11.95
CA SER A 73 -11.85 2.10 -10.97
C SER A 73 -11.24 1.10 -9.97
N GLY A 74 -11.04 -0.17 -10.38
CA GLY A 74 -10.51 -1.20 -9.47
C GLY A 74 -11.53 -1.53 -8.38
N GLU A 75 -12.80 -1.51 -8.76
CA GLU A 75 -13.91 -1.77 -7.84
C GLU A 75 -14.32 -3.23 -7.64
N ASP A 76 -14.44 -4.05 -8.70
CA ASP A 76 -14.90 -5.45 -8.47
C ASP A 76 -13.74 -6.45 -8.38
N GLU A 77 -12.55 -6.02 -8.74
CA GLU A 77 -11.40 -6.93 -8.74
C GLU A 77 -10.61 -6.89 -7.44
N GLU A 78 -11.04 -6.06 -6.52
CA GLU A 78 -10.38 -6.00 -5.23
C GLU A 78 -10.34 -7.42 -4.66
N ASN A 79 -9.29 -7.70 -3.88
CA ASN A 79 -9.06 -9.02 -3.29
C ASN A 79 -9.71 -10.11 -4.11
N CYS A 80 -9.24 -10.21 -5.35
CA CYS A 80 -9.73 -11.25 -6.25
C CYS A 80 -8.71 -12.37 -6.40
N GLY A 81 -7.81 -12.49 -5.43
CA GLY A 81 -6.80 -13.53 -5.46
C GLY A 81 -7.35 -14.81 -4.86
N ASN A 82 -7.33 -14.88 -3.54
CA ASN A 82 -7.84 -16.05 -2.84
C ASN A 82 -9.36 -16.13 -3.02
N ILE A 83 -10.06 -15.52 -2.10
CA ILE A 83 -11.50 -15.50 -2.12
C ILE A 83 -12.00 -14.09 -2.42
N THR A 84 -13.08 -13.98 -3.19
CA THR A 84 -13.61 -12.67 -3.51
C THR A 84 -14.35 -12.10 -2.34
N CYS A 85 -13.74 -11.09 -1.77
CA CYS A 85 -14.30 -10.39 -0.63
C CYS A 85 -15.02 -9.15 -1.13
N SER A 86 -15.58 -8.40 -0.22
CA SER A 86 -16.27 -7.19 -0.59
C SER A 86 -15.30 -6.03 -0.39
N PRO A 87 -15.31 -5.06 -1.27
CA PRO A 87 -14.41 -3.86 -1.16
C PRO A 87 -14.44 -3.19 0.22
N ASP A 88 -15.37 -3.60 1.08
CA ASP A 88 -15.46 -3.05 2.42
C ASP A 88 -14.75 -3.95 3.43
N GLU A 89 -13.95 -4.91 2.93
CA GLU A 89 -13.24 -5.83 3.81
C GLU A 89 -11.73 -5.64 3.66
N PHE A 90 -10.96 -6.10 4.65
CA PHE A 90 -9.50 -5.96 4.60
C PHE A 90 -8.86 -7.29 4.17
N THR A 91 -8.06 -7.27 3.09
CA THR A 91 -7.45 -8.51 2.58
C THR A 91 -6.05 -8.78 3.13
N CYS A 92 -5.81 -10.05 3.46
CA CYS A 92 -4.51 -10.48 3.98
C CYS A 92 -3.48 -10.53 2.84
N SER A 93 -2.18 -10.80 3.13
CA SER A 93 -1.19 -10.83 2.07
C SER A 93 -1.46 -11.95 1.07
N SER A 94 -2.42 -12.83 1.38
CA SER A 94 -2.74 -13.92 0.48
C SER A 94 -3.97 -13.57 -0.36
N GLY A 95 -4.83 -12.74 0.21
CA GLY A 95 -6.04 -12.32 -0.49
C GLY A 95 -7.33 -12.77 0.22
N ARG A 96 -7.23 -13.14 1.50
CA ARG A 96 -8.41 -13.54 2.25
C ARG A 96 -8.84 -12.35 3.08
N CYS A 97 -10.11 -11.96 3.00
CA CYS A 97 -10.55 -10.78 3.73
C CYS A 97 -11.69 -11.02 4.70
N ILE A 98 -11.59 -10.30 5.82
CA ILE A 98 -12.59 -10.31 6.86
C ILE A 98 -13.15 -8.91 6.99
N SER A 99 -14.22 -8.76 7.75
CA SER A 99 -14.80 -7.44 7.92
C SER A 99 -14.06 -6.70 9.01
N ARG A 100 -14.23 -5.39 9.05
CA ARG A 100 -13.57 -4.60 10.09
C ARG A 100 -14.04 -4.96 11.49
N ASN A 101 -15.07 -5.78 11.54
CA ASN A 101 -15.61 -6.23 12.82
C ASN A 101 -14.75 -7.34 13.42
N PHE A 102 -13.65 -7.69 12.76
CA PHE A 102 -12.80 -8.74 13.29
C PHE A 102 -11.73 -8.17 14.21
N VAL A 103 -11.99 -6.93 14.64
CA VAL A 103 -11.10 -6.19 15.53
C VAL A 103 -10.54 -7.12 16.60
N CYS A 104 -9.38 -6.78 17.20
CA CYS A 104 -8.77 -7.63 18.18
C CYS A 104 -9.78 -8.08 19.19
N ASN A 105 -10.26 -9.27 18.95
CA ASN A 105 -11.19 -9.92 19.84
C ASN A 105 -10.43 -11.04 20.50
N GLY A 106 -9.11 -11.08 20.25
CA GLY A 106 -8.26 -12.12 20.81
C GLY A 106 -7.83 -13.14 19.74
N GLN A 107 -8.40 -13.04 18.54
CA GLN A 107 -8.03 -13.97 17.47
C GLN A 107 -7.29 -13.20 16.35
N ASP A 108 -6.05 -13.61 16.00
CA ASP A 108 -5.28 -12.86 14.98
C ASP A 108 -6.11 -12.58 13.73
N ASP A 109 -5.75 -11.51 13.04
CA ASP A 109 -6.44 -11.09 11.84
C ASP A 109 -5.49 -10.28 10.96
N CYS A 110 -4.64 -11.05 10.34
CA CYS A 110 -3.60 -10.64 9.38
C CYS A 110 -4.23 -9.90 8.21
N SER A 111 -5.54 -10.10 8.01
CA SER A 111 -6.26 -9.46 6.90
C SER A 111 -5.80 -8.04 6.71
N ASP A 112 -5.49 -7.42 7.83
CA ASP A 112 -4.99 -6.06 7.80
C ASP A 112 -3.69 -5.87 8.64
N GLY A 113 -3.49 -6.69 9.69
CA GLY A 113 -2.28 -6.55 10.57
C GLY A 113 -2.60 -5.57 11.71
N SER A 114 -3.38 -4.60 11.35
CA SER A 114 -3.87 -3.59 12.27
C SER A 114 -5.01 -4.15 13.11
N ASP A 115 -5.41 -5.44 12.96
CA ASP A 115 -6.49 -5.88 13.82
C ASP A 115 -5.95 -6.06 15.25
N GLU A 116 -4.74 -6.61 15.39
CA GLU A 116 -4.18 -6.84 16.71
C GLU A 116 -2.74 -6.39 16.80
N LEU A 117 -2.16 -5.96 15.69
CA LEU A 117 -0.82 -5.47 15.77
C LEU A 117 -0.94 -3.98 15.91
N ASP A 118 -0.67 -3.58 17.10
CA ASP A 118 -0.74 -2.19 17.51
C ASP A 118 -2.19 -1.75 17.68
N CYS A 119 -3.12 -2.72 17.74
CA CYS A 119 -4.54 -2.39 17.91
C CYS A 119 -4.86 -1.92 19.32
N ALA A 120 -3.84 -1.79 20.16
CA ALA A 120 -4.04 -1.35 21.54
C ALA A 120 -4.02 0.17 21.62
N PRO A 121 -4.51 0.71 22.71
CA PRO A 121 -4.55 2.19 22.92
C PRO A 121 -3.20 2.73 23.40
N LYS A 1 16.16 12.08 -34.75
CA LYS A 1 15.05 13.06 -34.88
C LYS A 1 14.06 12.84 -33.74
N THR A 2 13.22 13.85 -33.50
CA THR A 2 12.23 13.76 -32.44
C THR A 2 10.89 14.32 -32.91
N CYS A 3 9.83 13.97 -32.20
CA CYS A 3 8.49 14.44 -32.56
C CYS A 3 8.31 15.91 -32.20
N ALA A 4 7.26 16.53 -32.74
CA ALA A 4 6.96 17.93 -32.48
C ALA A 4 6.22 18.07 -31.15
N GLU A 5 6.53 19.09 -30.37
CA GLU A 5 5.94 19.27 -29.02
C GLU A 5 4.44 18.83 -28.88
N SER A 6 3.61 18.85 -29.93
CA SER A 6 2.22 18.42 -29.76
C SER A 6 2.12 16.89 -29.58
N ASP A 7 3.21 16.23 -29.94
CA ASP A 7 3.34 14.78 -29.85
C ASP A 7 3.00 14.27 -28.45
N PHE A 8 2.80 12.96 -28.33
CA PHE A 8 2.54 12.33 -27.01
C PHE A 8 3.74 11.48 -26.62
N VAL A 9 4.55 11.97 -25.67
CA VAL A 9 5.74 11.22 -25.24
C VAL A 9 5.39 10.10 -24.29
N CYS A 10 6.09 8.97 -24.45
CA CYS A 10 5.89 7.83 -23.53
C CYS A 10 7.11 7.77 -22.61
N ASN A 11 6.94 7.18 -21.44
CA ASN A 11 8.05 7.15 -20.46
C ASN A 11 9.13 6.12 -20.79
N ASN A 12 8.92 5.32 -21.82
CA ASN A 12 9.92 4.32 -22.16
C ASN A 12 10.96 4.92 -23.13
N GLY A 13 11.08 6.26 -23.13
CA GLY A 13 12.02 6.90 -24.05
C GLY A 13 11.48 6.83 -25.48
N GLN A 14 10.28 6.24 -25.65
CA GLN A 14 9.68 6.12 -26.96
C GLN A 14 8.85 7.36 -27.25
N CYS A 15 8.76 7.72 -28.54
CA CYS A 15 7.98 8.90 -28.93
C CYS A 15 6.88 8.53 -29.91
N VAL A 16 5.69 9.10 -29.71
CA VAL A 16 4.59 8.83 -30.61
C VAL A 16 3.71 10.05 -30.84
N PRO A 17 3.84 10.69 -31.99
CA PRO A 17 2.96 11.83 -32.36
C PRO A 17 1.48 11.50 -32.07
N SER A 18 0.62 12.53 -32.01
CA SER A 18 -0.83 12.37 -31.71
C SER A 18 -1.54 11.24 -32.49
N ARG A 19 -0.87 10.67 -33.43
CA ARG A 19 -1.43 9.59 -34.25
C ARG A 19 -1.41 8.23 -33.52
N TRP A 20 -1.06 8.23 -32.22
CA TRP A 20 -1.05 6.98 -31.45
C TRP A 20 -1.85 7.07 -30.13
N LYS A 21 -2.72 8.07 -30.05
CA LYS A 21 -3.60 8.33 -28.87
C LYS A 21 -4.20 7.01 -28.33
N CYS A 22 -4.88 7.04 -27.14
CA CYS A 22 -5.55 5.88 -26.62
C CYS A 22 -6.40 5.46 -27.79
N ASP A 23 -5.94 4.46 -28.46
CA ASP A 23 -6.61 3.96 -29.64
C ASP A 23 -6.49 2.46 -29.67
N GLY A 24 -5.88 1.89 -28.63
CA GLY A 24 -5.69 0.45 -28.60
C GLY A 24 -4.36 0.06 -29.20
N ASP A 25 -3.50 1.04 -29.49
CA ASP A 25 -2.21 0.74 -30.11
C ASP A 25 -1.09 0.53 -29.05
N PRO A 26 -0.56 -0.69 -28.94
CA PRO A 26 0.57 -1.07 -27.99
C PRO A 26 1.91 -0.38 -28.24
N ASP A 27 1.92 0.73 -28.98
CA ASP A 27 3.20 1.39 -29.34
C ASP A 27 4.13 1.58 -28.14
N CYS A 28 3.61 1.80 -26.93
CA CYS A 28 4.49 1.93 -25.79
C CYS A 28 4.43 0.65 -24.97
N GLU A 29 5.44 -0.21 -25.12
CA GLU A 29 5.46 -1.48 -24.41
C GLU A 29 5.27 -1.30 -22.90
N ASP A 30 5.43 -0.07 -22.41
CA ASP A 30 5.29 0.18 -20.99
C ASP A 30 3.88 0.68 -20.60
N GLY A 31 2.89 0.62 -21.52
CA GLY A 31 1.50 0.99 -21.18
C GLY A 31 1.25 2.48 -20.87
N SER A 32 2.18 3.40 -21.17
CA SER A 32 1.92 4.82 -20.79
C SER A 32 1.68 5.83 -21.94
N ASP A 33 1.47 5.38 -23.18
CA ASP A 33 1.15 6.31 -24.28
C ASP A 33 -0.35 6.55 -24.30
N GLU A 34 -1.11 5.71 -23.61
CA GLU A 34 -2.56 5.83 -23.58
C GLU A 34 -3.07 6.07 -22.15
N SER A 35 -2.14 6.31 -21.21
CA SER A 35 -2.49 6.56 -19.80
C SER A 35 -2.91 8.02 -19.57
N PRO A 36 -3.57 8.29 -18.47
CA PRO A 36 -4.04 9.67 -18.11
C PRO A 36 -3.04 10.77 -18.46
N GLU A 37 -1.77 10.57 -18.13
CA GLU A 37 -0.75 11.57 -18.38
C GLU A 37 -0.84 12.15 -19.80
N GLN A 38 -0.98 11.27 -20.77
CA GLN A 38 -1.04 11.69 -22.18
C GLN A 38 -2.47 11.66 -22.68
N CYS A 39 -3.15 10.60 -22.31
CA CYS A 39 -4.54 10.38 -22.67
C CYS A 39 -5.46 11.01 -21.67
N HIS A 40 -5.05 12.16 -21.11
CA HIS A 40 -5.85 12.85 -20.11
C HIS A 40 -7.24 13.22 -20.67
N MET A 41 -8.05 12.20 -20.92
CA MET A 41 -9.39 12.37 -21.48
C MET A 41 -9.98 11.00 -21.82
N ARG A 42 -9.15 10.10 -22.38
CA ARG A 42 -9.60 8.75 -22.74
C ARG A 42 -8.74 7.65 -22.09
N THR A 43 -9.25 6.41 -22.12
CA THR A 43 -8.56 5.24 -21.51
C THR A 43 -7.72 4.42 -22.50
N CYS A 44 -6.75 3.71 -21.94
CA CYS A 44 -5.86 2.80 -22.66
C CYS A 44 -6.59 1.50 -23.05
N ARG A 45 -6.34 1.01 -24.27
CA ARG A 45 -7.01 -0.23 -24.75
C ARG A 45 -5.95 -1.26 -25.21
N ILE A 46 -5.17 -1.78 -24.27
CA ILE A 46 -4.16 -2.81 -24.60
C ILE A 46 -3.95 -3.68 -23.38
N HIS A 47 -3.04 -3.28 -22.50
CA HIS A 47 -2.81 -4.03 -21.28
C HIS A 47 -3.65 -3.42 -20.17
N GLU A 48 -4.74 -2.73 -20.55
CA GLU A 48 -5.62 -2.10 -19.58
C GLU A 48 -6.99 -1.94 -20.23
N ILE A 49 -8.09 -2.28 -19.53
CA ILE A 49 -9.40 -2.16 -20.17
C ILE A 49 -10.23 -1.05 -19.58
N SER A 50 -10.87 -0.37 -20.50
CA SER A 50 -11.70 0.79 -20.19
C SER A 50 -12.48 0.60 -18.91
N CYS A 51 -12.37 1.59 -18.04
CA CYS A 51 -13.04 1.58 -16.75
C CYS A 51 -13.78 2.91 -16.55
N GLY A 52 -13.74 3.78 -17.57
CA GLY A 52 -14.40 5.07 -17.47
C GLY A 52 -14.60 5.73 -18.84
N ALA A 53 -15.82 5.72 -19.35
CA ALA A 53 -16.08 6.39 -20.61
C ALA A 53 -16.14 7.90 -20.36
N HIS A 54 -16.35 8.29 -19.09
CA HIS A 54 -16.40 9.72 -18.77
C HIS A 54 -15.04 10.27 -18.26
N SER A 55 -14.10 9.40 -17.84
CA SER A 55 -12.81 9.82 -17.33
C SER A 55 -11.72 8.97 -17.99
N THR A 56 -10.47 9.18 -17.62
CA THR A 56 -9.38 8.37 -18.18
C THR A 56 -8.90 7.38 -17.15
N GLN A 57 -9.44 6.16 -17.17
CA GLN A 57 -8.97 5.19 -16.22
C GLN A 57 -8.93 3.80 -16.82
N CYS A 58 -7.74 3.42 -17.24
CA CYS A 58 -7.51 2.10 -17.82
C CYS A 58 -6.78 1.20 -16.80
N ILE A 59 -7.41 0.08 -16.45
CA ILE A 59 -6.82 -0.84 -15.45
C ILE A 59 -6.61 -2.23 -16.06
N PRO A 60 -5.45 -2.86 -15.87
CA PRO A 60 -5.20 -4.24 -16.41
C PRO A 60 -6.43 -5.11 -16.23
N VAL A 61 -6.96 -5.63 -17.32
CA VAL A 61 -8.16 -6.45 -17.26
C VAL A 61 -8.02 -7.61 -16.28
N SER A 62 -6.79 -7.94 -15.89
CA SER A 62 -6.55 -9.05 -14.97
C SER A 62 -7.49 -9.01 -13.77
N TRP A 63 -7.98 -7.82 -13.41
CA TRP A 63 -8.87 -7.70 -12.25
C TRP A 63 -10.32 -8.09 -12.60
N ARG A 64 -10.49 -8.72 -13.75
CA ARG A 64 -11.79 -9.10 -14.14
C ARG A 64 -12.19 -10.28 -13.28
N CYS A 65 -12.69 -9.98 -12.08
CA CYS A 65 -13.09 -11.05 -11.18
C CYS A 65 -14.43 -11.59 -11.61
N ASP A 66 -15.19 -10.82 -12.38
CA ASP A 66 -16.49 -11.26 -12.83
C ASP A 66 -16.50 -11.41 -14.35
N GLY A 67 -15.33 -11.63 -14.94
CA GLY A 67 -15.22 -11.78 -16.41
C GLY A 67 -14.82 -10.46 -17.09
N GLU A 68 -14.92 -9.37 -16.34
CA GLU A 68 -14.53 -8.07 -16.83
C GLU A 68 -14.10 -7.25 -15.60
N ASN A 69 -13.37 -6.13 -15.72
CA ASN A 69 -13.10 -5.36 -14.49
C ASN A 69 -14.12 -4.24 -14.50
N ASP A 70 -14.68 -3.94 -13.35
CA ASP A 70 -15.75 -2.94 -13.26
C ASP A 70 -15.40 -1.81 -12.33
N CYS A 71 -14.14 -1.44 -12.34
CA CYS A 71 -13.63 -0.41 -11.44
C CYS A 71 -14.14 1.01 -11.74
N ASP A 72 -15.43 1.16 -12.09
CA ASP A 72 -15.96 2.53 -12.35
C ASP A 72 -15.39 3.46 -11.26
N SER A 73 -15.64 3.08 -10.01
CA SER A 73 -15.12 3.81 -8.86
C SER A 73 -14.16 2.92 -8.04
N GLY A 74 -13.63 1.85 -8.65
CA GLY A 74 -12.71 0.93 -7.96
C GLY A 74 -13.46 -0.02 -7.01
N GLU A 75 -14.75 -0.22 -7.24
CA GLU A 75 -15.59 -1.04 -6.38
C GLU A 75 -15.58 -2.55 -6.65
N ASP A 76 -15.48 -3.04 -7.90
CA ASP A 76 -15.54 -4.51 -8.09
C ASP A 76 -14.17 -5.17 -8.17
N GLU A 77 -13.09 -4.41 -8.13
CA GLU A 77 -11.76 -5.04 -8.26
C GLU A 77 -11.00 -5.16 -6.95
N GLU A 78 -11.64 -4.73 -5.86
CA GLU A 78 -11.01 -4.87 -4.55
C GLU A 78 -10.64 -6.33 -4.39
N ASN A 79 -9.46 -6.59 -3.83
CA ASN A 79 -8.94 -7.94 -3.61
C ASN A 79 -9.58 -8.89 -4.61
N CYS A 80 -9.30 -8.64 -5.88
CA CYS A 80 -9.83 -9.48 -6.93
C CYS A 80 -8.76 -10.37 -7.54
N GLY A 81 -7.60 -10.47 -6.88
CA GLY A 81 -6.52 -11.31 -7.37
C GLY A 81 -6.76 -12.75 -6.95
N ASN A 82 -6.47 -13.04 -5.69
CA ASN A 82 -6.68 -14.37 -5.17
C ASN A 82 -8.17 -14.69 -5.19
N ILE A 83 -8.84 -14.36 -4.10
CA ILE A 83 -10.26 -14.55 -3.96
C ILE A 83 -10.98 -13.21 -3.94
N THR A 84 -12.23 -13.20 -4.38
CA THR A 84 -13.02 -11.97 -4.39
C THR A 84 -13.66 -11.73 -3.04
N CYS A 85 -13.28 -10.63 -2.42
CA CYS A 85 -13.82 -10.26 -1.12
C CYS A 85 -14.75 -9.08 -1.27
N SER A 86 -15.33 -8.67 -0.15
CA SER A 86 -16.24 -7.55 -0.19
C SER A 86 -15.40 -6.29 -0.24
N PRO A 87 -15.65 -5.41 -1.17
CA PRO A 87 -14.89 -4.12 -1.28
C PRO A 87 -14.81 -3.33 0.04
N ASP A 88 -15.53 -3.79 1.08
CA ASP A 88 -15.51 -3.09 2.36
C ASP A 88 -14.77 -3.92 3.41
N GLU A 89 -14.02 -4.93 2.95
CA GLU A 89 -13.29 -5.79 3.86
C GLU A 89 -11.78 -5.61 3.68
N PHE A 90 -10.99 -6.03 4.68
CA PHE A 90 -9.53 -5.89 4.59
C PHE A 90 -8.88 -7.21 4.14
N THR A 91 -8.16 -7.19 3.02
CA THR A 91 -7.53 -8.41 2.50
C THR A 91 -6.13 -8.65 3.07
N CYS A 92 -5.81 -9.93 3.31
CA CYS A 92 -4.50 -10.31 3.84
C CYS A 92 -3.49 -10.47 2.68
N SER A 93 -2.22 -10.88 2.93
CA SER A 93 -1.28 -11.02 1.84
C SER A 93 -1.66 -12.21 0.94
N SER A 94 -2.65 -12.98 1.35
CA SER A 94 -3.12 -14.11 0.57
C SER A 94 -4.44 -13.73 -0.12
N GLY A 95 -4.82 -12.46 -0.03
CA GLY A 95 -6.04 -11.99 -0.64
C GLY A 95 -7.28 -12.50 0.12
N ARG A 96 -7.07 -12.97 1.34
CA ARG A 96 -8.20 -13.45 2.14
C ARG A 96 -8.61 -12.33 3.08
N CYS A 97 -9.88 -11.97 3.07
CA CYS A 97 -10.32 -10.86 3.89
C CYS A 97 -11.37 -11.20 4.94
N ILE A 98 -11.43 -10.30 5.90
CA ILE A 98 -12.38 -10.34 6.98
C ILE A 98 -13.02 -8.97 7.07
N SER A 99 -14.10 -8.87 7.81
CA SER A 99 -14.76 -7.58 7.94
C SER A 99 -14.05 -6.77 9.00
N ARG A 100 -14.29 -5.47 9.02
CA ARG A 100 -13.64 -4.62 10.03
C ARG A 100 -14.08 -4.99 11.44
N ASN A 101 -15.07 -5.86 11.52
CA ASN A 101 -15.59 -6.31 12.81
C ASN A 101 -14.70 -7.39 13.41
N PHE A 102 -13.57 -7.70 12.78
CA PHE A 102 -12.69 -8.72 13.32
C PHE A 102 -11.67 -8.11 14.27
N VAL A 103 -11.96 -6.88 14.71
CA VAL A 103 -11.11 -6.11 15.61
C VAL A 103 -10.57 -7.05 16.68
N CYS A 104 -9.39 -6.72 17.28
CA CYS A 104 -8.80 -7.59 18.26
C CYS A 104 -9.81 -8.05 19.27
N ASN A 105 -10.30 -9.23 19.00
CA ASN A 105 -11.23 -9.88 19.86
C ASN A 105 -10.50 -11.03 20.51
N GLY A 106 -9.18 -11.06 20.27
CA GLY A 106 -8.35 -12.13 20.83
C GLY A 106 -7.95 -13.15 19.76
N GLN A 107 -8.42 -12.96 18.52
CA GLN A 107 -8.08 -13.86 17.44
C GLN A 107 -7.29 -13.08 16.35
N ASP A 108 -6.11 -13.58 15.94
CA ASP A 108 -5.30 -12.83 14.95
C ASP A 108 -6.13 -12.42 13.74
N ASP A 109 -5.70 -11.33 13.11
CA ASP A 109 -6.38 -10.77 11.97
C ASP A 109 -5.40 -9.91 11.17
N CYS A 110 -4.66 -10.67 10.40
CA CYS A 110 -3.61 -10.22 9.48
C CYS A 110 -4.17 -9.48 8.28
N SER A 111 -5.46 -9.70 8.00
CA SER A 111 -6.11 -9.10 6.84
C SER A 111 -5.63 -7.68 6.69
N ASP A 112 -5.78 -6.93 7.73
CA ASP A 112 -5.33 -5.56 7.74
C ASP A 112 -3.97 -5.48 8.48
N GLY A 113 -3.75 -6.42 9.43
CA GLY A 113 -2.53 -6.42 10.28
C GLY A 113 -2.77 -5.48 11.48
N SER A 114 -3.43 -4.41 11.14
CA SER A 114 -3.86 -3.38 12.07
C SER A 114 -5.02 -3.89 12.93
N ASP A 115 -5.48 -5.16 12.77
CA ASP A 115 -6.55 -5.60 13.62
C ASP A 115 -6.01 -5.91 15.02
N GLU A 116 -4.82 -6.52 15.08
CA GLU A 116 -4.23 -6.88 16.34
C GLU A 116 -2.81 -6.43 16.45
N LEU A 117 -2.26 -5.86 15.37
CA LEU A 117 -0.94 -5.33 15.49
C LEU A 117 -1.13 -3.88 15.79
N ASP A 118 -0.91 -3.59 17.04
CA ASP A 118 -1.09 -2.26 17.60
C ASP A 118 -2.59 -1.92 17.76
N CYS A 119 -3.47 -2.84 17.31
CA CYS A 119 -4.92 -2.64 17.41
C CYS A 119 -5.30 -1.21 17.03
N ALA A 120 -4.55 -0.62 16.11
CA ALA A 120 -4.82 0.75 15.68
C ALA A 120 -6.08 0.78 14.79
N PRO A 121 -6.66 1.93 14.62
CA PRO A 121 -7.88 2.10 13.78
C PRO A 121 -7.72 1.46 12.40
N LYS A 1 20.61 19.19 1.12
CA LYS A 1 19.76 20.16 0.37
C LYS A 1 18.30 19.76 0.52
N THR A 2 17.41 20.74 0.35
CA THR A 2 15.98 20.48 0.47
C THR A 2 15.23 21.10 -0.71
N CYS A 3 14.01 20.63 -0.95
CA CYS A 3 13.21 21.13 -2.05
C CYS A 3 12.73 22.56 -1.77
N ALA A 4 12.19 23.21 -2.80
CA ALA A 4 11.70 24.57 -2.67
C ALA A 4 10.32 24.61 -2.03
N GLU A 5 10.07 25.64 -1.24
CA GLU A 5 8.79 25.80 -0.52
C GLU A 5 7.52 25.44 -1.35
N SER A 6 7.59 25.38 -2.69
CA SER A 6 6.39 25.03 -3.48
C SER A 6 6.59 23.71 -4.22
N ASP A 7 7.46 22.87 -3.69
CA ASP A 7 7.75 21.57 -4.29
C ASP A 7 6.78 20.51 -3.73
N PHE A 8 6.41 19.51 -4.54
CA PHE A 8 5.41 18.50 -4.09
C PHE A 8 5.88 17.70 -2.89
N VAL A 9 5.02 17.51 -1.90
CA VAL A 9 5.38 16.75 -0.71
C VAL A 9 4.73 15.37 -0.74
N CYS A 10 5.54 14.34 -1.03
CA CYS A 10 5.03 12.97 -1.06
C CYS A 10 4.68 12.55 0.37
N ASN A 11 3.72 11.64 0.52
CA ASN A 11 3.25 11.22 1.86
C ASN A 11 4.33 10.53 2.68
N ASN A 12 5.43 10.17 2.06
CA ASN A 12 6.51 9.51 2.79
C ASN A 12 7.41 10.57 3.43
N GLY A 13 6.93 11.81 3.55
CA GLY A 13 7.74 12.87 4.13
C GLY A 13 8.82 13.34 3.14
N GLN A 14 8.89 12.67 1.98
CA GLN A 14 9.89 13.05 0.99
C GLN A 14 9.37 14.18 0.09
N CYS A 15 10.28 15.04 -0.37
CA CYS A 15 9.90 16.18 -1.21
C CYS A 15 10.59 16.19 -2.58
N VAL A 16 9.80 16.36 -3.65
CA VAL A 16 10.33 16.41 -5.02
C VAL A 16 9.85 17.70 -5.73
N PRO A 17 10.73 18.39 -6.42
CA PRO A 17 10.37 19.61 -7.18
C PRO A 17 9.01 19.43 -7.91
N SER A 18 8.29 20.54 -8.06
CA SER A 18 6.95 20.55 -8.68
C SER A 18 6.86 19.79 -10.01
N ARG A 19 7.97 19.40 -10.58
CA ARG A 19 7.96 18.74 -11.89
C ARG A 19 7.97 17.20 -11.86
N TRP A 20 8.09 16.56 -10.69
CA TRP A 20 8.14 15.08 -10.68
C TRP A 20 6.76 14.42 -10.60
N LYS A 21 5.77 15.14 -11.11
CA LYS A 21 4.35 14.73 -11.16
C LYS A 21 4.20 13.24 -11.57
N CYS A 22 2.95 12.67 -11.42
CA CYS A 22 2.67 11.31 -11.85
C CYS A 22 3.29 11.26 -13.23
N ASP A 23 4.42 10.64 -13.29
CA ASP A 23 5.16 10.52 -14.52
C ASP A 23 5.98 9.26 -14.45
N GLY A 24 5.56 8.35 -13.59
CA GLY A 24 6.27 7.09 -13.43
C GLY A 24 7.63 7.24 -12.77
N ASP A 25 7.90 8.40 -12.20
CA ASP A 25 9.19 8.58 -11.57
C ASP A 25 9.08 8.22 -10.05
N PRO A 26 9.74 7.14 -9.61
CA PRO A 26 9.72 6.61 -8.19
C PRO A 26 10.29 7.55 -7.12
N ASP A 27 10.37 8.84 -7.41
CA ASP A 27 10.98 9.80 -6.45
C ASP A 27 10.48 9.57 -5.04
N CYS A 28 9.23 9.17 -4.88
CA CYS A 28 8.70 8.85 -3.57
C CYS A 28 8.19 7.42 -3.65
N GLU A 29 9.03 6.45 -3.24
CA GLU A 29 8.65 5.04 -3.31
C GLU A 29 7.41 4.76 -2.49
N ASP A 30 7.40 5.25 -1.26
CA ASP A 30 6.24 5.05 -0.41
C ASP A 30 5.42 6.34 -0.31
N GLY A 31 5.88 7.39 -1.00
CA GLY A 31 5.17 8.67 -0.95
C GLY A 31 3.99 8.75 -1.95
N SER A 32 3.95 7.89 -2.97
CA SER A 32 2.86 7.93 -3.95
C SER A 32 2.65 9.35 -4.50
N ASP A 33 3.73 9.94 -5.00
CA ASP A 33 3.68 11.29 -5.58
C ASP A 33 2.87 11.27 -6.88
N GLU A 34 2.49 10.09 -7.32
CA GLU A 34 1.74 9.95 -8.55
C GLU A 34 0.27 9.58 -8.28
N SER A 35 -0.05 9.42 -6.99
CA SER A 35 -1.39 9.08 -6.53
C SER A 35 -2.22 10.33 -6.27
N PRO A 36 -3.51 10.17 -6.05
CA PRO A 36 -4.44 11.31 -5.78
C PRO A 36 -3.89 12.37 -4.82
N GLU A 37 -2.88 12.02 -4.04
CA GLU A 37 -2.31 12.99 -3.10
C GLU A 37 -1.56 14.09 -3.85
N GLN A 38 -0.72 13.70 -4.80
CA GLN A 38 0.07 14.66 -5.57
C GLN A 38 -0.46 14.79 -7.00
N CYS A 39 -0.76 13.66 -7.61
CA CYS A 39 -1.31 13.62 -8.96
C CYS A 39 -2.80 13.79 -8.88
N HIS A 40 -3.28 14.61 -7.92
CA HIS A 40 -4.72 14.82 -7.70
C HIS A 40 -5.41 15.32 -8.99
N MET A 41 -5.48 14.44 -9.98
CA MET A 41 -6.09 14.74 -11.27
C MET A 41 -5.75 13.65 -12.29
N ARG A 42 -4.71 12.84 -12.00
CA ARG A 42 -4.31 11.80 -12.94
C ARG A 42 -3.68 10.57 -12.25
N THR A 43 -3.47 9.53 -13.04
CA THR A 43 -2.91 8.24 -12.57
C THR A 43 -1.38 8.19 -12.70
N CYS A 44 -0.80 7.31 -11.89
CA CYS A 44 0.61 7.02 -11.91
C CYS A 44 0.94 6.13 -13.13
N ARG A 45 2.03 6.43 -13.84
CA ARG A 45 2.38 5.65 -15.07
C ARG A 45 3.57 4.73 -14.81
N ILE A 46 3.46 3.44 -15.15
CA ILE A 46 4.58 2.49 -14.89
C ILE A 46 4.71 2.33 -13.39
N HIS A 47 4.76 1.08 -12.93
CA HIS A 47 4.78 0.77 -11.50
C HIS A 47 3.35 0.83 -10.96
N GLU A 48 2.48 1.53 -11.69
CA GLU A 48 1.07 1.62 -11.33
C GLU A 48 0.30 1.94 -12.62
N ILE A 49 -0.87 1.34 -12.81
CA ILE A 49 -1.60 1.48 -14.07
C ILE A 49 -2.70 2.55 -13.95
N SER A 50 -3.37 2.76 -15.06
CA SER A 50 -4.44 3.73 -15.16
C SER A 50 -5.80 3.03 -15.12
N CYS A 51 -6.65 3.43 -14.19
CA CYS A 51 -7.98 2.85 -14.12
C CYS A 51 -9.00 3.89 -14.61
N GLY A 52 -8.56 5.15 -14.66
CA GLY A 52 -9.43 6.22 -15.13
C GLY A 52 -8.66 7.49 -15.48
N ALA A 53 -8.52 7.80 -16.78
CA ALA A 53 -7.86 9.03 -17.17
C ALA A 53 -8.82 10.19 -16.90
N HIS A 54 -10.11 9.86 -16.67
CA HIS A 54 -11.09 10.90 -16.38
C HIS A 54 -11.11 11.24 -14.87
N SER A 55 -10.43 10.45 -14.03
CA SER A 55 -10.40 10.65 -12.60
C SER A 55 -8.98 10.35 -12.10
N THR A 56 -8.78 10.44 -10.79
CA THR A 56 -7.46 10.15 -10.22
C THR A 56 -7.48 8.76 -9.63
N GLN A 57 -7.06 7.74 -10.38
CA GLN A 57 -6.99 6.42 -9.79
C GLN A 57 -5.90 5.56 -10.44
N CYS A 58 -4.84 5.32 -9.69
CA CYS A 58 -3.76 4.46 -10.15
C CYS A 58 -3.51 3.35 -9.13
N ILE A 59 -3.29 2.14 -9.62
CA ILE A 59 -3.04 1.00 -8.74
C ILE A 59 -1.91 0.14 -9.30
N PRO A 60 -1.45 -0.85 -8.57
CA PRO A 60 -0.37 -1.74 -9.06
C PRO A 60 -0.90 -2.83 -9.98
N VAL A 61 -0.36 -2.87 -11.21
CA VAL A 61 -0.79 -3.83 -12.24
C VAL A 61 -1.10 -5.24 -11.69
N SER A 62 -0.56 -5.60 -10.54
CA SER A 62 -0.81 -6.93 -9.98
C SER A 62 -2.31 -7.28 -9.83
N TRP A 63 -3.24 -6.33 -10.07
CA TRP A 63 -4.66 -6.64 -9.93
C TRP A 63 -5.27 -7.02 -11.28
N ARG A 64 -4.41 -7.43 -12.18
CA ARG A 64 -4.85 -7.83 -13.47
C ARG A 64 -4.87 -9.35 -13.45
N CYS A 65 -6.00 -9.89 -12.99
CA CYS A 65 -6.15 -11.36 -12.92
C CYS A 65 -6.72 -11.91 -14.22
N ASP A 66 -7.06 -11.01 -15.15
CA ASP A 66 -7.59 -11.39 -16.44
C ASP A 66 -6.65 -10.85 -17.54
N GLY A 67 -5.46 -10.36 -17.11
CA GLY A 67 -4.49 -9.79 -18.07
C GLY A 67 -4.87 -8.34 -18.42
N GLU A 68 -5.66 -7.73 -17.56
CA GLU A 68 -6.07 -6.34 -17.76
C GLU A 68 -6.44 -5.71 -16.42
N ASN A 69 -6.39 -4.38 -16.23
CA ASN A 69 -6.87 -3.82 -14.95
C ASN A 69 -8.21 -3.20 -15.26
N ASP A 70 -9.24 -3.52 -14.50
CA ASP A 70 -10.55 -2.95 -14.79
C ASP A 70 -11.06 -2.11 -13.62
N CYS A 71 -10.20 -1.93 -12.61
CA CYS A 71 -10.54 -1.27 -11.38
C CYS A 71 -11.01 0.18 -11.53
N ASP A 72 -11.76 0.58 -12.56
CA ASP A 72 -12.18 2.00 -12.62
C ASP A 72 -12.54 2.44 -11.20
N SER A 73 -13.44 1.69 -10.55
CA SER A 73 -13.82 1.97 -9.17
C SER A 73 -13.29 0.89 -8.22
N GLY A 74 -12.09 0.34 -8.50
CA GLY A 74 -11.49 -0.69 -7.64
C GLY A 74 -12.41 -1.90 -7.46
N GLU A 75 -13.38 -2.05 -8.35
CA GLU A 75 -14.35 -3.14 -8.25
C GLU A 75 -13.96 -4.50 -8.90
N ASP A 76 -13.20 -4.53 -10.00
CA ASP A 76 -12.99 -5.85 -10.65
C ASP A 76 -12.04 -6.81 -9.95
N GLU A 77 -10.93 -6.35 -9.41
CA GLU A 77 -9.97 -7.29 -8.81
C GLU A 77 -9.38 -6.82 -7.49
N GLU A 78 -10.01 -5.89 -6.80
CA GLU A 78 -9.42 -5.43 -5.56
C GLU A 78 -9.17 -6.60 -4.62
N ASN A 79 -7.94 -6.69 -4.12
CA ASN A 79 -7.50 -7.78 -3.28
C ASN A 79 -7.73 -9.10 -4.00
N CYS A 80 -7.28 -9.15 -5.25
CA CYS A 80 -7.42 -10.37 -6.05
C CYS A 80 -6.24 -11.35 -5.81
N GLY A 81 -5.26 -10.92 -5.00
CA GLY A 81 -4.08 -11.75 -4.71
C GLY A 81 -4.42 -13.23 -4.56
N ASN A 82 -5.60 -13.50 -4.02
CA ASN A 82 -6.07 -14.88 -3.84
C ASN A 82 -7.59 -14.91 -3.79
N ILE A 83 -8.12 -14.42 -2.69
CA ILE A 83 -9.56 -14.34 -2.48
C ILE A 83 -10.03 -12.91 -2.72
N THR A 84 -11.16 -12.76 -3.39
CA THR A 84 -11.69 -11.44 -3.66
C THR A 84 -12.87 -11.12 -2.76
N CYS A 85 -12.68 -10.07 -1.98
CA CYS A 85 -13.70 -9.58 -1.06
C CYS A 85 -14.29 -8.31 -1.64
N SER A 86 -15.19 -7.69 -0.90
CA SER A 86 -15.78 -6.45 -1.37
C SER A 86 -14.86 -5.31 -0.95
N PRO A 87 -14.79 -4.25 -1.70
CA PRO A 87 -13.91 -3.09 -1.36
C PRO A 87 -14.19 -2.52 0.03
N ASP A 88 -15.25 -2.98 0.68
CA ASP A 88 -15.56 -2.50 2.02
C ASP A 88 -14.95 -3.41 3.08
N GLU A 89 -14.08 -4.32 2.64
CA GLU A 89 -13.44 -5.26 3.55
C GLU A 89 -11.92 -5.03 3.58
N PHE A 90 -11.25 -5.68 4.54
CA PHE A 90 -9.78 -5.54 4.66
C PHE A 90 -9.07 -6.59 3.78
N THR A 91 -7.79 -6.40 3.49
CA THR A 91 -7.07 -7.34 2.60
C THR A 91 -5.87 -8.03 3.28
N CYS A 92 -5.73 -9.35 3.06
CA CYS A 92 -4.62 -10.10 3.65
C CYS A 92 -3.58 -10.53 2.59
N SER A 93 -2.35 -10.89 3.02
CA SER A 93 -1.32 -11.36 2.08
C SER A 93 -1.83 -12.61 1.35
N SER A 94 -2.69 -13.35 2.04
CA SER A 94 -3.31 -14.56 1.52
C SER A 94 -4.60 -14.20 0.79
N GLY A 95 -4.76 -12.92 0.44
CA GLY A 95 -5.93 -12.47 -0.31
C GLY A 95 -7.20 -12.56 0.52
N ARG A 96 -7.11 -13.11 1.73
CA ARG A 96 -8.27 -13.26 2.56
C ARG A 96 -8.64 -11.91 3.10
N CYS A 97 -9.92 -11.66 3.19
CA CYS A 97 -10.39 -10.42 3.70
C CYS A 97 -11.13 -10.67 5.00
N ILE A 98 -11.28 -9.63 5.80
CA ILE A 98 -12.01 -9.75 7.03
C ILE A 98 -12.92 -8.57 7.14
N SER A 99 -13.99 -8.71 7.87
CA SER A 99 -14.89 -7.60 8.03
C SER A 99 -14.40 -6.75 9.17
N ARG A 100 -14.68 -5.47 9.10
CA ARG A 100 -14.24 -4.53 10.15
C ARG A 100 -14.50 -5.06 11.57
N ASN A 101 -15.40 -6.02 11.67
CA ASN A 101 -15.74 -6.64 12.95
C ASN A 101 -14.65 -7.62 13.41
N PHE A 102 -13.52 -7.69 12.69
CA PHE A 102 -12.44 -8.59 13.08
C PHE A 102 -11.54 -7.93 14.11
N VAL A 103 -11.98 -6.77 14.59
CA VAL A 103 -11.25 -6.02 15.60
C VAL A 103 -10.89 -6.97 16.73
N CYS A 104 -9.78 -6.67 17.45
CA CYS A 104 -9.26 -7.54 18.47
C CYS A 104 -10.35 -8.34 19.17
N ASN A 105 -10.41 -9.56 18.69
CA ASN A 105 -11.26 -10.60 19.22
C ASN A 105 -10.31 -11.68 19.70
N GLY A 106 -9.06 -11.25 19.95
CA GLY A 106 -8.02 -12.15 20.40
C GLY A 106 -7.47 -12.98 19.23
N GLN A 107 -8.08 -12.84 18.05
CA GLN A 107 -7.65 -13.58 16.88
C GLN A 107 -6.79 -12.64 16.00
N ASP A 108 -5.80 -13.19 15.29
CA ASP A 108 -4.94 -12.35 14.43
C ASP A 108 -5.74 -11.78 13.26
N ASP A 109 -5.29 -10.63 12.79
CA ASP A 109 -5.89 -9.97 11.66
C ASP A 109 -4.79 -9.39 10.82
N CYS A 110 -4.21 -10.34 10.17
CA CYS A 110 -3.11 -10.19 9.23
C CYS A 110 -3.35 -8.98 8.32
N SER A 111 -4.63 -8.72 8.04
CA SER A 111 -5.06 -7.61 7.18
C SER A 111 -4.65 -6.26 7.75
N ASP A 112 -4.54 -6.22 9.05
CA ASP A 112 -4.10 -5.04 9.76
C ASP A 112 -3.15 -5.48 10.86
N GLY A 113 -2.41 -6.60 10.60
CA GLY A 113 -1.45 -7.22 11.59
C GLY A 113 -1.75 -6.76 13.00
N SER A 114 -1.33 -5.55 13.27
CA SER A 114 -1.54 -4.87 14.53
C SER A 114 -3.00 -4.90 15.02
N ASP A 115 -3.97 -5.51 14.30
CA ASP A 115 -5.37 -5.41 14.78
C ASP A 115 -5.51 -5.78 16.26
N GLU A 116 -4.51 -6.46 16.84
CA GLU A 116 -4.61 -6.82 18.24
C GLU A 116 -3.52 -6.16 19.02
N LEU A 117 -2.70 -5.33 18.35
CA LEU A 117 -1.62 -4.69 19.03
C LEU A 117 -2.16 -4.14 20.33
N ASP A 118 -1.61 -4.74 21.33
CA ASP A 118 -1.91 -4.45 22.72
C ASP A 118 -3.38 -4.14 22.95
N CYS A 119 -4.26 -4.94 22.35
CA CYS A 119 -5.69 -4.73 22.50
C CYS A 119 -6.22 -5.53 23.69
N ALA A 120 -5.43 -5.60 24.76
CA ALA A 120 -5.83 -6.33 25.96
C ALA A 120 -6.93 -5.58 26.70
N PRO A 121 -7.62 -6.24 27.59
CA PRO A 121 -8.72 -5.62 28.38
C PRO A 121 -8.32 -4.29 28.99
N LYS A 1 23.74 -2.50 22.10
CA LYS A 1 23.61 -1.03 21.91
C LYS A 1 22.27 -0.72 21.25
N THR A 2 21.72 0.44 21.55
CA THR A 2 20.45 0.84 20.98
C THR A 2 20.51 2.30 20.51
N CYS A 3 19.57 2.67 19.66
CA CYS A 3 19.50 4.03 19.12
C CYS A 3 19.30 5.06 20.23
N ALA A 4 19.46 6.33 19.88
CA ALA A 4 19.31 7.43 20.83
C ALA A 4 17.84 7.72 21.08
N GLU A 5 17.53 8.20 22.28
CA GLU A 5 16.14 8.52 22.66
C GLU A 5 15.31 9.20 21.54
N SER A 6 15.95 9.88 20.56
CA SER A 6 15.19 10.55 19.50
C SER A 6 15.08 9.69 18.24
N ASP A 7 15.34 8.40 18.37
CA ASP A 7 15.26 7.49 17.23
C ASP A 7 13.82 7.13 16.92
N PHE A 8 13.55 6.68 15.69
CA PHE A 8 12.18 6.25 15.33
C PHE A 8 12.08 4.76 15.57
N VAL A 9 11.20 4.31 16.46
CA VAL A 9 11.07 2.88 16.72
C VAL A 9 10.19 2.22 15.67
N CYS A 10 10.76 1.30 14.90
CA CYS A 10 9.96 0.61 13.88
C CYS A 10 9.00 -0.31 14.63
N ASN A 11 7.97 -0.76 13.95
CA ASN A 11 6.94 -1.61 14.61
C ASN A 11 7.36 -3.06 14.71
N ASN A 12 8.43 -3.44 14.02
CA ASN A 12 8.89 -4.81 14.05
C ASN A 12 10.02 -4.95 15.10
N GLY A 13 10.07 -4.03 16.06
CA GLY A 13 11.13 -4.03 17.08
C GLY A 13 12.39 -3.36 16.52
N GLN A 14 12.50 -3.35 15.18
CA GLN A 14 13.62 -2.74 14.49
C GLN A 14 13.84 -1.32 15.03
N CYS A 15 15.10 -0.90 15.10
CA CYS A 15 15.41 0.44 15.59
C CYS A 15 16.16 1.24 14.52
N VAL A 16 15.67 2.44 14.22
CA VAL A 16 16.33 3.28 13.22
C VAL A 16 16.37 4.75 13.60
N PRO A 17 17.55 5.31 13.88
CA PRO A 17 17.71 6.76 14.17
C PRO A 17 16.84 7.62 13.22
N SER A 18 16.53 8.84 13.64
CA SER A 18 15.66 9.77 12.88
C SER A 18 15.98 9.87 11.37
N ARG A 19 17.08 9.34 10.92
CA ARG A 19 17.49 9.49 9.52
C ARG A 19 17.02 8.37 8.56
N TRP A 20 16.23 7.39 9.00
CA TRP A 20 15.82 6.31 8.07
C TRP A 20 14.36 6.38 7.65
N LYS A 21 13.79 7.56 7.73
CA LYS A 21 12.40 7.86 7.35
C LYS A 21 12.04 7.19 6.01
N CYS A 22 10.71 7.21 5.62
CA CYS A 22 10.28 6.69 4.34
C CYS A 22 11.29 7.26 3.37
N ASP A 23 12.22 6.45 3.00
CA ASP A 23 13.29 6.86 2.13
C ASP A 23 13.71 5.69 1.27
N GLY A 24 12.86 4.67 1.22
CA GLY A 24 13.17 3.50 0.40
C GLY A 24 14.17 2.58 1.06
N ASP A 25 14.51 2.83 2.31
CA ASP A 25 15.48 1.97 2.98
C ASP A 25 14.76 0.82 3.75
N PRO A 26 14.89 -0.44 3.29
CA PRO A 26 14.24 -1.68 3.91
C PRO A 26 14.71 -2.05 5.31
N ASP A 27 15.37 -1.13 5.98
CA ASP A 27 15.97 -1.37 7.31
C ASP A 27 15.03 -2.03 8.31
N CYS A 28 13.72 -1.93 8.15
CA CYS A 28 12.83 -2.60 9.09
C CYS A 28 12.48 -3.97 8.52
N GLU A 29 12.78 -5.05 9.24
CA GLU A 29 12.51 -6.39 8.73
C GLU A 29 11.08 -6.52 8.19
N ASP A 30 10.18 -5.64 8.62
CA ASP A 30 8.79 -5.71 8.14
C ASP A 30 8.43 -4.55 7.21
N GLY A 31 9.44 -3.82 6.73
CA GLY A 31 9.23 -2.71 5.80
C GLY A 31 8.28 -1.61 6.33
N SER A 32 7.87 -1.66 7.60
CA SER A 32 6.89 -0.65 8.06
C SER A 32 7.53 0.60 8.72
N ASP A 33 8.84 0.82 8.53
CA ASP A 33 9.47 2.04 9.06
C ASP A 33 9.15 3.21 8.10
N GLU A 34 8.53 2.88 6.97
CA GLU A 34 8.19 3.88 5.96
C GLU A 34 6.65 3.97 5.81
N SER A 35 5.95 3.24 6.69
CA SER A 35 4.49 3.19 6.71
C SER A 35 3.93 4.29 7.62
N PRO A 36 2.63 4.48 7.59
CA PRO A 36 1.94 5.52 8.42
C PRO A 36 2.42 5.61 9.87
N GLU A 37 3.07 4.57 10.37
CA GLU A 37 3.54 4.59 11.75
C GLU A 37 4.78 5.48 11.93
N GLN A 38 5.76 5.33 11.04
CA GLN A 38 7.00 6.11 11.13
C GLN A 38 6.97 7.27 10.15
N CYS A 39 6.53 6.97 8.94
CA CYS A 39 6.41 7.98 7.90
C CYS A 39 5.06 8.65 8.02
N HIS A 40 4.59 8.83 9.28
CA HIS A 40 3.27 9.42 9.56
C HIS A 40 3.14 10.82 8.94
N MET A 41 3.12 10.87 7.61
CA MET A 41 3.02 12.11 6.85
C MET A 41 3.27 11.84 5.36
N ARG A 42 4.07 10.80 5.06
CA ARG A 42 4.38 10.47 3.67
C ARG A 42 4.30 8.95 3.40
N THR A 43 4.53 8.57 2.15
CA THR A 43 4.45 7.16 1.74
C THR A 43 5.83 6.48 1.68
N CYS A 44 5.80 5.16 1.87
CA CYS A 44 6.99 4.30 1.78
C CYS A 44 7.66 4.53 0.40
N ARG A 45 8.71 3.78 0.03
CA ARG A 45 9.33 4.00 -1.31
C ARG A 45 9.96 2.68 -1.78
N ILE A 46 9.64 2.22 -3.00
CA ILE A 46 10.16 0.92 -3.48
C ILE A 46 9.47 -0.18 -2.70
N HIS A 47 8.97 -1.19 -3.41
CA HIS A 47 8.22 -2.27 -2.76
C HIS A 47 6.87 -1.74 -2.22
N GLU A 48 6.62 -0.45 -2.43
CA GLU A 48 5.39 0.20 -2.00
C GLU A 48 5.31 1.54 -2.74
N ILE A 49 4.19 1.81 -3.38
CA ILE A 49 4.09 3.01 -4.21
C ILE A 49 3.39 4.14 -3.44
N SER A 50 3.28 5.27 -4.09
CA SER A 50 2.64 6.43 -3.52
C SER A 50 1.21 6.55 -4.02
N CYS A 51 0.27 6.61 -3.11
CA CYS A 51 -1.12 6.82 -3.50
C CYS A 51 -1.35 8.33 -3.52
N GLY A 52 -0.47 9.07 -2.82
CA GLY A 52 -0.56 10.52 -2.77
C GLY A 52 0.38 11.13 -1.72
N ALA A 53 1.14 12.16 -2.12
CA ALA A 53 2.03 12.84 -1.18
C ALA A 53 1.20 13.80 -0.33
N HIS A 54 -0.11 13.86 -0.58
CA HIS A 54 -0.98 14.74 0.21
C HIS A 54 -1.34 14.11 1.58
N SER A 55 -1.14 12.80 1.73
CA SER A 55 -1.47 12.08 2.95
C SER A 55 -0.43 10.98 3.16
N THR A 56 -0.62 10.18 4.20
CA THR A 56 0.26 9.05 4.45
C THR A 56 -0.41 7.84 3.84
N GLN A 57 -0.01 7.43 2.65
CA GLN A 57 -0.61 6.25 2.08
C GLN A 57 0.29 5.54 1.08
N CYS A 58 0.87 4.43 1.49
CA CYS A 58 1.70 3.61 0.59
C CYS A 58 1.12 2.19 0.50
N ILE A 59 1.18 1.60 -0.68
CA ILE A 59 0.65 0.25 -0.89
C ILE A 59 1.58 -0.55 -1.82
N PRO A 60 1.55 -1.86 -1.76
CA PRO A 60 2.43 -2.69 -2.62
C PRO A 60 1.93 -2.78 -4.07
N VAL A 61 2.78 -2.32 -4.99
CA VAL A 61 2.45 -2.30 -6.44
C VAL A 61 1.66 -3.53 -6.91
N SER A 62 1.78 -4.65 -6.21
CA SER A 62 1.06 -5.86 -6.60
C SER A 62 -0.45 -5.63 -6.82
N TRP A 63 -1.00 -4.48 -6.40
CA TRP A 63 -2.44 -4.24 -6.57
C TRP A 63 -2.74 -3.29 -7.75
N ARG A 64 -1.79 -3.17 -8.64
CA ARG A 64 -2.04 -2.37 -9.77
C ARG A 64 -2.82 -3.28 -10.70
N CYS A 65 -4.12 -3.38 -10.46
CA CYS A 65 -4.95 -4.28 -11.27
C CYS A 65 -5.15 -3.69 -12.66
N ASP A 66 -5.02 -2.37 -12.77
CA ASP A 66 -5.18 -1.72 -14.05
C ASP A 66 -3.82 -1.31 -14.61
N GLY A 67 -2.76 -1.90 -14.06
CA GLY A 67 -1.39 -1.53 -14.47
C GLY A 67 -1.08 -0.14 -13.91
N GLU A 68 -1.78 0.20 -12.83
CA GLU A 68 -1.61 1.46 -12.14
C GLU A 68 -2.05 1.29 -10.68
N ASN A 69 -1.56 2.10 -9.72
CA ASN A 69 -2.15 1.98 -8.36
C ASN A 69 -3.04 3.20 -8.29
N ASP A 70 -4.29 3.05 -7.96
CA ASP A 70 -5.15 4.22 -7.94
C ASP A 70 -5.76 4.48 -6.58
N CYS A 71 -5.15 3.84 -5.59
CA CYS A 71 -5.53 3.88 -4.20
C CYS A 71 -5.55 5.30 -3.61
N ASP A 72 -6.04 6.34 -4.32
CA ASP A 72 -6.05 7.68 -3.70
C ASP A 72 -6.41 7.48 -2.23
N SER A 73 -7.50 6.77 -1.97
CA SER A 73 -7.93 6.48 -0.61
C SER A 73 -7.92 4.96 -0.35
N GLY A 74 -6.93 4.22 -0.89
CA GLY A 74 -6.81 2.77 -0.66
C GLY A 74 -8.03 1.97 -1.14
N GLU A 75 -8.81 2.54 -2.05
CA GLU A 75 -10.04 1.88 -2.51
C GLU A 75 -9.89 0.83 -3.65
N ASP A 76 -9.06 1.07 -4.67
CA ASP A 76 -9.01 0.09 -5.81
C ASP A 76 -7.88 -0.92 -5.69
N GLU A 77 -7.24 -0.95 -4.56
CA GLU A 77 -6.09 -1.87 -4.43
C GLU A 77 -6.23 -2.88 -3.30
N GLU A 78 -7.21 -2.70 -2.42
CA GLU A 78 -7.36 -3.66 -1.36
C GLU A 78 -7.63 -5.03 -1.94
N ASN A 79 -6.81 -6.01 -1.58
CA ASN A 79 -6.90 -7.38 -2.10
C ASN A 79 -7.39 -7.42 -3.53
N CYS A 80 -6.74 -6.64 -4.38
CA CYS A 80 -7.14 -6.62 -5.78
C CYS A 80 -6.47 -7.76 -6.57
N GLY A 81 -5.39 -8.34 -6.03
CA GLY A 81 -4.69 -9.42 -6.72
C GLY A 81 -5.37 -10.76 -6.53
N ASN A 82 -5.28 -11.29 -5.31
CA ASN A 82 -5.90 -12.56 -5.00
C ASN A 82 -7.39 -12.50 -5.32
N ILE A 83 -8.19 -12.25 -4.32
CA ILE A 83 -9.61 -12.14 -4.46
C ILE A 83 -10.07 -10.70 -4.19
N THR A 84 -10.87 -10.14 -5.08
CA THR A 84 -11.34 -8.78 -4.88
C THR A 84 -12.38 -8.73 -3.78
N CYS A 85 -12.03 -8.04 -2.72
CA CYS A 85 -12.92 -7.88 -1.57
C CYS A 85 -13.46 -6.46 -1.56
N SER A 86 -14.30 -6.15 -0.60
CA SER A 86 -14.84 -4.83 -0.51
C SER A 86 -13.79 -3.94 0.12
N PRO A 87 -13.42 -2.84 -0.49
CA PRO A 87 -12.42 -1.90 0.08
C PRO A 87 -12.72 -1.50 1.55
N ASP A 88 -13.88 -1.90 2.08
CA ASP A 88 -14.20 -1.56 3.46
C ASP A 88 -13.97 -2.75 4.39
N GLU A 89 -13.35 -3.81 3.88
CA GLU A 89 -13.10 -4.99 4.68
C GLU A 89 -11.62 -5.07 5.07
N PHE A 90 -11.27 -6.02 5.96
CA PHE A 90 -9.88 -6.16 6.41
C PHE A 90 -9.11 -7.19 5.58
N THR A 91 -8.30 -6.71 4.65
CA THR A 91 -7.51 -7.59 3.79
C THR A 91 -6.50 -8.41 4.59
N CYS A 92 -6.35 -9.67 4.21
CA CYS A 92 -5.39 -10.56 4.88
C CYS A 92 -4.14 -10.72 3.99
N SER A 93 -2.97 -11.07 4.55
CA SER A 93 -1.77 -11.20 3.73
C SER A 93 -2.03 -12.07 2.50
N SER A 94 -3.05 -12.94 2.58
CA SER A 94 -3.39 -13.83 1.46
C SER A 94 -4.47 -13.23 0.58
N GLY A 95 -4.76 -11.95 0.76
CA GLY A 95 -5.77 -11.26 -0.02
C GLY A 95 -7.19 -11.62 0.38
N ARG A 96 -7.35 -12.38 1.46
CA ARG A 96 -8.68 -12.75 1.91
C ARG A 96 -9.18 -11.74 2.93
N CYS A 97 -10.33 -11.17 2.68
CA CYS A 97 -10.87 -10.16 3.58
C CYS A 97 -12.05 -10.68 4.40
N ILE A 98 -12.24 -10.02 5.54
CA ILE A 98 -13.32 -10.34 6.44
C ILE A 98 -13.84 -9.08 7.11
N SER A 99 -14.91 -9.20 7.87
CA SER A 99 -15.53 -8.04 8.48
C SER A 99 -14.56 -7.37 9.44
N ARG A 100 -14.69 -6.04 9.53
CA ARG A 100 -13.82 -5.27 10.42
C ARG A 100 -14.02 -5.65 11.88
N ASN A 101 -14.99 -6.50 12.12
CA ASN A 101 -15.27 -6.96 13.48
C ASN A 101 -14.23 -7.96 13.92
N PHE A 102 -13.58 -8.59 12.95
CA PHE A 102 -12.58 -9.60 13.28
C PHE A 102 -11.26 -8.95 13.64
N VAL A 103 -11.13 -7.67 13.31
CA VAL A 103 -9.89 -6.94 13.60
C VAL A 103 -9.49 -7.18 15.06
N CYS A 104 -8.17 -7.39 15.28
CA CYS A 104 -7.64 -7.78 16.58
C CYS A 104 -8.58 -7.40 17.68
N ASN A 105 -9.29 -8.43 18.06
CA ASN A 105 -10.23 -8.42 19.13
C ASN A 105 -9.81 -9.49 20.12
N GLY A 106 -8.62 -10.06 19.89
CA GLY A 106 -8.09 -11.10 20.76
C GLY A 106 -8.24 -12.50 20.18
N GLN A 107 -9.01 -12.63 19.10
CA GLN A 107 -9.24 -13.93 18.49
C GLN A 107 -8.56 -14.01 17.09
N ASP A 108 -8.34 -15.24 16.54
CA ASP A 108 -7.77 -15.37 15.18
C ASP A 108 -8.68 -14.71 14.16
N ASP A 109 -8.15 -14.42 12.96
CA ASP A 109 -8.95 -13.78 11.93
C ASP A 109 -8.81 -14.49 10.58
N CYS A 110 -7.61 -14.41 10.00
CA CYS A 110 -7.41 -15.00 8.67
C CYS A 110 -6.49 -16.22 8.64
N SER A 111 -5.20 -16.06 8.94
CA SER A 111 -4.30 -17.22 8.86
C SER A 111 -4.01 -17.90 10.19
N ASP A 112 -3.44 -17.16 11.13
CA ASP A 112 -3.07 -17.74 12.44
C ASP A 112 -3.33 -16.87 13.68
N GLY A 113 -3.28 -15.55 13.52
CA GLY A 113 -3.41 -14.64 14.65
C GLY A 113 -2.53 -13.41 14.45
N SER A 114 -1.81 -13.36 13.32
CA SER A 114 -0.97 -12.20 13.00
C SER A 114 -1.86 -10.97 13.04
N ASP A 115 -3.15 -11.20 12.85
CA ASP A 115 -4.12 -10.10 12.89
C ASP A 115 -4.11 -9.41 14.28
N GLU A 116 -3.40 -10.02 15.24
CA GLU A 116 -3.27 -9.47 16.57
C GLU A 116 -1.80 -9.44 16.96
N LEU A 117 -0.93 -9.61 15.97
CA LEU A 117 0.46 -9.45 16.21
C LEU A 117 0.83 -8.10 15.65
N ASP A 118 1.13 -7.24 16.57
CA ASP A 118 1.48 -5.87 16.24
C ASP A 118 0.28 -5.11 15.69
N CYS A 119 -0.89 -5.46 16.18
CA CYS A 119 -2.14 -4.81 15.76
C CYS A 119 -2.35 -3.51 16.52
N ALA A 120 -1.30 -2.71 16.64
CA ALA A 120 -1.39 -1.43 17.34
C ALA A 120 -2.26 -0.45 16.56
N PRO A 121 -2.69 0.60 17.20
CA PRO A 121 -3.55 1.63 16.56
C PRO A 121 -3.02 2.04 15.18
N LYS A 1 25.32 17.76 -23.02
CA LYS A 1 24.60 17.00 -24.08
C LYS A 1 23.27 16.51 -23.51
N THR A 2 22.19 17.24 -23.79
CA THR A 2 20.87 16.87 -23.31
C THR A 2 19.95 16.56 -24.49
N CYS A 3 18.87 15.86 -24.20
CA CYS A 3 17.91 15.49 -25.24
C CYS A 3 17.42 16.72 -25.99
N ALA A 4 16.77 16.48 -27.13
CA ALA A 4 16.26 17.57 -27.98
C ALA A 4 15.63 18.70 -27.18
N GLU A 5 15.77 19.92 -27.70
CA GLU A 5 15.22 21.10 -27.02
C GLU A 5 13.80 20.87 -26.44
N SER A 6 12.87 20.28 -27.24
CA SER A 6 11.51 20.05 -26.77
C SER A 6 11.35 18.76 -25.94
N ASP A 7 12.44 18.01 -25.81
CA ASP A 7 12.46 16.75 -25.07
C ASP A 7 11.53 16.75 -23.85
N PHE A 8 11.14 15.55 -23.43
CA PHE A 8 10.28 15.39 -22.22
C PHE A 8 11.08 14.68 -21.14
N VAL A 9 11.49 15.40 -20.09
CA VAL A 9 12.28 14.78 -19.01
C VAL A 9 11.44 13.75 -18.25
N CYS A 10 12.09 12.66 -17.86
CA CYS A 10 11.43 11.62 -17.08
C CYS A 10 11.94 11.66 -15.63
N ASN A 11 11.12 11.15 -14.73
CA ASN A 11 11.46 11.15 -13.28
C ASN A 11 12.72 10.38 -12.96
N ASN A 12 13.17 9.52 -13.86
CA ASN A 12 14.36 8.72 -13.57
C ASN A 12 15.63 9.48 -13.98
N GLY A 13 15.55 10.80 -14.11
CA GLY A 13 16.72 11.56 -14.53
C GLY A 13 17.02 11.30 -16.01
N GLN A 14 16.16 10.50 -16.66
CA GLN A 14 16.33 10.18 -18.07
C GLN A 14 15.58 11.19 -18.94
N CYS A 15 16.07 11.45 -20.14
CA CYS A 15 15.40 12.38 -21.04
C CYS A 15 15.00 11.66 -22.33
N VAL A 16 13.77 11.87 -22.76
CA VAL A 16 13.27 11.24 -23.97
C VAL A 16 12.63 12.23 -24.92
N PRO A 17 13.25 12.48 -26.06
CA PRO A 17 12.65 13.35 -27.09
C PRO A 17 11.17 12.99 -27.28
N SER A 18 10.35 13.99 -27.63
CA SER A 18 8.88 13.81 -27.80
C SER A 18 8.46 12.51 -28.56
N ARG A 19 9.39 11.83 -29.15
CA ARG A 19 9.11 10.59 -29.88
C ARG A 19 8.87 9.39 -28.95
N TRP A 20 8.84 9.63 -27.62
CA TRP A 20 8.61 8.53 -26.66
C TRP A 20 7.36 8.74 -25.80
N LYS A 21 6.51 9.67 -26.21
CA LYS A 21 5.24 10.02 -25.51
C LYS A 21 4.49 8.74 -25.07
N CYS A 22 3.38 8.87 -24.27
CA CYS A 22 2.59 7.73 -23.87
C CYS A 22 2.33 6.99 -25.14
N ASP A 23 3.06 5.93 -25.33
CA ASP A 23 2.95 5.10 -26.51
C ASP A 23 3.36 3.69 -26.14
N GLY A 24 3.40 3.40 -24.84
CA GLY A 24 3.80 2.06 -24.38
C GLY A 24 5.29 1.82 -24.51
N ASP A 25 6.07 2.84 -24.78
CA ASP A 25 7.49 2.64 -24.94
C ASP A 25 8.21 2.69 -23.54
N PRO A 26 8.91 1.61 -23.17
CA PRO A 26 9.63 1.44 -21.84
C PRO A 26 10.84 2.36 -21.60
N ASP A 27 10.94 3.45 -22.35
CA ASP A 27 12.12 4.34 -22.25
C ASP A 27 12.44 4.75 -20.80
N CYS A 28 11.44 4.89 -19.93
CA CYS A 28 11.72 5.25 -18.55
C CYS A 28 11.46 4.03 -17.68
N GLU A 29 12.51 3.30 -17.34
CA GLU A 29 12.39 2.09 -16.53
C GLU A 29 11.51 2.31 -15.30
N ASP A 30 11.34 3.55 -14.88
CA ASP A 30 10.52 3.82 -13.70
C ASP A 30 9.06 4.14 -14.04
N GLY A 31 8.62 3.82 -15.27
CA GLY A 31 7.20 4.00 -15.67
C GLY A 31 6.68 5.45 -15.68
N SER A 32 7.53 6.47 -15.56
CA SER A 32 6.97 7.85 -15.51
C SER A 32 7.11 8.69 -16.80
N ASP A 33 7.44 8.10 -17.94
CA ASP A 33 7.50 8.87 -19.19
C ASP A 33 6.09 8.93 -19.80
N GLU A 34 5.20 8.06 -19.33
CA GLU A 34 3.86 8.00 -19.85
C GLU A 34 2.84 8.35 -18.75
N SER A 35 3.35 8.78 -17.59
CA SER A 35 2.50 9.15 -16.46
C SER A 35 2.01 10.59 -16.62
N PRO A 36 0.98 10.99 -15.92
CA PRO A 36 0.41 12.36 -16.01
C PRO A 36 1.46 13.48 -15.93
N GLU A 37 2.50 13.29 -15.13
CA GLU A 37 3.52 14.33 -15.00
C GLU A 37 4.03 14.79 -16.37
N GLN A 38 4.38 13.83 -17.22
CA GLN A 38 4.92 14.14 -18.55
C GLN A 38 3.85 14.00 -19.61
N CYS A 39 3.07 12.94 -19.46
CA CYS A 39 1.97 12.65 -20.37
C CYS A 39 0.72 13.34 -19.89
N HIS A 40 0.90 14.54 -19.31
CA HIS A 40 -0.22 15.34 -18.77
C HIS A 40 -1.27 15.61 -19.86
N MET A 41 -1.98 14.57 -20.25
CA MET A 41 -3.02 14.67 -21.28
C MET A 41 -3.51 13.28 -21.69
N ARG A 42 -2.66 12.26 -21.49
CA ARG A 42 -3.04 10.90 -21.87
C ARG A 42 -2.38 9.82 -21.02
N THR A 43 -3.03 8.66 -20.99
CA THR A 43 -2.58 7.48 -20.22
C THR A 43 -1.55 6.64 -21.00
N CYS A 44 -0.66 5.98 -20.26
CA CYS A 44 0.33 5.06 -20.83
C CYS A 44 -0.41 3.89 -21.52
N ARG A 45 -0.03 3.53 -22.75
CA ARG A 45 -0.73 2.43 -23.48
C ARG A 45 0.15 1.18 -23.47
N ILE A 46 -0.42 -0.02 -23.29
CA ILE A 46 0.43 -1.24 -23.22
C ILE A 46 1.19 -1.14 -21.92
N HIS A 47 1.16 -2.21 -21.13
CA HIS A 47 1.79 -2.17 -19.81
C HIS A 47 0.97 -1.29 -18.85
N GLU A 48 -0.02 -0.55 -19.39
CA GLU A 48 -0.88 0.28 -18.56
C GLU A 48 -2.14 0.66 -19.37
N ILE A 49 -3.33 0.60 -18.76
CA ILE A 49 -4.56 0.96 -19.49
C ILE A 49 -5.30 2.06 -18.76
N SER A 50 -5.72 3.05 -19.51
CA SER A 50 -6.39 4.22 -18.93
C SER A 50 -7.48 3.89 -17.93
N CYS A 51 -7.65 4.84 -17.03
CA CYS A 51 -8.71 4.78 -16.03
C CYS A 51 -9.54 6.06 -16.11
N GLY A 52 -9.03 7.04 -16.89
CA GLY A 52 -9.73 8.31 -17.05
C GLY A 52 -9.89 8.69 -18.52
N ALA A 53 -11.12 8.66 -19.04
CA ALA A 53 -11.34 9.09 -20.40
C ALA A 53 -11.24 10.62 -20.44
N HIS A 54 -11.42 11.25 -19.26
CA HIS A 54 -11.32 12.71 -19.19
C HIS A 54 -9.99 13.21 -18.57
N SER A 55 -9.17 12.34 -17.94
CA SER A 55 -7.93 12.76 -17.33
C SER A 55 -6.81 11.79 -17.69
N THR A 56 -5.61 12.06 -17.17
CA THR A 56 -4.48 11.17 -17.44
C THR A 56 -4.23 10.29 -16.23
N GLN A 57 -4.66 9.04 -16.28
CA GLN A 57 -4.38 8.13 -15.18
C GLN A 57 -4.19 6.72 -15.74
N CYS A 58 -2.94 6.29 -15.82
CA CYS A 58 -2.64 4.97 -16.33
C CYS A 58 -2.10 4.03 -15.25
N ILE A 59 -2.56 2.78 -15.28
CA ILE A 59 -2.10 1.76 -14.34
C ILE A 59 -2.02 0.42 -15.07
N PRO A 60 -1.18 -0.49 -14.62
CA PRO A 60 -1.04 -1.82 -15.29
C PRO A 60 -2.39 -2.55 -15.40
N VAL A 61 -2.75 -2.96 -16.62
CA VAL A 61 -4.02 -3.68 -16.82
C VAL A 61 -4.14 -4.89 -15.88
N SER A 62 -3.02 -5.33 -15.29
CA SER A 62 -3.05 -6.49 -14.40
C SER A 62 -4.17 -6.38 -13.37
N TRP A 63 -4.61 -5.16 -13.08
CA TRP A 63 -5.67 -4.97 -12.07
C TRP A 63 -7.07 -5.20 -12.68
N ARG A 64 -7.12 -5.93 -13.76
CA ARG A 64 -8.36 -6.23 -14.37
C ARG A 64 -8.95 -7.33 -13.49
N CYS A 65 -9.69 -6.92 -12.46
CA CYS A 65 -10.28 -7.91 -11.55
C CYS A 65 -11.62 -8.39 -12.08
N ASP A 66 -12.16 -7.72 -13.09
CA ASP A 66 -13.43 -8.10 -13.67
C ASP A 66 -13.28 -8.14 -15.20
N GLY A 67 -12.03 -8.02 -15.65
CA GLY A 67 -11.73 -8.02 -17.10
C GLY A 67 -11.51 -6.60 -17.64
N GLU A 68 -11.46 -5.60 -16.76
CA GLU A 68 -11.24 -4.21 -17.22
C GLU A 68 -10.52 -3.40 -16.10
N ASN A 69 -9.80 -2.28 -16.41
CA ASN A 69 -9.16 -1.55 -15.29
C ASN A 69 -10.05 -0.39 -14.85
N ASP A 70 -11.05 -0.77 -14.10
CA ASP A 70 -12.04 0.15 -13.59
C ASP A 70 -11.51 0.73 -12.32
N CYS A 71 -10.52 1.57 -12.51
CA CYS A 71 -9.93 2.28 -11.41
C CYS A 71 -10.10 3.78 -11.66
N ASP A 72 -11.30 4.22 -12.10
CA ASP A 72 -11.51 5.67 -12.33
C ASP A 72 -10.80 6.45 -11.23
N SER A 73 -11.10 6.07 -10.01
CA SER A 73 -10.46 6.65 -8.84
C SER A 73 -9.91 5.54 -7.95
N GLY A 74 -9.53 4.38 -8.52
CA GLY A 74 -9.02 3.24 -7.74
C GLY A 74 -10.14 2.56 -6.92
N GLU A 75 -11.33 2.50 -7.52
CA GLU A 75 -12.52 1.93 -6.86
C GLU A 75 -12.73 0.42 -7.03
N ASP A 76 -12.58 -0.15 -8.24
CA ASP A 76 -12.83 -1.62 -8.39
C ASP A 76 -11.55 -2.45 -8.26
N GLU A 77 -10.41 -1.80 -8.29
CA GLU A 77 -9.14 -2.54 -8.26
C GLU A 77 -8.54 -2.65 -6.87
N GLU A 78 -9.28 -2.22 -5.86
CA GLU A 78 -8.78 -2.36 -4.50
C GLU A 78 -8.41 -3.82 -4.26
N ASN A 79 -7.37 -4.03 -3.45
CA ASN A 79 -6.86 -5.37 -3.14
C ASN A 79 -7.16 -6.34 -4.26
N CYS A 80 -6.63 -6.03 -5.43
CA CYS A 80 -6.81 -6.88 -6.60
C CYS A 80 -5.55 -7.69 -6.90
N GLY A 81 -4.65 -7.78 -5.92
CA GLY A 81 -3.43 -8.55 -6.12
C GLY A 81 -3.74 -10.04 -6.07
N ASN A 82 -3.98 -10.54 -4.86
CA ASN A 82 -4.31 -11.94 -4.68
C ASN A 82 -5.78 -12.19 -4.99
N ILE A 83 -6.60 -11.89 -4.02
CA ILE A 83 -8.04 -12.07 -4.12
C ILE A 83 -8.76 -10.73 -4.12
N THR A 84 -9.89 -10.68 -4.81
CA THR A 84 -10.68 -9.46 -4.87
C THR A 84 -11.61 -9.36 -3.67
N CYS A 85 -11.34 -8.37 -2.86
CA CYS A 85 -12.14 -8.07 -1.68
C CYS A 85 -13.10 -6.96 -2.01
N SER A 86 -13.93 -6.61 -1.05
CA SER A 86 -14.83 -5.52 -1.24
C SER A 86 -14.14 -4.30 -0.66
N PRO A 87 -14.09 -3.19 -1.37
CA PRO A 87 -13.43 -1.96 -0.86
C PRO A 87 -13.89 -1.55 0.55
N ASP A 88 -14.94 -2.20 1.06
CA ASP A 88 -15.42 -1.91 2.41
C ASP A 88 -14.93 -2.97 3.40
N GLU A 89 -13.91 -3.73 3.01
CA GLU A 89 -13.36 -4.77 3.86
C GLU A 89 -11.83 -4.70 3.85
N PHE A 90 -11.18 -5.34 4.81
CA PHE A 90 -9.72 -5.32 4.88
C PHE A 90 -9.15 -6.47 4.04
N THR A 91 -7.85 -6.40 3.69
CA THR A 91 -7.24 -7.44 2.86
C THR A 91 -5.96 -8.01 3.46
N CYS A 92 -5.84 -9.35 3.45
CA CYS A 92 -4.65 -10.00 3.97
C CYS A 92 -3.65 -10.22 2.83
N SER A 93 -2.42 -10.68 3.11
CA SER A 93 -1.46 -10.89 2.04
C SER A 93 -1.69 -12.23 1.35
N SER A 94 -2.66 -13.02 1.84
CA SER A 94 -2.93 -14.31 1.22
C SER A 94 -4.20 -14.27 0.36
N GLY A 95 -4.80 -13.10 0.19
CA GLY A 95 -6.01 -13.01 -0.60
C GLY A 95 -7.27 -13.18 0.25
N ARG A 96 -7.12 -12.97 1.56
CA ARG A 96 -8.25 -13.15 2.45
C ARG A 96 -8.72 -11.82 3.01
N CYS A 97 -10.00 -11.53 2.81
CA CYS A 97 -10.57 -10.28 3.26
C CYS A 97 -11.67 -10.51 4.28
N ILE A 98 -11.68 -9.70 5.33
CA ILE A 98 -12.68 -9.81 6.37
C ILE A 98 -13.30 -8.46 6.67
N SER A 99 -14.32 -8.48 7.51
CA SER A 99 -14.97 -7.24 7.90
C SER A 99 -14.20 -6.64 9.07
N ARG A 100 -14.37 -5.35 9.29
CA ARG A 100 -13.69 -4.71 10.41
C ARG A 100 -14.10 -5.30 11.76
N ASN A 101 -15.10 -6.15 11.71
CA ASN A 101 -15.59 -6.83 12.92
C ASN A 101 -14.53 -7.80 13.44
N PHE A 102 -13.46 -8.00 12.67
CA PHE A 102 -12.40 -8.90 13.12
C PHE A 102 -11.45 -8.22 14.10
N VAL A 103 -11.92 -7.09 14.62
CA VAL A 103 -11.21 -6.29 15.61
C VAL A 103 -10.61 -7.23 16.65
N CYS A 104 -9.57 -6.82 17.40
CA CYS A 104 -8.95 -7.72 18.33
C CYS A 104 -9.97 -8.30 19.26
N ASN A 105 -10.39 -9.48 18.90
CA ASN A 105 -11.30 -10.26 19.68
C ASN A 105 -10.47 -11.33 20.37
N GLY A 106 -9.15 -11.19 20.23
CA GLY A 106 -8.23 -12.17 20.81
C GLY A 106 -7.63 -13.06 19.73
N GLN A 107 -8.11 -12.92 18.48
CA GLN A 107 -7.60 -13.72 17.38
C GLN A 107 -6.99 -12.79 16.30
N ASP A 108 -5.71 -12.99 15.93
CA ASP A 108 -5.07 -12.10 14.92
C ASP A 108 -5.88 -11.99 13.63
N ASP A 109 -5.68 -10.89 12.91
CA ASP A 109 -6.35 -10.65 11.65
C ASP A 109 -5.51 -9.69 10.82
N CYS A 110 -4.57 -10.33 10.17
CA CYS A 110 -3.61 -9.74 9.22
C CYS A 110 -4.32 -8.88 8.19
N SER A 111 -5.56 -9.28 7.83
CA SER A 111 -6.35 -8.56 6.83
C SER A 111 -6.11 -7.10 6.99
N ASP A 112 -6.23 -6.66 8.22
CA ASP A 112 -5.97 -5.27 8.51
C ASP A 112 -4.65 -5.13 9.31
N GLY A 113 -4.31 -6.15 10.14
CA GLY A 113 -3.09 -6.08 10.99
C GLY A 113 -3.39 -5.23 12.24
N SER A 114 -4.14 -4.20 11.95
CA SER A 114 -4.67 -3.26 12.91
C SER A 114 -5.73 -3.95 13.79
N ASP A 115 -6.04 -5.26 13.58
CA ASP A 115 -7.05 -5.80 14.47
C ASP A 115 -6.49 -5.94 15.88
N GLU A 116 -5.25 -6.43 16.00
CA GLU A 116 -4.63 -6.61 17.31
C GLU A 116 -3.23 -6.03 17.32
N LEU A 117 -2.78 -5.49 16.20
CA LEU A 117 -1.49 -4.88 16.21
C LEU A 117 -1.73 -3.42 16.42
N ASP A 118 -1.40 -3.05 17.62
CA ASP A 118 -1.57 -1.69 18.09
C ASP A 118 -3.05 -1.37 18.31
N CYS A 119 -3.88 -2.41 18.41
CA CYS A 119 -5.32 -2.19 18.63
C CYS A 119 -5.62 -1.78 20.07
N ALA A 120 -4.59 -1.54 20.86
CA ALA A 120 -4.77 -1.13 22.25
C ALA A 120 -5.00 0.38 22.33
N PRO A 121 -5.53 0.85 23.43
CA PRO A 121 -5.80 2.30 23.64
C PRO A 121 -4.55 3.07 24.07
N LYS A 1 28.58 0.87 19.62
CA LYS A 1 28.48 1.95 18.59
C LYS A 1 27.17 2.71 18.79
N THR A 2 27.27 4.01 18.99
CA THR A 2 26.09 4.84 19.19
C THR A 2 26.11 6.03 18.24
N CYS A 3 24.96 6.65 18.04
CA CYS A 3 24.85 7.79 17.13
C CYS A 3 25.02 9.11 17.91
N ALA A 4 25.20 10.20 17.17
CA ALA A 4 25.37 11.52 17.79
C ALA A 4 24.05 12.00 18.37
N GLU A 5 24.12 12.74 19.47
CA GLU A 5 22.91 13.24 20.13
C GLU A 5 21.82 13.72 19.14
N SER A 6 22.20 14.53 18.13
CA SER A 6 21.23 15.04 17.16
C SER A 6 20.91 14.04 16.04
N ASP A 7 21.17 12.76 16.29
CA ASP A 7 20.90 11.74 15.28
C ASP A 7 19.47 11.19 15.47
N PHE A 8 18.86 10.69 14.39
CA PHE A 8 17.47 10.18 14.48
C PHE A 8 17.41 8.79 15.13
N VAL A 9 16.37 8.53 15.93
CA VAL A 9 16.22 7.22 16.55
C VAL A 9 15.28 6.40 15.69
N CYS A 10 15.57 5.11 15.54
CA CYS A 10 14.70 4.24 14.72
C CYS A 10 13.92 3.31 15.65
N ASN A 11 12.91 2.60 15.13
CA ASN A 11 12.10 1.75 16.03
C ASN A 11 12.77 0.43 16.43
N ASN A 12 13.72 -0.02 15.64
CA ASN A 12 14.40 -1.27 15.96
C ASN A 12 15.54 -1.03 16.95
N GLY A 13 15.50 0.10 17.68
CA GLY A 13 16.58 0.41 18.62
C GLY A 13 17.79 0.93 17.86
N GLN A 14 17.75 0.82 16.51
CA GLN A 14 18.85 1.27 15.68
C GLN A 14 18.80 2.79 15.48
N CYS A 15 19.97 3.42 15.46
CA CYS A 15 20.06 4.88 15.31
C CYS A 15 20.92 5.28 14.12
N VAL A 16 20.40 6.18 13.27
CA VAL A 16 21.17 6.66 12.12
C VAL A 16 21.38 8.17 12.15
N PRO A 17 22.56 8.64 11.77
CA PRO A 17 22.86 10.09 11.71
C PRO A 17 21.71 10.86 11.03
N SER A 18 21.53 12.11 11.42
CA SER A 18 20.43 12.95 10.90
C SER A 18 20.31 12.95 9.37
N ARG A 19 21.31 12.45 8.68
CA ARG A 19 21.31 12.49 7.22
C ARG A 19 20.79 11.23 6.50
N TRP A 20 20.28 10.21 7.21
CA TRP A 20 19.79 9.01 6.50
C TRP A 20 18.27 9.00 6.28
N LYS A 21 17.68 10.18 6.36
CA LYS A 21 16.23 10.42 6.16
C LYS A 21 15.69 9.62 4.96
N CYS A 22 14.31 9.59 4.77
CA CYS A 22 13.71 8.97 3.61
C CYS A 22 14.56 9.44 2.48
N ASP A 23 15.44 8.59 2.04
CA ASP A 23 16.38 8.94 1.00
C ASP A 23 16.77 7.72 0.22
N GLY A 24 16.06 6.64 0.43
CA GLY A 24 16.37 5.41 -0.31
C GLY A 24 17.33 4.50 0.46
N ASP A 25 17.63 4.84 1.70
CA ASP A 25 18.57 4.03 2.47
C ASP A 25 17.86 3.19 3.58
N PRO A 26 17.71 1.89 3.40
CA PRO A 26 17.08 0.91 4.38
C PRO A 26 17.91 0.69 5.65
N ASP A 27 18.76 1.64 5.99
CA ASP A 27 19.67 1.51 7.15
C ASP A 27 18.95 1.03 8.41
N CYS A 28 17.63 1.14 8.46
CA CYS A 28 16.86 0.69 9.58
C CYS A 28 15.66 0.01 8.95
N GLU A 29 15.80 -1.28 8.65
CA GLU A 29 14.73 -2.00 7.99
C GLU A 29 13.63 -2.39 8.95
N ASP A 30 14.00 -2.77 10.16
CA ASP A 30 13.01 -3.17 11.13
C ASP A 30 12.29 -1.94 11.68
N GLY A 31 12.87 -0.72 11.52
CA GLY A 31 12.19 0.46 12.07
C GLY A 31 11.65 1.45 11.00
N SER A 32 11.92 1.26 9.72
CA SER A 32 11.38 2.18 8.72
C SER A 32 11.79 3.62 9.04
N ASP A 33 13.09 3.88 8.99
CA ASP A 33 13.63 5.24 9.22
C ASP A 33 13.09 6.22 8.16
N GLU A 34 12.43 5.67 7.15
CA GLU A 34 11.91 6.48 6.03
C GLU A 34 10.36 6.57 6.08
N SER A 35 9.77 5.98 7.12
CA SER A 35 8.32 5.98 7.30
C SER A 35 7.89 7.22 8.10
N PRO A 36 6.61 7.51 8.15
CA PRO A 36 6.07 8.68 8.91
C PRO A 36 6.78 8.90 10.24
N GLU A 37 7.26 7.83 10.85
CA GLU A 37 7.95 7.94 12.11
C GLU A 37 9.10 8.94 12.04
N GLN A 38 9.93 8.82 10.99
CA GLN A 38 11.07 9.71 10.83
C GLN A 38 10.86 10.69 9.67
N CYS A 39 10.38 10.17 8.55
CA CYS A 39 10.11 10.97 7.36
C CYS A 39 8.74 11.60 7.47
N HIS A 40 8.33 11.95 8.70
CA HIS A 40 7.00 12.54 8.94
C HIS A 40 6.75 13.74 8.03
N MET A 41 6.52 13.46 6.74
CA MET A 41 6.27 14.50 5.73
C MET A 41 6.43 13.89 4.33
N ARG A 42 7.32 12.92 4.19
CA ARG A 42 7.57 12.29 2.89
C ARG A 42 7.64 10.76 2.97
N THR A 43 7.61 10.12 1.81
CA THR A 43 7.65 8.66 1.69
C THR A 43 9.08 8.13 1.65
N CYS A 44 9.15 6.82 1.75
CA CYS A 44 10.40 6.08 1.71
C CYS A 44 10.72 5.69 0.24
N ARG A 45 11.99 5.34 -0.02
CA ARG A 45 12.39 5.00 -1.40
C ARG A 45 13.07 3.63 -1.48
N ILE A 46 12.63 2.77 -2.43
CA ILE A 46 13.20 1.39 -2.65
C ILE A 46 12.48 0.34 -1.81
N HIS A 47 12.76 0.31 -0.50
CA HIS A 47 12.12 -0.68 0.39
C HIS A 47 10.58 -0.60 0.37
N GLU A 48 10.05 0.39 -0.33
CA GLU A 48 8.62 0.59 -0.45
C GLU A 48 8.46 1.79 -1.40
N ILE A 49 7.32 1.93 -2.12
CA ILE A 49 7.26 2.98 -3.15
C ILE A 49 6.63 4.28 -2.64
N SER A 50 6.62 5.26 -3.52
CA SER A 50 6.07 6.57 -3.24
C SER A 50 4.62 6.65 -3.67
N CYS A 51 3.72 6.93 -2.73
CA CYS A 51 2.31 7.06 -3.06
C CYS A 51 1.94 8.54 -3.13
N GLY A 52 2.83 9.41 -2.64
CA GLY A 52 2.56 10.85 -2.67
C GLY A 52 3.66 11.66 -1.99
N ALA A 53 4.40 12.46 -2.76
CA ALA A 53 5.42 13.30 -2.19
C ALA A 53 4.73 14.45 -1.45
N HIS A 54 3.42 14.63 -1.69
CA HIS A 54 2.70 15.71 -1.00
C HIS A 54 2.26 15.26 0.41
N SER A 55 2.44 13.98 0.75
CA SER A 55 2.05 13.42 2.03
C SER A 55 3.10 12.40 2.45
N THR A 56 2.90 11.76 3.59
CA THR A 56 3.85 10.73 4.03
C THR A 56 3.24 9.37 3.81
N GLN A 57 3.47 8.75 2.67
CA GLN A 57 2.94 7.43 2.46
C GLN A 57 3.83 6.55 1.59
N CYS A 58 4.47 5.59 2.23
CA CYS A 58 5.28 4.61 1.53
C CYS A 58 4.64 3.23 1.69
N ILE A 59 4.40 2.52 0.58
CA ILE A 59 3.76 1.20 0.68
C ILE A 59 4.52 0.16 -0.14
N PRO A 60 4.18 -1.09 0.00
CA PRO A 60 4.84 -2.18 -0.77
C PRO A 60 4.63 -2.00 -2.28
N VAL A 61 5.74 -1.92 -3.02
CA VAL A 61 5.70 -1.74 -4.47
C VAL A 61 4.78 -2.78 -5.17
N SER A 62 4.42 -3.84 -4.45
CA SER A 62 3.57 -4.87 -5.03
C SER A 62 2.18 -4.36 -5.46
N TRP A 63 1.83 -3.11 -5.10
CA TRP A 63 0.51 -2.58 -5.46
C TRP A 63 0.49 -2.06 -6.90
N ARG A 64 1.52 -2.35 -7.65
CA ARG A 64 1.54 -1.88 -8.98
C ARG A 64 1.00 -3.00 -9.85
N CYS A 65 -0.33 -3.06 -9.96
CA CYS A 65 -0.94 -4.11 -10.81
C CYS A 65 -1.06 -3.61 -12.25
N ASP A 66 -0.72 -2.33 -12.47
CA ASP A 66 -0.77 -1.72 -13.78
C ASP A 66 0.59 -1.11 -14.12
N GLY A 67 1.62 -1.49 -13.35
CA GLY A 67 2.99 -0.93 -13.57
C GLY A 67 3.19 0.41 -12.82
N GLU A 68 2.21 0.74 -11.96
CA GLU A 68 2.29 1.96 -11.16
C GLU A 68 1.43 1.75 -9.91
N ASN A 69 1.70 2.40 -8.75
CA ASN A 69 0.76 2.24 -7.64
C ASN A 69 0.04 3.57 -7.51
N ASP A 70 -1.22 3.56 -7.13
CA ASP A 70 -1.98 4.82 -7.07
C ASP A 70 -2.68 5.04 -5.74
N CYS A 71 -2.24 4.30 -4.73
CA CYS A 71 -2.83 4.31 -3.40
C CYS A 71 -2.89 5.68 -2.69
N ASP A 72 -3.10 6.82 -3.38
CA ASP A 72 -3.19 8.10 -2.65
C ASP A 72 -4.03 7.85 -1.38
N SER A 73 -5.21 7.31 -1.59
CA SER A 73 -6.12 6.97 -0.50
C SER A 73 -6.31 5.45 -0.42
N GLY A 74 -5.27 4.69 -0.81
CA GLY A 74 -5.33 3.22 -0.77
C GLY A 74 -6.50 2.67 -1.56
N GLU A 75 -7.05 3.47 -2.45
CA GLU A 75 -8.22 3.06 -3.24
C GLU A 75 -7.92 2.25 -4.52
N ASP A 76 -6.76 2.42 -5.20
CA ASP A 76 -6.61 1.67 -6.47
C ASP A 76 -6.12 0.22 -6.34
N GLU A 77 -5.24 -0.10 -5.40
CA GLU A 77 -4.73 -1.48 -5.32
C GLU A 77 -4.70 -2.06 -3.92
N GLU A 78 -5.46 -1.54 -3.00
CA GLU A 78 -5.37 -2.06 -1.67
C GLU A 78 -5.56 -3.57 -1.65
N ASN A 79 -4.54 -4.28 -1.17
CA ASN A 79 -4.54 -5.73 -1.19
C ASN A 79 -4.81 -6.21 -2.61
N CYS A 80 -3.98 -5.74 -3.54
CA CYS A 80 -4.11 -6.16 -4.95
C CYS A 80 -3.29 -7.44 -5.25
N GLY A 81 -2.34 -7.78 -4.38
CA GLY A 81 -1.50 -8.95 -4.61
C GLY A 81 -2.34 -10.21 -4.80
N ASN A 82 -2.59 -10.90 -3.70
CA ASN A 82 -3.37 -12.12 -3.74
C ASN A 82 -4.74 -11.83 -4.35
N ILE A 83 -5.69 -11.57 -3.49
CA ILE A 83 -7.07 -11.25 -3.87
C ILE A 83 -7.35 -9.80 -3.55
N THR A 84 -8.26 -9.16 -4.28
CA THR A 84 -8.56 -7.75 -4.05
C THR A 84 -9.99 -7.53 -3.53
N CYS A 85 -10.06 -7.02 -2.30
CA CYS A 85 -11.32 -6.68 -1.68
C CYS A 85 -11.45 -5.17 -1.63
N SER A 86 -12.55 -4.66 -1.10
CA SER A 86 -12.72 -3.22 -1.03
C SER A 86 -12.04 -2.70 0.23
N PRO A 87 -11.51 -1.51 0.20
CA PRO A 87 -10.83 -0.91 1.39
C PRO A 87 -11.77 -0.81 2.60
N ASP A 88 -13.05 -1.11 2.40
CA ASP A 88 -14.02 -1.05 3.49
C ASP A 88 -13.96 -2.33 4.33
N GLU A 89 -13.33 -3.36 3.80
CA GLU A 89 -13.21 -4.64 4.49
C GLU A 89 -11.81 -4.79 5.11
N PHE A 90 -11.61 -5.84 5.93
CA PHE A 90 -10.30 -6.02 6.56
C PHE A 90 -9.34 -6.85 5.69
N THR A 91 -8.40 -6.16 5.06
CA THR A 91 -7.41 -6.81 4.20
C THR A 91 -6.52 -7.77 4.98
N CYS A 92 -6.52 -9.02 4.56
CA CYS A 92 -5.70 -10.05 5.21
C CYS A 92 -4.39 -10.24 4.42
N SER A 93 -3.29 -10.65 5.06
CA SER A 93 -2.04 -10.83 4.34
C SER A 93 -2.26 -11.68 3.08
N SER A 94 -3.27 -12.55 3.13
CA SER A 94 -3.58 -13.43 2.00
C SER A 94 -4.43 -12.72 0.95
N GLY A 95 -4.63 -11.43 1.12
CA GLY A 95 -5.43 -10.63 0.20
C GLY A 95 -6.92 -10.93 0.34
N ARG A 96 -7.29 -11.74 1.33
CA ARG A 96 -8.68 -12.08 1.54
C ARG A 96 -9.28 -11.18 2.61
N CYS A 97 -10.46 -10.67 2.35
CA CYS A 97 -11.08 -9.78 3.31
C CYS A 97 -12.19 -10.45 4.10
N ILE A 98 -12.45 -9.84 5.26
CA ILE A 98 -13.48 -10.31 6.16
C ILE A 98 -14.09 -9.15 6.89
N SER A 99 -15.10 -9.42 7.70
CA SER A 99 -15.73 -8.37 8.44
C SER A 99 -14.67 -7.80 9.34
N ARG A 100 -14.51 -6.49 9.31
CA ARG A 100 -13.49 -5.84 10.12
C ARG A 100 -13.67 -6.12 11.61
N ASN A 101 -14.79 -6.75 11.93
CA ASN A 101 -15.06 -7.13 13.31
C ASN A 101 -14.02 -8.16 13.73
N PHE A 102 -13.41 -8.80 12.74
CA PHE A 102 -12.42 -9.81 13.01
C PHE A 102 -11.05 -9.19 13.18
N VAL A 103 -10.92 -7.92 12.80
CA VAL A 103 -9.65 -7.22 12.95
C VAL A 103 -9.19 -7.42 14.38
N CYS A 104 -7.88 -7.66 14.56
CA CYS A 104 -7.33 -8.02 15.86
C CYS A 104 -8.18 -7.52 16.99
N ASN A 105 -8.95 -8.47 17.46
CA ASN A 105 -9.82 -8.30 18.58
C ASN A 105 -9.32 -9.24 19.66
N GLY A 106 -8.07 -9.72 19.45
CA GLY A 106 -7.44 -10.62 20.41
C GLY A 106 -7.63 -12.10 20.06
N GLN A 107 -8.47 -12.39 19.07
CA GLN A 107 -8.74 -13.77 18.70
C GLN A 107 -8.44 -14.04 17.19
N ASP A 108 -7.86 -15.21 16.86
CA ASP A 108 -7.56 -15.55 15.44
C ASP A 108 -8.81 -15.28 14.61
N ASP A 109 -8.69 -15.16 13.30
CA ASP A 109 -9.87 -14.90 12.51
C ASP A 109 -9.68 -15.15 11.01
N CYS A 110 -8.69 -14.51 10.39
CA CYS A 110 -8.58 -14.68 8.95
C CYS A 110 -7.83 -15.94 8.51
N SER A 111 -6.51 -16.00 8.73
CA SER A 111 -5.79 -17.21 8.33
C SER A 111 -5.45 -18.12 9.50
N ASP A 112 -4.65 -17.58 10.41
CA ASP A 112 -4.22 -18.33 11.60
C ASP A 112 -4.12 -17.50 12.90
N GLY A 113 -3.72 -16.23 12.77
CA GLY A 113 -3.51 -15.35 13.91
C GLY A 113 -2.68 -14.13 13.53
N SER A 114 -2.08 -14.14 12.33
CA SER A 114 -1.31 -12.99 11.85
C SER A 114 -2.20 -11.76 11.96
N ASP A 115 -3.51 -11.98 11.85
CA ASP A 115 -4.47 -10.85 11.96
C ASP A 115 -4.26 -10.10 13.30
N GLU A 116 -3.55 -10.75 14.22
CA GLU A 116 -3.23 -10.18 15.52
C GLU A 116 -1.76 -10.33 15.76
N LEU A 117 -1.01 -10.41 14.68
CA LEU A 117 0.41 -10.59 14.79
C LEU A 117 0.93 -9.53 15.72
N ASP A 118 1.36 -10.03 16.81
CA ASP A 118 1.92 -9.21 17.87
C ASP A 118 0.97 -8.08 18.22
N CYS A 119 -0.30 -8.43 18.29
CA CYS A 119 -1.34 -7.45 18.60
C CYS A 119 -1.75 -7.58 20.06
N ALA A 120 -0.76 -7.55 20.94
CA ALA A 120 -1.03 -7.66 22.37
C ALA A 120 -1.43 -6.30 22.94
N PRO A 121 -2.06 -6.29 24.09
CA PRO A 121 -2.51 -5.01 24.74
C PRO A 121 -1.36 -4.29 25.42
N LYS A 1 17.37 25.30 2.36
CA LYS A 1 16.11 26.05 2.04
C LYS A 1 15.02 25.06 1.61
N THR A 2 13.83 25.59 1.36
CA THR A 2 12.72 24.76 0.92
C THR A 2 12.00 25.39 -0.26
N CYS A 3 11.21 24.58 -0.96
CA CYS A 3 10.48 25.03 -2.13
C CYS A 3 9.70 26.33 -1.83
N ALA A 4 9.18 26.93 -2.90
CA ALA A 4 8.43 28.18 -2.79
C ALA A 4 7.21 28.07 -1.88
N GLU A 5 6.88 29.18 -1.24
CA GLU A 5 5.75 29.24 -0.31
C GLU A 5 4.48 28.49 -0.79
N SER A 6 4.28 28.25 -2.11
CA SER A 6 3.07 27.55 -2.58
C SER A 6 3.42 26.23 -3.28
N ASP A 7 4.57 25.65 -2.92
CA ASP A 7 5.00 24.39 -3.52
C ASP A 7 4.05 23.25 -3.14
N PHE A 8 4.22 22.07 -3.76
CA PHE A 8 3.38 20.89 -3.43
C PHE A 8 4.27 19.80 -2.82
N VAL A 9 4.13 19.54 -1.51
CA VAL A 9 4.95 18.52 -0.86
C VAL A 9 4.36 17.11 -1.01
N CYS A 10 5.21 16.17 -1.42
CA CYS A 10 4.76 14.78 -1.56
C CYS A 10 4.90 14.08 -0.20
N ASN A 11 4.08 13.04 0.01
CA ASN A 11 4.06 12.32 1.31
C ASN A 11 5.35 11.59 1.62
N ASN A 12 6.23 11.46 0.63
CA ASN A 12 7.49 10.76 0.85
C ASN A 12 8.52 11.75 1.43
N GLY A 13 8.06 12.86 2.00
CA GLY A 13 8.97 13.84 2.56
C GLY A 13 9.67 14.64 1.44
N GLN A 14 9.39 14.28 0.17
CA GLN A 14 10.02 14.98 -0.93
C GLN A 14 9.25 16.26 -1.28
N CYS A 15 9.94 17.23 -1.87
CA CYS A 15 9.32 18.52 -2.21
C CYS A 15 9.40 18.85 -3.71
N VAL A 16 8.31 19.41 -4.25
CA VAL A 16 8.28 19.79 -5.66
C VAL A 16 7.32 20.95 -5.94
N PRO A 17 7.82 22.11 -6.28
CA PRO A 17 6.97 23.27 -6.64
C PRO A 17 5.86 22.82 -7.63
N SER A 18 4.72 23.50 -7.58
CA SER A 18 3.51 23.19 -8.39
C SER A 18 3.79 22.79 -9.86
N ARG A 19 5.00 22.95 -10.33
CA ARG A 19 5.30 22.60 -11.72
C ARG A 19 5.42 21.07 -11.89
N TRP A 20 5.15 20.29 -10.83
CA TRP A 20 5.24 18.82 -10.95
C TRP A 20 3.88 18.13 -10.72
N LYS A 21 2.80 18.92 -10.74
CA LYS A 21 1.41 18.45 -10.56
C LYS A 21 1.14 17.14 -11.34
N CYS A 22 -0.06 16.49 -11.11
CA CYS A 22 -0.45 15.31 -11.87
C CYS A 22 -0.15 15.72 -13.29
N ASP A 23 0.96 15.25 -13.77
CA ASP A 23 1.43 15.60 -15.09
C ASP A 23 2.20 14.44 -15.69
N GLY A 24 2.17 13.31 -15.01
CA GLY A 24 2.90 12.15 -15.52
C GLY A 24 4.32 12.09 -14.95
N ASP A 25 4.64 12.98 -14.01
CA ASP A 25 5.99 12.98 -13.47
C ASP A 25 6.07 12.29 -12.08
N PRO A 26 6.85 11.22 -11.96
CA PRO A 26 7.06 10.42 -10.70
C PRO A 26 8.01 11.09 -9.72
N ASP A 27 8.18 12.39 -9.80
CA ASP A 27 9.15 13.11 -8.95
C ASP A 27 9.07 12.65 -7.50
N CYS A 28 7.91 12.17 -7.07
CA CYS A 28 7.77 11.61 -5.74
C CYS A 28 7.33 10.15 -5.95
N GLU A 29 8.29 9.23 -5.93
CA GLU A 29 8.00 7.82 -6.18
C GLU A 29 6.96 7.27 -5.23
N ASP A 30 7.15 7.52 -3.94
CA ASP A 30 6.21 7.06 -2.94
C ASP A 30 5.44 8.24 -2.37
N GLY A 31 5.68 9.43 -2.91
CA GLY A 31 5.00 10.63 -2.42
C GLY A 31 3.60 10.84 -3.03
N SER A 32 3.28 10.22 -4.19
CA SER A 32 1.96 10.40 -4.79
C SER A 32 1.62 11.90 -4.97
N ASP A 33 2.53 12.63 -5.62
CA ASP A 33 2.32 14.07 -5.89
C ASP A 33 1.21 14.28 -6.93
N GLU A 34 0.66 13.19 -7.44
CA GLU A 34 -0.37 13.28 -8.47
C GLU A 34 -1.70 12.71 -7.98
N SER A 35 -1.73 12.28 -6.72
CA SER A 35 -2.92 11.70 -6.09
C SER A 35 -3.79 12.79 -5.43
N PRO A 36 -5.00 12.44 -4.99
CA PRO A 36 -5.94 13.38 -4.32
C PRO A 36 -5.26 14.35 -3.35
N GLU A 37 -4.12 13.96 -2.82
CA GLU A 37 -3.40 14.81 -1.89
C GLU A 37 -2.94 16.11 -2.57
N GLN A 38 -2.34 15.98 -3.75
CA GLN A 38 -1.83 17.17 -4.47
C GLN A 38 -2.67 17.53 -5.68
N CYS A 39 -3.03 16.52 -6.47
CA CYS A 39 -3.83 16.73 -7.67
C CYS A 39 -5.30 16.70 -7.31
N HIS A 40 -5.66 17.16 -6.10
CA HIS A 40 -7.05 17.13 -5.65
C HIS A 40 -8.00 17.70 -6.73
N MET A 41 -8.23 16.92 -7.79
CA MET A 41 -9.08 17.31 -8.91
C MET A 41 -8.83 16.36 -10.10
N ARG A 42 -7.59 15.84 -10.23
CA ARG A 42 -7.27 14.94 -11.34
C ARG A 42 -6.37 13.76 -10.93
N THR A 43 -6.39 12.75 -11.78
CA THR A 43 -5.63 11.50 -11.59
C THR A 43 -4.14 11.62 -11.91
N CYS A 44 -3.40 10.66 -11.38
CA CYS A 44 -1.99 10.49 -11.59
C CYS A 44 -1.76 9.83 -12.96
N ARG A 45 -0.73 10.26 -13.68
CA ARG A 45 -0.46 9.69 -15.01
C ARG A 45 0.85 8.89 -14.99
N ILE A 46 0.82 7.67 -15.52
CA ILE A 46 2.04 6.82 -15.49
C ILE A 46 2.29 6.41 -14.05
N HIS A 47 2.40 5.09 -13.83
CA HIS A 47 2.58 4.53 -12.49
C HIS A 47 1.23 4.40 -11.79
N GLU A 48 0.24 5.18 -12.25
CA GLU A 48 -1.10 5.10 -11.68
C GLU A 48 -2.11 5.51 -12.78
N ILE A 49 -3.25 4.82 -12.85
CA ILE A 49 -4.19 5.04 -13.96
C ILE A 49 -5.29 6.03 -13.59
N SER A 50 -6.11 6.33 -14.58
CA SER A 50 -7.23 7.25 -14.44
C SER A 50 -8.53 6.49 -14.21
N CYS A 51 -9.20 6.77 -13.10
CA CYS A 51 -10.48 6.13 -12.81
C CYS A 51 -11.61 7.15 -13.02
N GLY A 52 -11.24 8.44 -13.15
CA GLY A 52 -12.24 9.48 -13.37
C GLY A 52 -11.62 10.88 -13.45
N ALA A 53 -11.69 11.51 -14.62
CA ALA A 53 -11.16 12.86 -14.76
C ALA A 53 -12.15 13.84 -14.14
N HIS A 54 -13.38 13.37 -13.86
CA HIS A 54 -14.37 14.25 -13.23
C HIS A 54 -14.12 14.38 -11.71
N SER A 55 -13.16 13.61 -11.19
CA SER A 55 -12.83 13.59 -9.77
C SER A 55 -11.35 13.27 -9.64
N THR A 56 -10.86 13.17 -8.42
CA THR A 56 -9.46 12.79 -8.24
C THR A 56 -9.42 11.31 -7.94
N GLN A 57 -9.11 10.49 -8.94
CA GLN A 57 -9.06 9.07 -8.68
C GLN A 57 -7.97 8.38 -9.49
N CYS A 58 -6.87 8.04 -8.84
CA CYS A 58 -5.80 7.33 -9.50
C CYS A 58 -5.32 6.14 -8.66
N ILE A 59 -5.11 5.00 -9.32
CA ILE A 59 -4.65 3.79 -8.62
C ILE A 59 -3.64 3.04 -9.46
N PRO A 60 -2.92 2.10 -8.90
CA PRO A 60 -1.93 1.30 -9.66
C PRO A 60 -2.60 0.36 -10.66
N VAL A 61 -2.27 0.54 -11.94
CA VAL A 61 -2.86 -0.27 -13.03
C VAL A 61 -3.00 -1.76 -12.66
N SER A 62 -2.19 -2.23 -11.72
CA SER A 62 -2.23 -3.63 -11.32
C SER A 62 -3.63 -4.12 -10.91
N TRP A 63 -4.61 -3.22 -10.76
CA TRP A 63 -5.95 -3.66 -10.36
C TRP A 63 -6.82 -3.93 -11.59
N ARG A 64 -6.17 -4.06 -12.73
CA ARG A 64 -6.90 -4.37 -13.91
C ARG A 64 -6.75 -5.87 -14.07
N CYS A 65 -7.65 -6.59 -13.40
CA CYS A 65 -7.61 -8.07 -13.46
C CYS A 65 -8.46 -8.58 -14.62
N ASP A 66 -9.12 -7.66 -15.33
CA ASP A 66 -9.94 -7.99 -16.46
C ASP A 66 -9.41 -7.22 -17.68
N GLY A 67 -8.22 -6.63 -17.55
CA GLY A 67 -7.62 -5.84 -18.65
C GLY A 67 -8.27 -4.45 -18.73
N GLU A 68 -8.83 -4.01 -17.60
CA GLU A 68 -9.48 -2.70 -17.54
C GLU A 68 -9.39 -2.16 -16.09
N ASN A 69 -9.35 -0.81 -15.87
CA ASN A 69 -9.43 -0.33 -14.48
C ASN A 69 -10.83 0.21 -14.35
N ASP A 70 -11.64 -0.34 -13.47
CA ASP A 70 -13.01 0.13 -13.35
C ASP A 70 -13.27 0.81 -12.03
N CYS A 71 -12.19 1.03 -11.30
CA CYS A 71 -12.21 1.59 -9.97
C CYS A 71 -12.80 3.00 -9.92
N ASP A 72 -13.90 3.34 -10.60
CA ASP A 72 -14.39 4.74 -10.54
C ASP A 72 -14.15 5.27 -9.14
N SER A 73 -14.63 4.57 -8.11
CA SER A 73 -14.40 4.99 -6.74
C SER A 73 -13.49 3.98 -6.00
N GLY A 74 -12.49 3.41 -6.71
CA GLY A 74 -11.55 2.45 -6.10
C GLY A 74 -12.22 1.13 -5.66
N GLU A 75 -13.47 0.94 -6.06
CA GLU A 75 -14.26 -0.25 -5.67
C GLU A 75 -14.13 -1.52 -6.57
N ASP A 76 -14.03 -1.38 -7.91
CA ASP A 76 -14.06 -2.58 -8.78
C ASP A 76 -13.00 -3.66 -8.50
N GLU A 77 -11.80 -3.28 -8.11
CA GLU A 77 -10.75 -4.29 -7.90
C GLU A 77 -9.92 -4.08 -6.65
N GLU A 78 -10.44 -3.37 -5.68
CA GLU A 78 -9.66 -3.13 -4.48
C GLU A 78 -9.20 -4.46 -3.90
N ASN A 79 -7.90 -4.55 -3.64
CA ASN A 79 -7.28 -5.78 -3.15
C ASN A 79 -7.56 -6.94 -4.10
N CYS A 80 -7.35 -6.70 -5.40
CA CYS A 80 -7.55 -7.77 -6.38
C CYS A 80 -6.34 -8.71 -6.44
N GLY A 81 -5.27 -8.40 -5.71
CA GLY A 81 -4.07 -9.23 -5.70
C GLY A 81 -4.42 -10.72 -5.65
N ASN A 82 -4.67 -11.23 -4.45
CA ASN A 82 -5.03 -12.63 -4.30
C ASN A 82 -6.53 -12.81 -4.43
N ILE A 83 -7.21 -12.49 -3.36
CA ILE A 83 -8.66 -12.58 -3.30
C ILE A 83 -9.25 -11.17 -3.25
N THR A 84 -10.44 -11.01 -3.79
CA THR A 84 -11.07 -9.70 -3.81
C THR A 84 -12.17 -9.57 -2.77
N CYS A 85 -11.92 -8.71 -1.81
CA CYS A 85 -12.88 -8.39 -0.77
C CYS A 85 -13.74 -7.25 -1.26
N SER A 86 -14.67 -6.80 -0.45
CA SER A 86 -15.48 -5.66 -0.84
C SER A 86 -14.84 -4.39 -0.29
N PRO A 87 -14.93 -3.29 -0.99
CA PRO A 87 -14.34 -1.98 -0.55
C PRO A 87 -14.67 -1.60 0.89
N ASP A 88 -15.61 -2.31 1.53
CA ASP A 88 -15.95 -2.00 2.92
C ASP A 88 -15.31 -3.01 3.86
N GLU A 89 -14.27 -3.69 3.39
CA GLU A 89 -13.59 -4.69 4.19
C GLU A 89 -12.07 -4.60 4.00
N PHE A 90 -11.32 -5.20 4.92
CA PHE A 90 -9.86 -5.17 4.82
C PHE A 90 -9.36 -6.47 4.18
N THR A 91 -8.15 -6.47 3.60
CA THR A 91 -7.64 -7.69 2.93
C THR A 91 -6.19 -8.01 3.32
N CYS A 92 -5.88 -9.31 3.39
CA CYS A 92 -4.54 -9.76 3.73
C CYS A 92 -3.70 -9.96 2.45
N SER A 93 -2.39 -10.25 2.57
CA SER A 93 -1.58 -10.46 1.38
C SER A 93 -1.68 -11.90 0.88
N SER A 94 -2.44 -12.74 1.57
CA SER A 94 -2.59 -14.14 1.16
C SER A 94 -3.92 -14.40 0.47
N GLY A 95 -4.79 -13.40 0.43
CA GLY A 95 -6.10 -13.59 -0.21
C GLY A 95 -7.22 -13.71 0.84
N ARG A 96 -6.94 -13.32 2.06
CA ARG A 96 -7.95 -13.45 3.10
C ARG A 96 -8.39 -12.08 3.58
N CYS A 97 -9.69 -11.81 3.45
CA CYS A 97 -10.23 -10.53 3.83
C CYS A 97 -11.32 -10.68 4.89
N ILE A 98 -11.31 -9.78 5.86
CA ILE A 98 -12.30 -9.80 6.94
C ILE A 98 -12.99 -8.45 7.04
N SER A 99 -14.10 -8.45 7.76
CA SER A 99 -14.86 -7.22 7.96
C SER A 99 -14.24 -6.45 9.11
N ARG A 100 -14.60 -5.18 9.27
CA ARG A 100 -14.05 -4.39 10.37
C ARG A 100 -14.48 -4.96 11.73
N ASN A 101 -15.39 -5.90 11.69
CA ASN A 101 -15.89 -6.53 12.91
C ASN A 101 -14.92 -7.58 13.44
N PHE A 102 -13.75 -7.71 12.80
CA PHE A 102 -12.77 -8.69 13.27
C PHE A 102 -11.80 -8.05 14.25
N VAL A 103 -12.24 -6.92 14.82
CA VAL A 103 -11.47 -6.15 15.78
C VAL A 103 -10.78 -7.13 16.72
N CYS A 104 -9.62 -6.75 17.30
CA CYS A 104 -8.91 -7.66 18.16
C CYS A 104 -9.83 -8.25 19.19
N ASN A 105 -10.27 -9.43 18.85
CA ASN A 105 -11.11 -10.23 19.70
C ASN A 105 -10.28 -11.39 20.18
N GLY A 106 -8.98 -11.34 19.87
CA GLY A 106 -8.07 -12.42 20.25
C GLY A 106 -7.70 -13.28 19.04
N GLN A 107 -8.30 -12.98 17.89
CA GLN A 107 -8.00 -13.71 16.66
C GLN A 107 -7.13 -12.84 15.74
N ASP A 108 -5.90 -13.28 15.39
CA ASP A 108 -5.04 -12.44 14.53
C ASP A 108 -5.82 -11.95 13.32
N ASP A 109 -5.41 -10.80 12.79
CA ASP A 109 -6.08 -10.20 11.66
C ASP A 109 -5.09 -9.28 10.93
N CYS A 110 -4.35 -9.97 10.11
CA CYS A 110 -3.32 -9.46 9.23
C CYS A 110 -3.91 -8.63 8.11
N SER A 111 -5.18 -8.90 7.79
CA SER A 111 -5.87 -8.19 6.69
C SER A 111 -5.46 -6.75 6.72
N ASP A 112 -5.64 -6.15 7.87
CA ASP A 112 -5.24 -4.78 8.06
C ASP A 112 -3.94 -4.72 8.88
N GLY A 113 -3.72 -5.73 9.75
CA GLY A 113 -2.53 -5.75 10.65
C GLY A 113 -2.83 -4.92 11.91
N SER A 114 -3.47 -3.81 11.62
CA SER A 114 -3.95 -2.88 12.61
C SER A 114 -5.13 -3.45 13.39
N ASP A 115 -5.58 -4.70 13.09
CA ASP A 115 -6.70 -5.20 13.86
C ASP A 115 -6.21 -5.74 15.20
N GLU A 116 -5.05 -6.42 15.19
CA GLU A 116 -4.53 -7.01 16.40
C GLU A 116 -3.10 -6.61 16.63
N LEU A 117 -2.48 -5.89 15.70
CA LEU A 117 -1.14 -5.46 15.97
C LEU A 117 -1.29 -4.16 16.71
N ASP A 118 -1.03 -4.30 17.97
CA ASP A 118 -1.15 -3.22 18.95
C ASP A 118 -2.62 -3.05 19.36
N CYS A 119 -3.53 -3.77 18.69
CA CYS A 119 -4.96 -3.69 19.02
C CYS A 119 -5.39 -2.24 19.19
N ALA A 120 -4.89 -1.37 18.32
CA ALA A 120 -5.23 0.04 18.38
C ALA A 120 -6.72 0.24 18.13
N PRO A 121 -7.23 1.41 18.43
CA PRO A 121 -8.68 1.72 18.24
C PRO A 121 -9.15 1.42 16.82
#